data_2MS6
# 
_entry.id   2MS6 
# 
_audit_conform.dict_name       mmcif_pdbx.dic 
_audit_conform.dict_version    5.391 
_audit_conform.dict_location   http://mmcif.pdb.org/dictionaries/ascii/mmcif_pdbx.dic 
# 
loop_
_database_2.database_id 
_database_2.database_code 
_database_2.pdbx_database_accession 
_database_2.pdbx_DOI 
PDB   2MS6         pdb_00002ms6 10.2210/pdb2ms6/pdb 
RCSB  RCSB103987   ?            ?                   
BMRB  25107        ?            10.13018/BMR25107   
WWPDB D_1000103987 ?            ?                   
# 
loop_
_pdbx_audit_revision_history.ordinal 
_pdbx_audit_revision_history.data_content_type 
_pdbx_audit_revision_history.major_revision 
_pdbx_audit_revision_history.minor_revision 
_pdbx_audit_revision_history.revision_date 
1 'Structure model' 1 0 2015-01-28 
2 'Structure model' 1 1 2015-12-16 
3 'Structure model' 1 2 2024-05-01 
# 
_pdbx_audit_revision_details.ordinal             1 
_pdbx_audit_revision_details.revision_ordinal    1 
_pdbx_audit_revision_details.data_content_type   'Structure model' 
_pdbx_audit_revision_details.provider            repository 
_pdbx_audit_revision_details.type                'Initial release' 
_pdbx_audit_revision_details.description         ? 
_pdbx_audit_revision_details.details             ? 
# 
loop_
_pdbx_audit_revision_group.ordinal 
_pdbx_audit_revision_group.revision_ordinal 
_pdbx_audit_revision_group.data_content_type 
_pdbx_audit_revision_group.group 
1 2 'Structure model' 'Database references'  
2 3 'Structure model' 'Data collection'      
3 3 'Structure model' 'Database references'  
4 3 'Structure model' 'Derived calculations' 
# 
loop_
_pdbx_audit_revision_category.ordinal 
_pdbx_audit_revision_category.revision_ordinal 
_pdbx_audit_revision_category.data_content_type 
_pdbx_audit_revision_category.category 
1 3 'Structure model' chem_comp_atom        
2 3 'Structure model' chem_comp_bond        
3 3 'Structure model' database_2            
4 3 'Structure model' pdbx_nmr_software     
5 3 'Structure model' pdbx_nmr_spectrometer 
6 3 'Structure model' struct_site           
# 
loop_
_pdbx_audit_revision_item.ordinal 
_pdbx_audit_revision_item.revision_ordinal 
_pdbx_audit_revision_item.data_content_type 
_pdbx_audit_revision_item.item 
1 3 'Structure model' '_database_2.pdbx_DOI'                
2 3 'Structure model' '_database_2.pdbx_database_accession' 
3 3 'Structure model' '_pdbx_nmr_software.name'             
4 3 'Structure model' '_pdbx_nmr_spectrometer.model'        
5 3 'Structure model' '_struct_site.pdbx_auth_asym_id'      
6 3 'Structure model' '_struct_site.pdbx_auth_comp_id'      
7 3 'Structure model' '_struct_site.pdbx_auth_seq_id'       
# 
_pdbx_database_status.deposit_site                    BMRB 
_pdbx_database_status.entry_id                        2MS6 
_pdbx_database_status.methods_development_category    ? 
_pdbx_database_status.process_site                    PDBJ 
_pdbx_database_status.recvd_initial_deposition_date   2014-07-24 
_pdbx_database_status.SG_entry                        ? 
_pdbx_database_status.status_code                     REL 
_pdbx_database_status.status_code_mr                  REL 
_pdbx_database_status.status_code_sf                  ? 
_pdbx_database_status.status_code_cs                  REL 
_pdbx_database_status.pdb_format_compatible           Y 
_pdbx_database_status.status_code_nmr_data            ? 
# 
loop_
_pdbx_database_related.db_id 
_pdbx_database_related.db_name 
_pdbx_database_related.content_type 
_pdbx_database_related.details 
25107 BMRB unspecified . 
2MS5  PDB  unspecified . 
# 
loop_
_audit_author.name 
_audit_author.pdbx_ordinal 
'Kumar, A.'  1 
'Tawani, A.' 2 
# 
_citation.id                        primary 
_citation.title                     'Structural Insight into the interaction of Flavonoids with Human Telomeric Sequence' 
_citation.journal_abbrev            'Sci Rep' 
_citation.journal_volume            5 
_citation.page_first                17574 
_citation.page_last                 17574 
_citation.year                      2015 
_citation.journal_id_ASTM           ? 
_citation.country                   UK 
_citation.journal_id_ISSN           2045-2322 
_citation.journal_id_CSD            ? 
_citation.book_publisher            ? 
_citation.pdbx_database_id_PubMed   26627543 
_citation.pdbx_database_id_DOI      10.1038/srep17574 
# 
loop_
_citation_author.citation_id 
_citation_author.name 
_citation_author.ordinal 
_citation_author.identifier_ORCID 
primary 'Tawani, A.' 1 ? 
primary 'Kumar, A.'  2 ? 
# 
loop_
_entity.id 
_entity.type 
_entity.src_method 
_entity.pdbx_description 
_entity.formula_weight 
_entity.pdbx_number_of_molecules 
_entity.pdbx_ec 
_entity.pdbx_mutation 
_entity.pdbx_fragment 
_entity.details 
1 polymer     syn "DNA_(5'-D(*TP*TP*AP*GP*GP*GP*T)-3')" 2168.445 4 ? ? ? ? 
2 non-polymer syn "3,5,7,3',4'-PENTAHYDROXYFLAVONE"     302.236  2 ? ? ? ? 
# 
_entity_poly.entity_id                      1 
_entity_poly.type                           polydeoxyribonucleotide 
_entity_poly.nstd_linkage                   no 
_entity_poly.nstd_monomer                   no 
_entity_poly.pdbx_seq_one_letter_code       '(DT)(DT)(DA)(DG)(DG)(DG)(DT)' 
_entity_poly.pdbx_seq_one_letter_code_can   TTAGGGT 
_entity_poly.pdbx_strand_id                 A,B,C,D 
_entity_poly.pdbx_target_identifier         ? 
# 
_pdbx_entity_nonpoly.entity_id   2 
_pdbx_entity_nonpoly.name        "3,5,7,3',4'-PENTAHYDROXYFLAVONE" 
_pdbx_entity_nonpoly.comp_id     QUE 
# 
loop_
_entity_poly_seq.entity_id 
_entity_poly_seq.num 
_entity_poly_seq.mon_id 
_entity_poly_seq.hetero 
1 1 DT n 
1 2 DT n 
1 3 DA n 
1 4 DG n 
1 5 DG n 
1 6 DG n 
1 7 DT n 
# 
_pdbx_entity_src_syn.entity_id              1 
_pdbx_entity_src_syn.pdbx_src_id            1 
_pdbx_entity_src_syn.pdbx_alt_source_flag   sample 
_pdbx_entity_src_syn.pdbx_beg_seq_num       ? 
_pdbx_entity_src_syn.pdbx_end_seq_num       ? 
_pdbx_entity_src_syn.organism_scientific    'synthetic construct' 
_pdbx_entity_src_syn.organism_common_name   ? 
_pdbx_entity_src_syn.ncbi_taxonomy_id       32630 
_pdbx_entity_src_syn.details                ? 
# 
loop_
_chem_comp.id 
_chem_comp.type 
_chem_comp.mon_nstd_flag 
_chem_comp.name 
_chem_comp.pdbx_synonyms 
_chem_comp.formula 
_chem_comp.formula_weight 
DA  'DNA linking' y "2'-DEOXYADENOSINE-5'-MONOPHOSPHATE" ?         'C10 H14 N5 O6 P' 331.222 
DG  'DNA linking' y "2'-DEOXYGUANOSINE-5'-MONOPHOSPHATE" ?         'C10 H14 N5 O7 P' 347.221 
DT  'DNA linking' y "THYMIDINE-5'-MONOPHOSPHATE"         ?         'C10 H15 N2 O8 P' 322.208 
QUE non-polymer   . "3,5,7,3',4'-PENTAHYDROXYFLAVONE"    QUERCETIN 'C15 H10 O7'      302.236 
# 
loop_
_pdbx_poly_seq_scheme.asym_id 
_pdbx_poly_seq_scheme.entity_id 
_pdbx_poly_seq_scheme.seq_id 
_pdbx_poly_seq_scheme.mon_id 
_pdbx_poly_seq_scheme.ndb_seq_num 
_pdbx_poly_seq_scheme.pdb_seq_num 
_pdbx_poly_seq_scheme.auth_seq_num 
_pdbx_poly_seq_scheme.pdb_mon_id 
_pdbx_poly_seq_scheme.auth_mon_id 
_pdbx_poly_seq_scheme.pdb_strand_id 
_pdbx_poly_seq_scheme.pdb_ins_code 
_pdbx_poly_seq_scheme.hetero 
A 1 1 DT 1 1  1  DT T A . n 
A 1 2 DT 2 2  2  DT T A . n 
A 1 3 DA 3 3  3  DA A A . n 
A 1 4 DG 4 4  4  DG G A . n 
A 1 5 DG 5 5  5  DG G A . n 
A 1 6 DG 6 6  6  DG G A . n 
A 1 7 DT 7 7  7  DT T A . n 
B 1 1 DT 1 8  8  DT T B . n 
B 1 2 DT 2 9  9  DT T B . n 
B 1 3 DA 3 10 10 DA A B . n 
B 1 4 DG 4 11 11 DG G B . n 
B 1 5 DG 5 12 12 DG G B . n 
B 1 6 DG 6 13 13 DG G B . n 
B 1 7 DT 7 14 14 DT T B . n 
C 1 1 DT 1 15 15 DT T C . n 
C 1 2 DT 2 16 16 DT T C . n 
C 1 3 DA 3 17 17 DA A C . n 
C 1 4 DG 4 18 18 DG G C . n 
C 1 5 DG 5 19 19 DG G C . n 
C 1 6 DG 6 20 20 DG G C . n 
C 1 7 DT 7 21 21 DT T C . n 
D 1 1 DT 1 22 22 DT T D . n 
D 1 2 DT 2 23 23 DT T D . n 
D 1 3 DA 3 24 24 DA A D . n 
D 1 4 DG 4 25 25 DG G D . n 
D 1 5 DG 5 26 26 DG G D . n 
D 1 6 DG 6 27 27 DG G D . n 
D 1 7 DT 7 28 28 DT T D . n 
# 
loop_
_pdbx_nonpoly_scheme.asym_id 
_pdbx_nonpoly_scheme.entity_id 
_pdbx_nonpoly_scheme.mon_id 
_pdbx_nonpoly_scheme.ndb_seq_num 
_pdbx_nonpoly_scheme.pdb_seq_num 
_pdbx_nonpoly_scheme.auth_seq_num 
_pdbx_nonpoly_scheme.pdb_mon_id 
_pdbx_nonpoly_scheme.auth_mon_id 
_pdbx_nonpoly_scheme.pdb_strand_id 
_pdbx_nonpoly_scheme.pdb_ins_code 
E 2 QUE 1 101 1 QUE UNK C . 
F 2 QUE 1 101 1 QUE UNK D . 
# 
_exptl.absorpt_coefficient_mu     ? 
_exptl.absorpt_correction_T_max   ? 
_exptl.absorpt_correction_T_min   ? 
_exptl.absorpt_correction_type    ? 
_exptl.absorpt_process_details    ? 
_exptl.crystals_number            ? 
_exptl.details                    ? 
_exptl.entry_id                   2MS6 
_exptl.method                     'SOLUTION NMR' 
_exptl.method_details             ? 
# 
_struct.entry_id                  2MS6 
_struct.title                     'Human Telomeric G-quadruplex DNA sequence (TTAGGGT)4 complexed with Flavonoid Quercetin' 
_struct.pdbx_model_details        'lowest energy, model1' 
_struct.pdbx_CASP_flag            ? 
_struct.pdbx_model_type_details   ? 
# 
_struct_keywords.entry_id        2MS6 
_struct_keywords.pdbx_keywords   DNA 
_struct_keywords.text            'DNA G-quadruplex, quercetin, telomeric sequence, DNA' 
# 
loop_
_struct_asym.id 
_struct_asym.pdbx_blank_PDB_chainid_flag 
_struct_asym.pdbx_modified 
_struct_asym.entity_id 
_struct_asym.details 
A N N 1 ? 
B N N 1 ? 
C N N 1 ? 
D N N 1 ? 
E N N 2 ? 
F N N 2 ? 
# 
_struct_ref.id                         1 
_struct_ref.db_name                    PDB 
_struct_ref.db_code                    2MS6 
_struct_ref.pdbx_db_accession          2MS6 
_struct_ref.entity_id                  1 
_struct_ref.pdbx_align_begin           ? 
_struct_ref.pdbx_seq_one_letter_code   ? 
_struct_ref.pdbx_db_isoform            ? 
# 
loop_
_struct_ref_seq.align_id 
_struct_ref_seq.ref_id 
_struct_ref_seq.pdbx_PDB_id_code 
_struct_ref_seq.pdbx_strand_id 
_struct_ref_seq.seq_align_beg 
_struct_ref_seq.pdbx_seq_align_beg_ins_code 
_struct_ref_seq.seq_align_end 
_struct_ref_seq.pdbx_seq_align_end_ins_code 
_struct_ref_seq.pdbx_db_accession 
_struct_ref_seq.db_align_beg 
_struct_ref_seq.pdbx_db_align_beg_ins_code 
_struct_ref_seq.db_align_end 
_struct_ref_seq.pdbx_db_align_end_ins_code 
_struct_ref_seq.pdbx_auth_seq_align_beg 
_struct_ref_seq.pdbx_auth_seq_align_end 
1 1 2MS6 A 1 ? 7 ? 2MS6 1  ? 7  ? 1  7  
2 1 2MS6 B 1 ? 7 ? 2MS6 8  ? 14 ? 8  14 
3 1 2MS6 C 1 ? 7 ? 2MS6 15 ? 21 ? 15 21 
4 1 2MS6 D 1 ? 7 ? 2MS6 22 ? 28 ? 22 28 
# 
_pdbx_struct_assembly.id                   1 
_pdbx_struct_assembly.details              author_defined_assembly 
_pdbx_struct_assembly.method_details       ? 
_pdbx_struct_assembly.oligomeric_details   tetrameric 
_pdbx_struct_assembly.oligomeric_count     4 
# 
_pdbx_struct_assembly_gen.assembly_id       1 
_pdbx_struct_assembly_gen.oper_expression   1 
_pdbx_struct_assembly_gen.asym_id_list      A,B,C,D,E,F 
# 
_pdbx_struct_oper_list.id                   1 
_pdbx_struct_oper_list.type                 'identity operation' 
_pdbx_struct_oper_list.name                 1_555 
_pdbx_struct_oper_list.symmetry_operation   x,y,z 
_pdbx_struct_oper_list.matrix[1][1]         1.0000000000 
_pdbx_struct_oper_list.matrix[1][2]         0.0000000000 
_pdbx_struct_oper_list.matrix[1][3]         0.0000000000 
_pdbx_struct_oper_list.vector[1]            0.0000000000 
_pdbx_struct_oper_list.matrix[2][1]         0.0000000000 
_pdbx_struct_oper_list.matrix[2][2]         1.0000000000 
_pdbx_struct_oper_list.matrix[2][3]         0.0000000000 
_pdbx_struct_oper_list.vector[2]            0.0000000000 
_pdbx_struct_oper_list.matrix[3][1]         0.0000000000 
_pdbx_struct_oper_list.matrix[3][2]         0.0000000000 
_pdbx_struct_oper_list.matrix[3][3]         1.0000000000 
_pdbx_struct_oper_list.vector[3]            0.0000000000 
# 
_struct_biol.id        1 
_struct_biol.details   ? 
# 
loop_
_struct_conn.id 
_struct_conn.conn_type_id 
_struct_conn.pdbx_leaving_atom_flag 
_struct_conn.pdbx_PDB_id 
_struct_conn.ptnr1_label_asym_id 
_struct_conn.ptnr1_label_comp_id 
_struct_conn.ptnr1_label_seq_id 
_struct_conn.ptnr1_label_atom_id 
_struct_conn.pdbx_ptnr1_label_alt_id 
_struct_conn.pdbx_ptnr1_PDB_ins_code 
_struct_conn.pdbx_ptnr1_standard_comp_id 
_struct_conn.ptnr1_symmetry 
_struct_conn.ptnr2_label_asym_id 
_struct_conn.ptnr2_label_comp_id 
_struct_conn.ptnr2_label_seq_id 
_struct_conn.ptnr2_label_atom_id 
_struct_conn.pdbx_ptnr2_label_alt_id 
_struct_conn.pdbx_ptnr2_PDB_ins_code 
_struct_conn.ptnr1_auth_asym_id 
_struct_conn.ptnr1_auth_comp_id 
_struct_conn.ptnr1_auth_seq_id 
_struct_conn.ptnr2_auth_asym_id 
_struct_conn.ptnr2_auth_comp_id 
_struct_conn.ptnr2_auth_seq_id 
_struct_conn.ptnr2_symmetry 
_struct_conn.pdbx_ptnr3_label_atom_id 
_struct_conn.pdbx_ptnr3_label_seq_id 
_struct_conn.pdbx_ptnr3_label_comp_id 
_struct_conn.pdbx_ptnr3_label_asym_id 
_struct_conn.pdbx_ptnr3_label_alt_id 
_struct_conn.pdbx_ptnr3_PDB_ins_code 
_struct_conn.details 
_struct_conn.pdbx_dist_value 
_struct_conn.pdbx_value_order 
_struct_conn.pdbx_role 
hydrog1  hydrog ? ? A DT 2 O4 ? ? ? 1_555 B DT 2 N3 ? ? A DT 2  B DT 9  1_555 ? ? ? ? ? ? 'DT-DT MISPAIR' ? ? ? 
hydrog2  hydrog ? ? A DT 2 N3 ? ? ? 1_555 B DA 3 N1 ? ? A DT 2  B DA 10 1_555 ? ? ? ? ? ? 'DT-DA PAIR'    ? ? ? 
hydrog3  hydrog ? ? A DA 3 N6 ? ? ? 1_555 B DA 3 N1 ? ? A DA 3  B DA 10 1_555 ? ? ? ? ? ? 'DA-DA MISPAIR' ? ? ? 
hydrog4  hydrog ? ? A DA 3 N7 ? ? ? 1_555 B DG 4 N2 ? ? A DA 3  B DG 11 1_555 ? ? ? ? ? ? 'DA-DG MISPAIR' ? ? ? 
hydrog5  hydrog ? ? A DA 3 N1 ? ? ? 1_555 D DT 2 N3 ? ? A DA 3  D DT 23 1_555 ? ? ? ? ? ? 'DA-DT PAIR'    ? ? ? 
hydrog6  hydrog ? ? A DA 3 N1 ? ? ? 1_555 D DA 3 N6 ? ? A DA 3  D DA 24 1_555 ? ? ? ? ? ? 'DA-DA MISPAIR' ? ? ? 
hydrog7  hydrog ? ? A DG 4 N7 ? ? ? 1_555 B DG 4 N2 ? ? A DG 4  B DG 11 1_555 ? ? ? ? ? ? TYPE_6_PAIR     ? ? ? 
hydrog8  hydrog ? ? A DG 4 O6 ? ? ? 1_555 B DG 4 N1 ? ? A DG 4  B DG 11 1_555 ? ? ? ? ? ? TYPE_6_PAIR     ? ? ? 
hydrog9  hydrog ? ? A DG 4 N2 ? ? ? 1_555 D DA 3 N7 ? ? A DG 4  D DA 24 1_555 ? ? ? ? ? ? 'DG-DA MISPAIR' ? ? ? 
hydrog10 hydrog ? ? A DG 4 N1 ? ? ? 1_555 D DG 4 O6 ? ? A DG 4  D DG 25 1_555 ? ? ? ? ? ? TYPE_6_PAIR     ? ? ? 
hydrog11 hydrog ? ? A DG 4 N2 ? ? ? 1_555 D DG 4 N7 ? ? A DG 4  D DG 25 1_555 ? ? ? ? ? ? TYPE_6_PAIR     ? ? ? 
hydrog12 hydrog ? ? A DG 5 N7 ? ? ? 1_555 B DG 5 N2 ? ? A DG 5  B DG 12 1_555 ? ? ? ? ? ? TYPE_6_PAIR     ? ? ? 
hydrog13 hydrog ? ? A DG 5 O6 ? ? ? 1_555 B DG 5 N1 ? ? A DG 5  B DG 12 1_555 ? ? ? ? ? ? TYPE_6_PAIR     ? ? ? 
hydrog14 hydrog ? ? A DG 5 N1 ? ? ? 1_555 D DG 5 O6 ? ? A DG 5  D DG 26 1_555 ? ? ? ? ? ? TYPE_6_PAIR     ? ? ? 
hydrog15 hydrog ? ? A DG 5 N2 ? ? ? 1_555 D DG 5 N7 ? ? A DG 5  D DG 26 1_555 ? ? ? ? ? ? TYPE_6_PAIR     ? ? ? 
hydrog16 hydrog ? ? A DG 6 N7 ? ? ? 1_555 B DG 6 N2 ? ? A DG 6  B DG 13 1_555 ? ? ? ? ? ? TYPE_6_PAIR     ? ? ? 
hydrog17 hydrog ? ? A DG 6 O6 ? ? ? 1_555 B DG 6 N1 ? ? A DG 6  B DG 13 1_555 ? ? ? ? ? ? TYPE_6_PAIR     ? ? ? 
hydrog18 hydrog ? ? A DG 6 N1 ? ? ? 1_555 D DG 6 O6 ? ? A DG 6  D DG 27 1_555 ? ? ? ? ? ? TYPE_6_PAIR     ? ? ? 
hydrog19 hydrog ? ? A DG 6 N2 ? ? ? 1_555 D DG 6 N7 ? ? A DG 6  D DG 27 1_555 ? ? ? ? ? ? TYPE_6_PAIR     ? ? ? 
hydrog20 hydrog ? ? B DT 2 O4 ? ? ? 1_555 C DT 2 N3 ? ? B DT 9  C DT 16 1_555 ? ? ? ? ? ? 'DT-DT MISPAIR' ? ? ? 
hydrog21 hydrog ? ? B DA 3 N6 ? ? ? 1_555 C DT 2 O4 ? ? B DA 10 C DT 16 1_555 ? ? ? ? ? ? 'DA-DT PAIR'    ? ? ? 
hydrog22 hydrog ? ? B DA 3 N6 ? ? ? 1_555 C DA 3 N1 ? ? B DA 10 C DA 17 1_555 ? ? ? ? ? ? 'DA-DA MISPAIR' ? ? ? 
hydrog23 hydrog ? ? B DG 4 N7 ? ? ? 1_555 C DG 4 N2 ? ? B DG 11 C DG 18 1_555 ? ? ? ? ? ? TYPE_6_PAIR     ? ? ? 
hydrog24 hydrog ? ? B DG 4 O6 ? ? ? 1_555 C DG 4 N1 ? ? B DG 11 C DG 18 1_555 ? ? ? ? ? ? TYPE_6_PAIR     ? ? ? 
hydrog25 hydrog ? ? B DG 5 N7 ? ? ? 1_555 C DG 5 N2 ? ? B DG 12 C DG 19 1_555 ? ? ? ? ? ? TYPE_6_PAIR     ? ? ? 
hydrog26 hydrog ? ? B DG 5 O6 ? ? ? 1_555 C DG 5 N1 ? ? B DG 12 C DG 19 1_555 ? ? ? ? ? ? TYPE_6_PAIR     ? ? ? 
hydrog27 hydrog ? ? B DG 6 N7 ? ? ? 1_555 C DG 6 N2 ? ? B DG 13 C DG 20 1_555 ? ? ? ? ? ? TYPE_6_PAIR     ? ? ? 
hydrog28 hydrog ? ? B DG 6 O6 ? ? ? 1_555 C DG 6 N1 ? ? B DG 13 C DG 20 1_555 ? ? ? ? ? ? TYPE_6_PAIR     ? ? ? 
hydrog29 hydrog ? ? C DA 3 N7 ? ? ? 1_555 D DG 4 N2 ? ? C DA 17 D DG 25 1_555 ? ? ? ? ? ? 'DA-DG MISPAIR' ? ? ? 
hydrog30 hydrog ? ? C DG 4 N7 ? ? ? 1_555 D DG 4 N2 ? ? C DG 18 D DG 25 1_555 ? ? ? ? ? ? TYPE_6_PAIR     ? ? ? 
hydrog31 hydrog ? ? C DG 4 O6 ? ? ? 1_555 D DG 4 N1 ? ? C DG 18 D DG 25 1_555 ? ? ? ? ? ? TYPE_6_PAIR     ? ? ? 
hydrog32 hydrog ? ? C DG 5 N7 ? ? ? 1_555 D DG 5 N2 ? ? C DG 19 D DG 26 1_555 ? ? ? ? ? ? TYPE_6_PAIR     ? ? ? 
hydrog33 hydrog ? ? C DG 5 O6 ? ? ? 1_555 D DG 5 N1 ? ? C DG 19 D DG 26 1_555 ? ? ? ? ? ? TYPE_6_PAIR     ? ? ? 
hydrog34 hydrog ? ? C DG 6 N7 ? ? ? 1_555 D DG 6 N2 ? ? C DG 20 D DG 27 1_555 ? ? ? ? ? ? TYPE_6_PAIR     ? ? ? 
hydrog35 hydrog ? ? C DG 6 O6 ? ? ? 1_555 D DG 6 N1 ? ? C DG 20 D DG 27 1_555 ? ? ? ? ? ? TYPE_6_PAIR     ? ? ? 
# 
_struct_conn_type.id          hydrog 
_struct_conn_type.criteria    ? 
_struct_conn_type.reference   ? 
# 
loop_
_struct_site.id 
_struct_site.pdbx_evidence_code 
_struct_site.pdbx_auth_asym_id 
_struct_site.pdbx_auth_comp_id 
_struct_site.pdbx_auth_seq_id 
_struct_site.pdbx_auth_ins_code 
_struct_site.pdbx_num_residues 
_struct_site.details 
AC1 Software C QUE 101 ? 6 'BINDING SITE FOR RESIDUE QUE C 101' 
AC2 Software D QUE 101 ? 8 'BINDING SITE FOR RESIDUE QUE D 101' 
1   ?        ? ?   ?   ? ? ?                                    
2   ?        ? ?   ?   ? ? ?                                    
# 
loop_
_struct_site_gen.id 
_struct_site_gen.site_id 
_struct_site_gen.pdbx_num_res 
_struct_site_gen.label_comp_id 
_struct_site_gen.label_asym_id 
_struct_site_gen.label_seq_id 
_struct_site_gen.pdbx_auth_ins_code 
_struct_site_gen.auth_comp_id 
_struct_site_gen.auth_asym_id 
_struct_site_gen.auth_seq_id 
_struct_site_gen.label_atom_id 
_struct_site_gen.label_alt_id 
_struct_site_gen.symmetry 
_struct_site_gen.details 
1  AC1 6 DT A 2 ? DT A 2  . ? 1_555 ? 
2  AC1 6 DT B 2 ? DT B 9  . ? 1_555 ? 
3  AC1 6 DT C 1 ? DT C 15 . ? 1_555 ? 
4  AC1 6 DT C 2 ? DT C 16 . ? 1_555 ? 
5  AC1 6 DT D 1 ? DT D 22 . ? 1_555 ? 
6  AC1 6 DT D 2 ? DT D 23 . ? 1_555 ? 
7  AC2 8 DG A 6 ? DG A 6  . ? 1_555 ? 
8  AC2 8 DT A 7 ? DT A 7  . ? 1_555 ? 
9  AC2 8 DG B 6 ? DG B 13 . ? 1_555 ? 
10 AC2 8 DT B 7 ? DT B 14 . ? 1_555 ? 
11 AC2 8 DG C 6 ? DG C 20 . ? 1_555 ? 
12 AC2 8 DT C 7 ? DT C 21 . ? 1_555 ? 
13 AC2 8 DG D 6 ? DG D 27 . ? 1_555 ? 
14 AC2 8 DT D 7 ? DT D 28 . ? 1_555 ? 
# 
loop_
_pdbx_validate_rmsd_bond.id 
_pdbx_validate_rmsd_bond.PDB_model_num 
_pdbx_validate_rmsd_bond.auth_atom_id_1 
_pdbx_validate_rmsd_bond.auth_asym_id_1 
_pdbx_validate_rmsd_bond.auth_comp_id_1 
_pdbx_validate_rmsd_bond.auth_seq_id_1 
_pdbx_validate_rmsd_bond.PDB_ins_code_1 
_pdbx_validate_rmsd_bond.label_alt_id_1 
_pdbx_validate_rmsd_bond.auth_atom_id_2 
_pdbx_validate_rmsd_bond.auth_asym_id_2 
_pdbx_validate_rmsd_bond.auth_comp_id_2 
_pdbx_validate_rmsd_bond.auth_seq_id_2 
_pdbx_validate_rmsd_bond.PDB_ins_code_2 
_pdbx_validate_rmsd_bond.label_alt_id_2 
_pdbx_validate_rmsd_bond.bond_value 
_pdbx_validate_rmsd_bond.bond_target_value 
_pdbx_validate_rmsd_bond.bond_deviation 
_pdbx_validate_rmsd_bond.bond_standard_deviation 
_pdbx_validate_rmsd_bond.linker_flag 
1   1 "C5'" A DT 1  ? ? "C4'" A DT 1  ? ? 1.561 1.512 0.049  0.007 N 
2   1 "O3'" A DT 1  ? ? "C3'" A DT 1  ? ? 1.364 1.419 -0.055 0.006 N 
3   1 C5    A DT 1  ? ? C6    A DT 1  ? ? 1.386 1.339 0.047  0.007 N 
4   1 C6    A DT 1  ? ? N1    A DT 1  ? ? 1.314 1.378 -0.064 0.007 N 
5   1 "O3'" A DT 2  ? ? "C3'" A DT 2  ? ? 1.374 1.419 -0.045 0.006 N 
6   1 C2    A DT 2  ? ? N3    A DT 2  ? ? 1.320 1.373 -0.053 0.008 N 
7   1 C5    A DT 2  ? ? C6    A DT 2  ? ? 1.394 1.339 0.055  0.007 N 
8   1 C6    A DT 2  ? ? N1    A DT 2  ? ? 1.324 1.378 -0.054 0.007 N 
9   1 "C3'" A DA 3  ? ? "C2'" A DA 3  ? ? 1.467 1.516 -0.049 0.008 N 
10  1 C5    A DA 3  ? ? N7    A DA 3  ? ? 1.438 1.388 0.050  0.006 N 
11  1 N7    A DA 3  ? ? C8    A DA 3  ? ? 1.397 1.311 0.086  0.007 N 
12  1 C8    A DA 3  ? ? N9    A DA 3  ? ? 1.324 1.373 -0.049 0.008 N 
13  1 C6    A DA 3  ? ? N6    A DA 3  ? ? 1.396 1.335 0.061  0.008 N 
14  1 "O3'" A DA 3  ? ? P     A DG 4  ? ? 1.532 1.607 -0.075 0.012 Y 
15  1 P     A DG 4  ? ? OP1   A DG 4  ? ? 1.596 1.485 0.111  0.017 N 
16  1 P     A DG 4  ? ? "O5'" A DG 4  ? ? 1.533 1.593 -0.060 0.010 N 
17  1 N1    A DG 4  ? ? C2    A DG 4  ? ? 1.321 1.373 -0.052 0.008 N 
18  1 C5    A DG 4  ? ? C6    A DG 4  ? ? 1.479 1.419 0.060  0.010 N 
19  1 N7    A DG 4  ? ? C8    A DG 4  ? ? 1.423 1.305 0.118  0.006 N 
20  1 C8    A DG 4  ? ? N9    A DG 4  ? ? 1.314 1.374 -0.060 0.007 N 
21  1 "O3'" A DG 4  ? ? P     A DG 5  ? ? 1.478 1.607 -0.129 0.012 Y 
22  1 P     A DG 5  ? ? "O5'" A DG 5  ? ? 1.529 1.593 -0.064 0.010 N 
23  1 "C4'" A DG 5  ? ? "C3'" A DG 5  ? ? 1.608 1.529 0.079  0.010 N 
24  1 C8    A DG 5  ? ? N9    A DG 5  ? ? 1.320 1.374 -0.054 0.007 N 
25  1 "O3'" A DG 5  ? ? P     A DG 6  ? ? 1.483 1.607 -0.124 0.012 Y 
26  1 P     A DG 6  ? ? "O5'" A DG 6  ? ? 1.525 1.593 -0.068 0.010 N 
27  1 N1    A DG 6  ? ? C2    A DG 6  ? ? 1.272 1.373 -0.101 0.008 N 
28  1 N7    A DG 6  ? ? C8    A DG 6  ? ? 1.378 1.305 0.073  0.006 N 
29  1 "C3'" B DT 8  ? ? "C2'" B DT 8  ? ? 1.606 1.518 0.088  0.012 N 
30  1 C4    B DT 8  ? ? C5    B DT 8  ? ? 1.499 1.445 0.054  0.009 N 
31  1 C5    B DT 8  ? ? C6    B DT 8  ? ? 1.384 1.339 0.045  0.007 N 
32  1 "O4'" B DT 9  ? ? "C4'" B DT 9  ? ? 1.381 1.446 -0.065 0.010 N 
33  1 "O3'" B DT 9  ? ? "C3'" B DT 9  ? ? 1.380 1.419 -0.039 0.006 N 
34  1 C6    B DT 9  ? ? N1    B DT 9  ? ? 1.328 1.378 -0.050 0.007 N 
35  1 C5    B DA 10 ? ? C6    B DA 10 ? ? 1.347 1.406 -0.059 0.009 N 
36  1 C8    B DA 10 ? ? N9    B DA 10 ? ? 1.320 1.373 -0.053 0.008 N 
37  1 "C4'" B DG 11 ? ? "C3'" B DG 11 ? ? 1.598 1.529 0.069  0.010 N 
38  1 N1    B DG 11 ? ? C2    B DG 11 ? ? 1.289 1.373 -0.084 0.008 N 
39  1 C2    B DG 11 ? ? N3    B DG 11 ? ? 1.374 1.323 0.051  0.008 N 
40  1 N3    B DG 11 ? ? C4    B DG 11 ? ? 1.308 1.350 -0.042 0.007 N 
41  1 C6    B DG 11 ? ? N1    B DG 11 ? ? 1.448 1.391 0.057  0.007 N 
42  1 N7    B DG 11 ? ? C8    B DG 11 ? ? 1.364 1.305 0.059  0.006 N 
43  1 P     B DG 12 ? ? "O5'" B DG 12 ? ? 1.506 1.593 -0.087 0.010 N 
44  1 C6    B DG 12 ? ? N1    B DG 12 ? ? 1.445 1.391 0.054  0.007 N 
45  1 N7    B DG 12 ? ? C8    B DG 12 ? ? 1.371 1.305 0.066  0.006 N 
46  1 C8    B DG 12 ? ? N9    B DG 12 ? ? 1.323 1.374 -0.051 0.007 N 
47  1 C2    B DG 12 ? ? N2    B DG 12 ? ? 1.411 1.341 0.070  0.010 N 
48  1 "O3'" B DG 12 ? ? P     B DG 13 ? ? 1.502 1.607 -0.105 0.012 Y 
49  1 N1    B DG 13 ? ? C2    B DG 13 ? ? 1.319 1.373 -0.054 0.008 N 
50  1 C4    B DG 13 ? ? C5    B DG 13 ? ? 1.432 1.379 0.053  0.007 N 
51  1 N7    B DG 13 ? ? C8    B DG 13 ? ? 1.345 1.305 0.040  0.006 N 
52  1 "O3'" B DG 13 ? ? P     B DT 14 ? ? 1.528 1.607 -0.079 0.012 Y 
53  1 "C5'" B DT 14 ? ? "C4'" B DT 14 ? ? 1.560 1.512 0.048  0.007 N 
54  1 N3    B DT 14 ? ? C4    B DT 14 ? ? 1.327 1.382 -0.055 0.008 N 
55  1 C5    B DT 14 ? ? C6    B DT 14 ? ? 1.385 1.339 0.046  0.007 N 
56  1 C6    B DT 14 ? ? N1    B DT 14 ? ? 1.314 1.378 -0.064 0.007 N 
57  1 C5    C DT 15 ? ? C6    C DT 15 ? ? 1.386 1.339 0.047  0.007 N 
58  1 "O3'" C DT 15 ? ? P     C DT 16 ? ? 1.527 1.607 -0.080 0.012 Y 
59  1 P     C DT 16 ? ? "O5'" C DT 16 ? ? 1.519 1.593 -0.074 0.010 N 
60  1 "C3'" C DT 16 ? ? "C2'" C DT 16 ? ? 1.595 1.518 0.077  0.012 N 
61  1 "O3'" C DT 16 ? ? "C3'" C DT 16 ? ? 1.378 1.419 -0.041 0.006 N 
62  1 N1    C DT 16 ? ? C2    C DT 16 ? ? 1.436 1.376 0.060  0.008 N 
63  1 C5    C DT 16 ? ? C6    C DT 16 ? ? 1.420 1.339 0.081  0.007 N 
64  1 C4    C DT 16 ? ? O4    C DT 16 ? ? 1.170 1.228 -0.058 0.009 N 
65  1 N7    C DA 17 ? ? C8    C DA 17 ? ? 1.357 1.311 0.046  0.007 N 
66  1 N9    C DA 17 ? ? C4    C DA 17 ? ? 1.421 1.374 0.047  0.006 N 
67  1 P     C DG 18 ? ? "O5'" C DG 18 ? ? 1.518 1.593 -0.075 0.010 N 
68  1 C4    C DG 18 ? ? C5    C DG 18 ? ? 1.430 1.379 0.051  0.007 N 
69  1 N7    C DG 18 ? ? C8    C DG 18 ? ? 1.367 1.305 0.062  0.006 N 
70  1 C2    C DG 18 ? ? N2    C DG 18 ? ? 1.412 1.341 0.071  0.010 N 
71  1 "O3'" C DG 18 ? ? P     C DG 19 ? ? 1.532 1.607 -0.075 0.012 Y 
72  1 N7    C DG 19 ? ? C8    C DG 19 ? ? 1.371 1.305 0.066  0.006 N 
73  1 "C5'" C DG 20 ? ? "C4'" C DG 20 ? ? 1.580 1.512 0.068  0.007 N 
74  1 N1    C DG 20 ? ? C2    C DG 20 ? ? 1.281 1.373 -0.092 0.008 N 
75  1 C4    C DG 20 ? ? C5    C DG 20 ? ? 1.441 1.379 0.062  0.007 N 
76  1 N7    C DG 20 ? ? C8    C DG 20 ? ? 1.373 1.305 0.068  0.006 N 
77  1 N9    C DG 20 ? ? C4    C DG 20 ? ? 1.433 1.375 0.058  0.008 N 
78  1 "C5'" C DT 21 ? ? "C4'" C DT 21 ? ? 1.647 1.512 0.135  0.007 N 
79  1 "C2'" C DT 21 ? ? "C1'" C DT 21 ? ? 1.581 1.519 0.062  0.010 N 
80  1 C4    C DT 21 ? ? C5    C DT 21 ? ? 1.500 1.445 0.055  0.009 N 
81  1 C5    C DT 21 ? ? C6    C DT 21 ? ? 1.396 1.339 0.057  0.007 N 
82  1 "C5'" D DT 22 ? ? "C4'" D DT 22 ? ? 1.609 1.512 0.097  0.007 N 
83  1 "O3'" D DT 22 ? ? "C3'" D DT 22 ? ? 1.371 1.419 -0.048 0.006 N 
84  1 N3    D DT 22 ? ? C4    D DT 22 ? ? 1.313 1.382 -0.069 0.008 N 
85  1 C5    D DT 22 ? ? C6    D DT 22 ? ? 1.406 1.339 0.067  0.007 N 
86  1 C6    D DT 22 ? ? N1    D DT 22 ? ? 1.256 1.378 -0.122 0.007 N 
87  1 C2    D DT 23 ? ? N3    D DT 23 ? ? 1.314 1.373 -0.059 0.008 N 
88  1 C5    D DT 23 ? ? C6    D DT 23 ? ? 1.402 1.339 0.063  0.007 N 
89  1 C2    D DT 23 ? ? O2    D DT 23 ? ? 1.283 1.220 0.063  0.008 N 
90  1 C5    D DT 23 ? ? C7    D DT 23 ? ? 1.451 1.496 -0.045 0.006 N 
91  1 C4    D DA 24 ? ? C5    D DA 24 ? ? 1.435 1.383 0.052  0.007 N 
92  1 C5    D DA 24 ? ? C6    D DA 24 ? ? 1.346 1.406 -0.060 0.009 N 
93  1 N7    D DA 24 ? ? C8    D DA 24 ? ? 1.355 1.311 0.044  0.007 N 
94  1 P     D DG 25 ? ? OP2   D DG 25 ? ? 1.640 1.485 0.155  0.017 N 
95  1 N3    D DG 25 ? ? C4    D DG 25 ? ? 1.395 1.350 0.045  0.007 N 
96  1 N7    D DG 25 ? ? C8    D DG 25 ? ? 1.352 1.305 0.047  0.006 N 
97  1 "C3'" D DG 26 ? ? "C2'" D DG 26 ? ? 1.451 1.516 -0.065 0.008 N 
98  1 N3    D DG 26 ? ? C4    D DG 26 ? ? 1.303 1.350 -0.047 0.007 N 
99  1 C5    D DG 26 ? ? N7    D DG 26 ? ? 1.310 1.388 -0.078 0.006 N 
100 1 N7    D DG 26 ? ? C8    D DG 26 ? ? 1.348 1.305 0.043  0.006 N 
101 1 "C3'" D DG 27 ? ? "C2'" D DG 27 ? ? 1.455 1.516 -0.061 0.008 N 
102 1 "O4'" D DG 27 ? ? "C4'" D DG 27 ? ? 1.362 1.446 -0.084 0.010 N 
103 1 N7    D DG 27 ? ? C8    D DG 27 ? ? 1.381 1.305 0.076  0.006 N 
104 1 C8    D DG 27 ? ? N9    D DG 27 ? ? 1.318 1.374 -0.056 0.007 N 
105 1 "O3'" D DG 27 ? ? P     D DT 28 ? ? 1.496 1.607 -0.111 0.012 Y 
106 1 C2    D DT 28 ? ? N3    D DT 28 ? ? 1.301 1.373 -0.072 0.008 N 
# 
loop_
_pdbx_validate_rmsd_angle.id 
_pdbx_validate_rmsd_angle.PDB_model_num 
_pdbx_validate_rmsd_angle.auth_atom_id_1 
_pdbx_validate_rmsd_angle.auth_asym_id_1 
_pdbx_validate_rmsd_angle.auth_comp_id_1 
_pdbx_validate_rmsd_angle.auth_seq_id_1 
_pdbx_validate_rmsd_angle.PDB_ins_code_1 
_pdbx_validate_rmsd_angle.label_alt_id_1 
_pdbx_validate_rmsd_angle.auth_atom_id_2 
_pdbx_validate_rmsd_angle.auth_asym_id_2 
_pdbx_validate_rmsd_angle.auth_comp_id_2 
_pdbx_validate_rmsd_angle.auth_seq_id_2 
_pdbx_validate_rmsd_angle.PDB_ins_code_2 
_pdbx_validate_rmsd_angle.label_alt_id_2 
_pdbx_validate_rmsd_angle.auth_atom_id_3 
_pdbx_validate_rmsd_angle.auth_asym_id_3 
_pdbx_validate_rmsd_angle.auth_comp_id_3 
_pdbx_validate_rmsd_angle.auth_seq_id_3 
_pdbx_validate_rmsd_angle.PDB_ins_code_3 
_pdbx_validate_rmsd_angle.label_alt_id_3 
_pdbx_validate_rmsd_angle.angle_value 
_pdbx_validate_rmsd_angle.angle_target_value 
_pdbx_validate_rmsd_angle.angle_deviation 
_pdbx_validate_rmsd_angle.angle_standard_deviation 
_pdbx_validate_rmsd_angle.linker_flag 
1   1 "O4'" A DT 1  ? ? "C4'" A DT 1  ? ? "C3'" A DT 1  ? ? 101.68 104.50 -2.82  0.40 N 
2   1 "O4'" A DT 1  ? ? "C1'" A DT 1  ? ? "C2'" A DT 1  ? ? 99.81  105.90 -6.09  0.80 N 
3   1 "O4'" A DT 2  ? ? "C1'" A DT 2  ? ? N1    A DT 2  ? ? 101.22 108.00 -6.78  0.70 N 
4   1 N1    A DT 2  ? ? C2    A DT 2  ? ? N3    A DT 2  ? ? 119.30 114.60 4.70   0.60 N 
5   1 C2    A DT 2  ? ? N3    A DT 2  ? ? C4    A DT 2  ? ? 123.59 127.20 -3.61  0.60 N 
6   1 C5    A DT 2  ? ? C6    A DT 2  ? ? N1    A DT 2  ? ? 119.96 123.70 -3.74  0.60 N 
7   1 OP1   A DA 3  ? ? P     A DA 3  ? ? OP2   A DA 3  ? ? 107.65 119.60 -11.95 1.50 N 
8   1 "O4'" A DA 3  ? ? "C1'" A DA 3  ? ? N9    A DA 3  ? ? 114.19 108.30 5.89   0.30 N 
9   1 N1    A DA 3  ? ? C2    A DA 3  ? ? N3    A DA 3  ? ? 122.89 129.30 -6.41  0.50 N 
10  1 C2    A DA 3  ? ? N3    A DA 3  ? ? C4    A DA 3  ? ? 119.27 110.60 8.67   0.50 N 
11  1 N3    A DA 3  ? ? C4    A DA 3  ? ? C5    A DA 3  ? ? 119.89 126.80 -6.91  0.70 N 
12  1 C5    A DA 3  ? ? C6    A DA 3  ? ? N1    A DA 3  ? ? 121.89 117.70 4.19   0.50 N 
13  1 C4    A DA 3  ? ? C5    A DA 3  ? ? N7    A DA 3  ? ? 107.54 110.70 -3.16  0.50 N 
14  1 N9    A DA 3  ? ? C4    A DA 3  ? ? C5    A DA 3  ? ? 109.05 105.80 3.25   0.40 N 
15  1 C5    A DA 3  ? ? C6    A DA 3  ? ? N6    A DA 3  ? ? 118.23 123.70 -5.47  0.80 N 
16  1 OP1   A DG 4  ? ? P     A DG 4  ? ? OP2   A DG 4  ? ? 106.56 119.60 -13.04 1.50 N 
17  1 "O4'" A DG 4  ? ? "C4'" A DG 4  ? ? "C3'" A DG 4  ? ? 99.69  104.50 -4.81  0.40 N 
18  1 "C3'" A DG 4  ? ? "C2'" A DG 4  ? ? "C1'" A DG 4  ? ? 93.50  102.40 -8.90  0.80 N 
19  1 "O4'" A DG 4  ? ? "C1'" A DG 4  ? ? "C2'" A DG 4  ? ? 100.85 105.90 -5.05  0.80 N 
20  1 "O4'" A DG 4  ? ? "C1'" A DG 4  ? ? N9    A DG 4  ? ? 99.04  108.00 -8.96  0.70 N 
21  1 N1    A DG 4  ? ? C2    A DG 4  ? ? N3    A DG 4  ? ? 127.56 123.90 3.66   0.60 N 
22  1 N7    A DG 4  ? ? C8    A DG 4  ? ? N9    A DG 4  ? ? 108.73 113.10 -4.37  0.50 N 
23  1 C8    A DG 4  ? ? N9    A DG 4  ? ? C4    A DG 4  ? ? 111.25 106.40 4.85   0.40 N 
24  1 N3    A DG 4  ? ? C4    A DG 4  ? ? N9    A DG 4  ? ? 129.91 126.00 3.91   0.60 N 
25  1 N3    A DG 4  ? ? C2    A DG 4  ? ? N2    A DG 4  ? ? 110.08 119.90 -9.82  0.70 N 
26  1 "C3'" A DG 5  ? ? "C2'" A DG 5  ? ? "C1'" A DG 5  ? ? 97.53  102.40 -4.87  0.80 N 
27  1 "O4'" A DG 5  ? ? "C1'" A DG 5  ? ? N9    A DG 5  ? ? 116.07 108.30 7.77   0.30 N 
28  1 C2    A DG 5  ? ? N3    A DG 5  ? ? C4    A DG 5  ? ? 117.17 111.90 5.27   0.50 N 
29  1 N3    A DG 5  ? ? C4    A DG 5  ? ? C5    A DG 5  ? ? 124.06 128.60 -4.54  0.50 N 
30  1 N7    A DG 5  ? ? C8    A DG 5  ? ? N9    A DG 5  ? ? 117.45 113.10 4.35   0.50 N 
31  1 N3    A DG 5  ? ? C4    A DG 5  ? ? N9    A DG 5  ? ? 130.14 126.00 4.14   0.60 N 
32  1 N1    A DG 5  ? ? C2    A DG 5  ? ? N2    A DG 5  ? ? 122.88 116.20 6.68   0.90 N 
33  1 N3    A DG 5  ? ? C2    A DG 5  ? ? N2    A DG 5  ? ? 115.35 119.90 -4.55  0.70 N 
34  1 OP1   A DG 6  ? ? P     A DG 6  ? ? OP2   A DG 6  ? ? 107.14 119.60 -12.46 1.50 N 
35  1 C2    A DG 6  ? ? N3    A DG 6  ? ? C4    A DG 6  ? ? 115.72 111.90 3.82   0.50 N 
36  1 N3    A DG 6  ? ? C4    A DG 6  ? ? C5    A DG 6  ? ? 123.83 128.60 -4.77  0.50 N 
37  1 C4    A DG 6  ? ? C5    A DG 6  ? ? N7    A DG 6  ? ? 105.88 110.80 -4.92  0.40 N 
38  1 N9    A DG 6  ? ? C4    A DG 6  ? ? C5    A DG 6  ? ? 110.94 105.40 5.54   0.40 N 
39  1 C6    A DG 6  ? ? C5    A DG 6  ? ? N7    A DG 6  ? ? 136.93 130.40 6.53   0.60 N 
40  1 N3    A DG 6  ? ? C2    A DG 6  ? ? N2    A DG 6  ? ? 111.87 119.90 -8.03  0.70 N 
41  1 OP1   A DT 7  ? ? P     A DT 7  ? ? OP2   A DT 7  ? ? 106.98 119.60 -12.62 1.50 N 
42  1 "O4'" A DT 7  ? ? "C1'" A DT 7  ? ? "C2'" A DT 7  ? ? 112.24 106.80 5.44   0.50 N 
43  1 "O4'" A DT 7  ? ? "C1'" A DT 7  ? ? N1    A DT 7  ? ? 112.38 108.30 4.08   0.30 N 
44  1 N1    A DT 7  ? ? C2    A DT 7  ? ? N3    A DT 7  ? ? 119.72 114.60 5.12   0.60 N 
45  1 C5    A DT 7  ? ? C6    A DT 7  ? ? N1    A DT 7  ? ? 119.61 123.70 -4.09  0.60 N 
46  1 "O4'" B DT 8  ? ? "C4'" B DT 8  ? ? "C3'" B DT 8  ? ? 110.41 106.00 4.41   0.60 N 
47  1 "C4'" B DT 8  ? ? "C3'" B DT 8  ? ? "C2'" B DT 8  ? ? 96.64  102.20 -5.56  0.70 N 
48  1 "O4'" B DT 8  ? ? "C1'" B DT 8  ? ? N1    B DT 8  ? ? 114.57 108.30 6.27   0.30 N 
49  1 C4    B DT 8  ? ? C5    B DT 8  ? ? C6    B DT 8  ? ? 112.53 118.00 -5.47  0.60 N 
50  1 C4    B DT 8  ? ? C5    B DT 8  ? ? C7    B DT 8  ? ? 129.50 119.00 10.50  0.60 N 
51  1 C6    B DT 8  ? ? C5    B DT 8  ? ? C7    B DT 8  ? ? 117.71 122.90 -5.19  0.60 N 
52  1 "O3'" B DT 8  ? ? P     B DT 9  ? ? "O5'" B DT 9  ? ? 121.12 104.00 17.12  1.90 Y 
53  1 OP1   B DT 9  ? ? P     B DT 9  ? ? OP2   B DT 9  ? ? 109.10 119.60 -10.50 1.50 N 
54  1 C6    B DT 9  ? ? N1    B DT 9  ? ? C2    B DT 9  ? ? 117.72 121.30 -3.58  0.50 N 
55  1 N1    B DT 9  ? ? C2    B DT 9  ? ? N3    B DT 9  ? ? 121.24 114.60 6.64   0.60 N 
56  1 C2    B DT 9  ? ? N3    B DT 9  ? ? C4    B DT 9  ? ? 121.47 127.20 -5.73  0.60 N 
57  1 N1    B DT 9  ? ? C2    B DT 9  ? ? O2    B DT 9  ? ? 115.78 123.10 -7.32  0.80 N 
58  1 C4    B DT 9  ? ? C5    B DT 9  ? ? C7    B DT 9  ? ? 123.11 119.00 4.11   0.60 N 
59  1 OP1   B DA 10 ? ? P     B DA 10 ? ? OP2   B DA 10 ? ? 107.91 119.60 -11.69 1.50 N 
60  1 "O4'" B DA 10 ? ? "C4'" B DA 10 ? ? "C3'" B DA 10 ? ? 110.58 106.00 4.58   0.60 N 
61  1 "O4'" B DA 10 ? ? "C1'" B DA 10 ? ? N9    B DA 10 ? ? 111.12 108.30 2.82   0.30 N 
62  1 N1    B DA 10 ? ? C2    B DA 10 ? ? N3    B DA 10 ? ? 121.14 129.30 -8.16  0.50 N 
63  1 C2    B DA 10 ? ? N3    B DA 10 ? ? C4    B DA 10 ? ? 119.39 110.60 8.79   0.50 N 
64  1 OP1   B DG 11 ? ? P     B DG 11 ? ? OP2   B DG 11 ? ? 109.68 119.60 -9.92  1.50 N 
65  1 C2    B DG 11 ? ? N3    B DG 11 ? ? C4    B DG 11 ? ? 119.51 111.90 7.61   0.50 N 
66  1 N3    B DG 11 ? ? C4    B DG 11 ? ? C5    B DG 11 ? ? 121.75 128.60 -6.85  0.50 N 
67  1 C4    B DG 11 ? ? C5    B DG 11 ? ? N7    B DG 11 ? ? 107.39 110.80 -3.41  0.40 N 
68  1 N9    B DG 11 ? ? C4    B DG 11 ? ? C5    B DG 11 ? ? 108.86 105.40 3.46   0.40 N 
69  1 "C1'" B DG 12 ? ? "O4'" B DG 12 ? ? "C4'" B DG 12 ? ? 103.85 110.10 -6.25  1.00 N 
70  1 "C3'" B DG 12 ? ? "C2'" B DG 12 ? ? "C1'" B DG 12 ? ? 97.26  102.40 -5.14  0.80 N 
71  1 C2    B DG 12 ? ? N3    B DG 12 ? ? C4    B DG 12 ? ? 117.35 111.90 5.45   0.50 N 
72  1 N3    B DG 12 ? ? C4    B DG 12 ? ? C5    B DG 12 ? ? 123.23 128.60 -5.37  0.50 N 
73  1 N3    B DG 12 ? ? C4    B DG 12 ? ? N9    B DG 12 ? ? 129.91 126.00 3.91   0.60 N 
74  1 N1    B DG 12 ? ? C2    B DG 12 ? ? N2    B DG 12 ? ? 124.33 116.20 8.13   0.90 N 
75  1 N3    B DG 12 ? ? C2    B DG 12 ? ? N2    B DG 12 ? ? 110.82 119.90 -9.08  0.70 N 
76  1 "O3'" B DG 12 ? ? P     B DG 13 ? ? "O5'" B DG 13 ? ? 115.67 104.00 11.67  1.90 Y 
77  1 OP1   B DG 13 ? ? P     B DG 13 ? ? OP2   B DG 13 ? ? 105.87 119.60 -13.73 1.50 N 
78  1 "O4'" B DG 13 ? ? "C1'" B DG 13 ? ? "C2'" B DG 13 ? ? 97.24  105.90 -8.66  0.80 N 
79  1 "O4'" B DG 13 ? ? "C1'" B DG 13 ? ? N9    B DG 13 ? ? 112.37 108.30 4.07   0.30 N 
80  1 C2    B DG 13 ? ? N3    B DG 13 ? ? C4    B DG 13 ? ? 117.50 111.90 5.60   0.50 N 
81  1 N3    B DG 13 ? ? C4    B DG 13 ? ? C5    B DG 13 ? ? 122.74 128.60 -5.86  0.50 N 
82  1 C5    B DG 13 ? ? C6    B DG 13 ? ? N1    B DG 13 ? ? 114.97 111.50 3.47   0.50 N 
83  1 C4    B DG 13 ? ? C5    B DG 13 ? ? N7    B DG 13 ? ? 107.85 110.80 -2.95  0.40 N 
84  1 C5    B DG 13 ? ? N7    B DG 13 ? ? C8    B DG 13 ? ? 107.44 104.30 3.14   0.50 N 
85  1 N3    B DG 13 ? ? C4    B DG 13 ? ? N9    B DG 13 ? ? 131.13 126.00 5.13   0.60 N 
86  1 C6    B DG 13 ? ? C5    B DG 13 ? ? N7    B DG 13 ? ? 134.94 130.40 4.54   0.60 N 
87  1 N1    B DG 13 ? ? C2    B DG 13 ? ? N2    B DG 13 ? ? 122.73 116.20 6.53   0.90 N 
88  1 N3    B DG 13 ? ? C2    B DG 13 ? ? N2    B DG 13 ? ? 113.48 119.90 -6.42  0.70 N 
89  1 OP1   B DT 14 ? ? P     B DT 14 ? ? OP2   B DT 14 ? ? 107.68 119.60 -11.92 1.50 N 
90  1 "O4'" B DT 14 ? ? "C1'" B DT 14 ? ? N1    B DT 14 ? ? 116.78 108.30 8.48   0.30 N 
91  1 N1    B DT 14 ? ? C2    B DT 14 ? ? N3    B DT 14 ? ? 119.52 114.60 4.92   0.60 N 
92  1 N3    B DT 14 ? ? C2    B DT 14 ? ? O2    B DT 14 ? ? 116.51 122.30 -5.79  0.60 N 
93  1 N3    B DT 14 ? ? C4    B DT 14 ? ? O4    B DT 14 ? ? 125.66 119.90 5.76   0.60 N 
94  1 C5    B DT 14 ? ? C4    B DT 14 ? ? O4    B DT 14 ? ? 116.29 124.90 -8.61  0.70 N 
95  1 "O4'" C DT 15 ? ? "C1'" C DT 15 ? ? "C2'" C DT 15 ? ? 101.01 105.90 -4.89  0.80 N 
96  1 "O4'" C DT 15 ? ? "C1'" C DT 15 ? ? N1    C DT 15 ? ? 114.80 108.30 6.50   0.30 N 
97  1 N1    C DT 15 ? ? C2    C DT 15 ? ? N3    C DT 15 ? ? 119.37 114.60 4.77   0.60 N 
98  1 C2    C DT 15 ? ? N3    C DT 15 ? ? C4    C DT 15 ? ? 122.33 127.20 -4.87  0.60 N 
99  1 C5    C DT 15 ? ? C6    C DT 15 ? ? N1    C DT 15 ? ? 120.01 123.70 -3.69  0.60 N 
100 1 N1    C DT 15 ? ? C2    C DT 15 ? ? O2    C DT 15 ? ? 115.86 123.10 -7.24  0.80 N 
101 1 C6    C DT 15 ? ? C5    C DT 15 ? ? C7    C DT 15 ? ? 118.36 122.90 -4.54  0.60 N 
102 1 "C3'" C DT 16 ? ? "C2'" C DT 16 ? ? "C1'" C DT 16 ? ? 95.30  102.40 -7.10  0.80 N 
103 1 N1    C DT 16 ? ? C2    C DT 16 ? ? O2    C DT 16 ? ? 117.42 123.10 -5.68  0.80 N 
104 1 OP1   C DA 17 ? ? P     C DA 17 ? ? OP2   C DA 17 ? ? 108.32 119.60 -11.28 1.50 N 
105 1 "O4'" C DA 17 ? ? "C1'" C DA 17 ? ? N9    C DA 17 ? ? 112.91 108.30 4.61   0.30 N 
106 1 N1    C DA 17 ? ? C2    C DA 17 ? ? N3    C DA 17 ? ? 125.93 129.30 -3.37  0.50 N 
107 1 C2    C DA 17 ? ? N3    C DA 17 ? ? C4    C DA 17 ? ? 114.73 110.60 4.13   0.50 N 
108 1 N3    C DA 17 ? ? C4    C DA 17 ? ? C5    C DA 17 ? ? 121.79 126.80 -5.01  0.70 N 
109 1 C8    C DA 17 ? ? N9    C DA 17 ? ? C4    C DA 17 ? ? 102.98 105.80 -2.82  0.40 N 
110 1 N9    C DA 17 ? ? C4    C DA 17 ? ? C5    C DA 17 ? ? 109.13 105.80 3.33   0.40 N 
111 1 N1    C DA 17 ? ? C6    C DA 17 ? ? N6    C DA 17 ? ? 113.90 118.60 -4.70  0.60 N 
112 1 "O4'" C DG 18 ? ? "C4'" C DG 18 ? ? "C3'" C DG 18 ? ? 101.42 104.50 -3.08  0.40 N 
113 1 "O4'" C DG 18 ? ? "C1'" C DG 18 ? ? "C2'" C DG 18 ? ? 97.70  105.90 -8.20  0.80 N 
114 1 "O4'" C DG 18 ? ? "C1'" C DG 18 ? ? N9    C DG 18 ? ? 110.29 108.30 1.99   0.30 N 
115 1 C2    C DG 18 ? ? N3    C DG 18 ? ? C4    C DG 18 ? ? 115.84 111.90 3.94   0.50 N 
116 1 N3    C DG 18 ? ? C4    C DG 18 ? ? C5    C DG 18 ? ? 122.73 128.60 -5.87  0.50 N 
117 1 N3    C DG 18 ? ? C4    C DG 18 ? ? N9    C DG 18 ? ? 131.47 126.00 5.47   0.60 N 
118 1 N3    C DG 18 ? ? C2    C DG 18 ? ? N2    C DG 18 ? ? 124.53 119.90 4.63   0.70 N 
119 1 "O5'" C DG 19 ? ? "C5'" C DG 19 ? ? "C4'" C DG 19 ? ? 100.94 109.40 -8.46  0.80 N 
120 1 "C4'" C DG 19 ? ? "C3'" C DG 19 ? ? "C2'" C DG 19 ? ? 108.88 103.10 5.78   0.90 N 
121 1 "O4'" C DG 19 ? ? "C1'" C DG 19 ? ? N9    C DG 19 ? ? 111.33 108.30 3.03   0.30 N 
122 1 C2    C DG 19 ? ? N3    C DG 19 ? ? C4    C DG 19 ? ? 117.02 111.90 5.12   0.50 N 
123 1 C5    C DG 19 ? ? C6    C DG 19 ? ? N1    C DG 19 ? ? 115.32 111.50 3.82   0.50 N 
124 1 C5    C DG 19 ? ? C6    C DG 19 ? ? O6    C DG 19 ? ? 123.35 128.60 -5.25  0.60 N 
125 1 "O3'" C DG 19 ? ? P     C DG 20 ? ? "O5'" C DG 20 ? ? 117.00 104.00 13.00  1.90 Y 
126 1 OP1   C DG 20 ? ? P     C DG 20 ? ? OP2   C DG 20 ? ? 108.15 119.60 -11.45 1.50 N 
127 1 "O5'" C DG 20 ? ? P     C DG 20 ? ? OP2   C DG 20 ? ? 99.47  105.70 -6.23  0.90 N 
128 1 C2    C DG 20 ? ? N3    C DG 20 ? ? C4    C DG 20 ? ? 117.06 111.90 5.16   0.50 N 
129 1 N3    C DG 20 ? ? C4    C DG 20 ? ? C5    C DG 20 ? ? 120.97 128.60 -7.63  0.50 N 
130 1 C5    C DG 20 ? ? C6    C DG 20 ? ? N1    C DG 20 ? ? 115.81 111.50 4.31   0.50 N 
131 1 C4    C DG 20 ? ? C5    C DG 20 ? ? N7    C DG 20 ? ? 106.23 110.80 -4.57  0.40 N 
132 1 C5    C DG 20 ? ? N7    C DG 20 ? ? C8    C DG 20 ? ? 108.75 104.30 4.45   0.50 N 
133 1 N3    C DG 20 ? ? C4    C DG 20 ? ? N9    C DG 20 ? ? 131.63 126.00 5.63   0.60 N 
134 1 C6    C DG 20 ? ? C5    C DG 20 ? ? N7    C DG 20 ? ? 136.08 130.40 5.68   0.60 N 
135 1 "O3'" C DG 20 ? ? P     C DT 21 ? ? "O5'" C DT 21 ? ? 116.58 104.00 12.58  1.90 Y 
136 1 OP1   C DT 21 ? ? P     C DT 21 ? ? OP2   C DT 21 ? ? 107.44 119.60 -12.16 1.50 N 
137 1 "C1'" C DT 21 ? ? "O4'" C DT 21 ? ? "C4'" C DT 21 ? ? 115.60 110.30 5.30   0.70 N 
138 1 "O4'" C DT 21 ? ? "C1'" C DT 21 ? ? N1    C DT 21 ? ? 100.35 108.00 -7.65  0.70 N 
139 1 N1    C DT 21 ? ? C2    C DT 21 ? ? N3    C DT 21 ? ? 121.27 114.60 6.67   0.60 N 
140 1 C2    C DT 21 ? ? N3    C DT 21 ? ? C4    C DT 21 ? ? 122.88 127.20 -4.32  0.60 N 
141 1 N1    C DT 21 ? ? C2    C DT 21 ? ? O2    C DT 21 ? ? 116.44 123.10 -6.66  0.80 N 
142 1 "C4'" D DT 22 ? ? "C3'" D DT 22 ? ? "C2'" D DT 22 ? ? 110.77 103.10 7.67   0.90 N 
143 1 N3    D DT 22 ? ? C4    D DT 22 ? ? O4    D DT 22 ? ? 124.47 119.90 4.57   0.60 N 
144 1 C5    D DT 22 ? ? C4    D DT 22 ? ? O4    D DT 22 ? ? 119.60 124.90 -5.30  0.70 N 
145 1 OP1   D DT 23 ? ? P     D DT 23 ? ? OP2   D DT 23 ? ? 110.18 119.60 -9.42  1.50 N 
146 1 "O4'" D DT 23 ? ? "C4'" D DT 23 ? ? "C3'" D DT 23 ? ? 99.46  104.50 -5.04  0.40 N 
147 1 "C5'" D DT 23 ? ? "C4'" D DT 23 ? ? "C3'" D DT 23 ? ? 122.97 115.70 7.27   1.20 N 
148 1 C5    D DT 23 ? ? C6    D DT 23 ? ? N1    D DT 23 ? ? 118.94 123.70 -4.76  0.60 N 
149 1 N1    D DT 23 ? ? C2    D DT 23 ? ? O2    D DT 23 ? ? 117.44 123.10 -5.66  0.80 N 
150 1 N3    D DT 23 ? ? C4    D DT 23 ? ? O4    D DT 23 ? ? 123.67 119.90 3.77   0.60 N 
151 1 "C1'" D DA 24 ? ? "O4'" D DA 24 ? ? "C4'" D DA 24 ? ? 116.94 110.30 6.64   0.70 N 
152 1 "C3'" D DA 24 ? ? "C2'" D DA 24 ? ? "C1'" D DA 24 ? ? 109.84 102.50 7.34   1.20 N 
153 1 "O4'" D DA 24 ? ? "C1'" D DA 24 ? ? "C2'" D DA 24 ? ? 99.59  105.90 -6.31  0.80 N 
154 1 "O4'" D DA 24 ? ? "C1'" D DA 24 ? ? N9    D DA 24 ? ? 113.70 108.30 5.40   0.30 N 
155 1 N1    D DA 24 ? ? C2    D DA 24 ? ? N3    D DA 24 ? ? 122.92 129.30 -6.38  0.50 N 
156 1 C2    D DA 24 ? ? N3    D DA 24 ? ? C4    D DA 24 ? ? 119.76 110.60 9.16   0.50 N 
157 1 N3    D DA 24 ? ? C4    D DA 24 ? ? C5    D DA 24 ? ? 119.54 126.80 -7.26  0.70 N 
158 1 C5    D DA 24 ? ? C6    D DA 24 ? ? N1    D DA 24 ? ? 126.17 117.70 8.47   0.50 N 
159 1 C4    D DA 24 ? ? C5    D DA 24 ? ? N7    D DA 24 ? ? 107.03 110.70 -3.67  0.50 N 
160 1 N3    D DA 24 ? ? C4    D DA 24 ? ? N9    D DA 24 ? ? 132.43 127.40 5.03   0.80 N 
161 1 C6    D DA 24 ? ? C5    D DA 24 ? ? N7    D DA 24 ? ? 137.32 132.30 5.02   0.70 N 
162 1 N1    D DA 24 ? ? C6    D DA 24 ? ? N6    D DA 24 ? ? 110.78 118.60 -7.82  0.60 N 
163 1 OP1   D DG 25 ? ? P     D DG 25 ? ? OP2   D DG 25 ? ? 109.46 119.60 -10.14 1.50 N 
164 1 "O4'" D DG 25 ? ? "C1'" D DG 25 ? ? N9    D DG 25 ? ? 115.91 108.30 7.61   0.30 N 
165 1 "O4'" D DG 26 ? ? "C4'" D DG 26 ? ? "C3'" D DG 26 ? ? 99.50  104.50 -5.00  0.40 N 
166 1 "C1'" D DG 26 ? ? "O4'" D DG 26 ? ? "C4'" D DG 26 ? ? 115.67 110.30 5.37   0.70 N 
167 1 "O4'" D DG 26 ? ? "C1'" D DG 26 ? ? "C2'" D DG 26 ? ? 97.66  105.90 -8.24  0.80 N 
168 1 "O4'" D DG 26 ? ? "C1'" D DG 26 ? ? N9    D DG 26 ? ? 113.20 108.30 4.90   0.30 N 
169 1 C2    D DG 26 ? ? N3    D DG 26 ? ? C4    D DG 26 ? ? 117.20 111.90 5.30   0.50 N 
170 1 N3    D DG 26 ? ? C4    D DG 26 ? ? C5    D DG 26 ? ? 124.97 128.60 -3.63  0.50 N 
171 1 C4    D DG 26 ? ? C5    D DG 26 ? ? N7    D DG 26 ? ? 107.96 110.80 -2.84  0.40 N 
172 1 C5    D DG 26 ? ? N7    D DG 26 ? ? C8    D DG 26 ? ? 108.61 104.30 4.31   0.50 N 
173 1 C2    D DG 27 ? ? N3    D DG 27 ? ? C4    D DG 27 ? ? 115.62 111.90 3.72   0.50 N 
174 1 N3    D DG 27 ? ? C4    D DG 27 ? ? C5    D DG 27 ? ? 123.58 128.60 -5.02  0.50 N 
175 1 C4    D DG 27 ? ? C5    D DG 27 ? ? N7    D DG 27 ? ? 105.35 110.80 -5.45  0.40 N 
176 1 N9    D DG 27 ? ? C4    D DG 27 ? ? C5    D DG 27 ? ? 109.67 105.40 4.27   0.40 N 
177 1 C6    D DG 27 ? ? C5    D DG 27 ? ? N7    D DG 27 ? ? 134.02 130.40 3.62   0.60 N 
178 1 N3    D DG 27 ? ? C2    D DG 27 ? ? N2    D DG 27 ? ? 114.46 119.90 -5.44  0.70 N 
179 1 "O3'" D DG 27 ? ? P     D DT 28 ? ? "O5'" D DT 28 ? ? 120.72 104.00 16.72  1.90 Y 
180 1 "O4'" D DT 28 ? ? "C4'" D DT 28 ? ? "C3'" D DT 28 ? ? 102.08 104.50 -2.42  0.40 N 
181 1 "O4'" D DT 28 ? ? "C1'" D DT 28 ? ? N1    D DT 28 ? ? 114.67 108.30 6.37   0.30 N 
182 1 N1    D DT 28 ? ? C2    D DT 28 ? ? N3    D DT 28 ? ? 118.93 114.60 4.33   0.60 N 
183 1 C5    D DT 28 ? ? C6    D DT 28 ? ? N1    D DT 28 ? ? 118.26 123.70 -5.44  0.60 N 
# 
loop_
_pdbx_validate_planes.id 
_pdbx_validate_planes.PDB_model_num 
_pdbx_validate_planes.auth_comp_id 
_pdbx_validate_planes.auth_asym_id 
_pdbx_validate_planes.auth_seq_id 
_pdbx_validate_planes.PDB_ins_code 
_pdbx_validate_planes.label_alt_id 
_pdbx_validate_planes.rmsd 
_pdbx_validate_planes.type 
1  1 DA A 3  ? ? 0.084 'SIDE CHAIN' 
2  1 DG A 4  ? ? 0.073 'SIDE CHAIN' 
3  1 DG A 6  ? ? 0.078 'SIDE CHAIN' 
4  1 DA B 10 ? ? 0.065 'SIDE CHAIN' 
5  1 DG B 12 ? ? 0.076 'SIDE CHAIN' 
6  1 DG B 13 ? ? 0.073 'SIDE CHAIN' 
7  1 DT B 14 ? ? 0.075 'SIDE CHAIN' 
8  1 DA C 17 ? ? 0.097 'SIDE CHAIN' 
9  1 DG C 19 ? ? 0.129 'SIDE CHAIN' 
10 1 DG C 20 ? ? 0.102 'SIDE CHAIN' 
11 1 DT C 21 ? ? 0.075 'SIDE CHAIN' 
12 1 DT D 22 ? ? 0.066 'SIDE CHAIN' 
13 1 DG D 26 ? ? 0.079 'SIDE CHAIN' 
# 
loop_
_struct_site_keywords.site_id 
_struct_site_keywords.text 
1 'OUTSIDE BINDER' 
2 COVALENT         
# 
_pdbx_nmr_ensemble.average_constraint_violations_per_residue     ? 
_pdbx_nmr_ensemble.average_constraints_per_residue               ? 
_pdbx_nmr_ensemble.average_distance_constraint_violation         ? 
_pdbx_nmr_ensemble.average_torsion_angle_constraint_violation    ? 
_pdbx_nmr_ensemble.conformer_selection_criteria                  'structures with the lowest energy' 
_pdbx_nmr_ensemble.conformers_calculated_total_number            100 
_pdbx_nmr_ensemble.conformers_submitted_total_number             1 
_pdbx_nmr_ensemble.distance_constraint_violation_method          ? 
_pdbx_nmr_ensemble.entry_id                                      2MS6 
_pdbx_nmr_ensemble.maximum_distance_constraint_violation         ? 
_pdbx_nmr_ensemble.maximum_lower_distance_constraint_violation   ? 
_pdbx_nmr_ensemble.maximum_torsion_angle_constraint_violation    ? 
_pdbx_nmr_ensemble.maximum_upper_distance_constraint_violation   ? 
_pdbx_nmr_ensemble.representative_conformer                      1 
_pdbx_nmr_ensemble.torsion_angle_constraint_violation_method     ? 
# 
_pdbx_nmr_representative.conformer_id         1 
_pdbx_nmr_representative.entry_id             2MS6 
_pdbx_nmr_representative.selection_criteria   'lowest energy' 
# 
_pdbx_nmr_sample_details.contents         
;2.25 mM DNA (5'-D(*TP*TP*AP*GP*GP*GP*T)-3')-1, 90% H2O/10% D2O
;
_pdbx_nmr_sample_details.solution_id      1 
_pdbx_nmr_sample_details.solvent_system   '90% H2O/10% D2O' 
# 
_pdbx_nmr_exptl_sample.component             
;DNA (5'-D(*TP*TP*AP*GP*GP*GP*T)-3')-1
;
_pdbx_nmr_exptl_sample.concentration         2.25 
_pdbx_nmr_exptl_sample.concentration_range   ? 
_pdbx_nmr_exptl_sample.concentration_units   mM 
_pdbx_nmr_exptl_sample.isotopic_labeling     ? 
_pdbx_nmr_exptl_sample.solution_id           1 
# 
_pdbx_nmr_exptl_sample_conditions.conditions_id       1 
_pdbx_nmr_exptl_sample_conditions.ionic_strength      0.1 
_pdbx_nmr_exptl_sample_conditions.pH                  7.2 
_pdbx_nmr_exptl_sample_conditions.pressure            ambient 
_pdbx_nmr_exptl_sample_conditions.pressure_units      ? 
_pdbx_nmr_exptl_sample_conditions.temperature         298 
_pdbx_nmr_exptl_sample_conditions.temperature_units   K 
# 
loop_
_pdbx_nmr_exptl.conditions_id 
_pdbx_nmr_exptl.experiment_id 
_pdbx_nmr_exptl.solution_id 
_pdbx_nmr_exptl.type 
1 1 1 '2D DQF-COSY'    
1 2 1 '2D 1H-1H TOCSY' 
1 3 1 '2D 1H-1H NOESY' 
# 
_pdbx_nmr_refine.entry_id           2MS6 
_pdbx_nmr_refine.method             'molecular dynamics' 
_pdbx_nmr_refine.details            ? 
_pdbx_nmr_refine.software_ordinal   1 
# 
loop_
_pdbx_nmr_software.authors 
_pdbx_nmr_software.classification 
_pdbx_nmr_software.name 
_pdbx_nmr_software.ordinal 
_pdbx_nmr_software.version 
'Accelrys Software Inc.' 'structure solution' Discover 1 ? 
?                        refinement           Discover 2 ? 
# 
loop_
_chem_comp_atom.comp_id 
_chem_comp_atom.atom_id 
_chem_comp_atom.type_symbol 
_chem_comp_atom.pdbx_aromatic_flag 
_chem_comp_atom.pdbx_stereo_config 
_chem_comp_atom.pdbx_ordinal 
DA  OP3    O N N 1   
DA  P      P N N 2   
DA  OP1    O N N 3   
DA  OP2    O N N 4   
DA  "O5'"  O N N 5   
DA  "C5'"  C N N 6   
DA  "C4'"  C N R 7   
DA  "O4'"  O N N 8   
DA  "C3'"  C N S 9   
DA  "O3'"  O N N 10  
DA  "C2'"  C N N 11  
DA  "C1'"  C N R 12  
DA  N9     N Y N 13  
DA  C8     C Y N 14  
DA  N7     N Y N 15  
DA  C5     C Y N 16  
DA  C6     C Y N 17  
DA  N6     N N N 18  
DA  N1     N Y N 19  
DA  C2     C Y N 20  
DA  N3     N Y N 21  
DA  C4     C Y N 22  
DA  HOP3   H N N 23  
DA  HOP2   H N N 24  
DA  "H5'"  H N N 25  
DA  "H5''" H N N 26  
DA  "H4'"  H N N 27  
DA  "H3'"  H N N 28  
DA  "HO3'" H N N 29  
DA  "H2'"  H N N 30  
DA  "H2''" H N N 31  
DA  "H1'"  H N N 32  
DA  H8     H N N 33  
DA  H61    H N N 34  
DA  H62    H N N 35  
DA  H2     H N N 36  
DG  OP3    O N N 37  
DG  P      P N N 38  
DG  OP1    O N N 39  
DG  OP2    O N N 40  
DG  "O5'"  O N N 41  
DG  "C5'"  C N N 42  
DG  "C4'"  C N R 43  
DG  "O4'"  O N N 44  
DG  "C3'"  C N S 45  
DG  "O3'"  O N N 46  
DG  "C2'"  C N N 47  
DG  "C1'"  C N R 48  
DG  N9     N Y N 49  
DG  C8     C Y N 50  
DG  N7     N Y N 51  
DG  C5     C Y N 52  
DG  C6     C N N 53  
DG  O6     O N N 54  
DG  N1     N N N 55  
DG  C2     C N N 56  
DG  N2     N N N 57  
DG  N3     N N N 58  
DG  C4     C Y N 59  
DG  HOP3   H N N 60  
DG  HOP2   H N N 61  
DG  "H5'"  H N N 62  
DG  "H5''" H N N 63  
DG  "H4'"  H N N 64  
DG  "H3'"  H N N 65  
DG  "HO3'" H N N 66  
DG  "H2'"  H N N 67  
DG  "H2''" H N N 68  
DG  "H1'"  H N N 69  
DG  H8     H N N 70  
DG  H1     H N N 71  
DG  H21    H N N 72  
DG  H22    H N N 73  
DT  OP3    O N N 74  
DT  P      P N N 75  
DT  OP1    O N N 76  
DT  OP2    O N N 77  
DT  "O5'"  O N N 78  
DT  "C5'"  C N N 79  
DT  "C4'"  C N R 80  
DT  "O4'"  O N N 81  
DT  "C3'"  C N S 82  
DT  "O3'"  O N N 83  
DT  "C2'"  C N N 84  
DT  "C1'"  C N R 85  
DT  N1     N N N 86  
DT  C2     C N N 87  
DT  O2     O N N 88  
DT  N3     N N N 89  
DT  C4     C N N 90  
DT  O4     O N N 91  
DT  C5     C N N 92  
DT  C7     C N N 93  
DT  C6     C N N 94  
DT  HOP3   H N N 95  
DT  HOP2   H N N 96  
DT  "H5'"  H N N 97  
DT  "H5''" H N N 98  
DT  "H4'"  H N N 99  
DT  "H3'"  H N N 100 
DT  "HO3'" H N N 101 
DT  "H2'"  H N N 102 
DT  "H2''" H N N 103 
DT  "H1'"  H N N 104 
DT  H3     H N N 105 
DT  H71    H N N 106 
DT  H72    H N N 107 
DT  H73    H N N 108 
DT  H6     H N N 109 
QUE C1     C Y N 110 
QUE C2     C Y N 111 
QUE C3     C Y N 112 
QUE C4     C Y N 113 
QUE C5     C Y N 114 
QUE C6     C Y N 115 
QUE C9     C Y N 116 
QUE C10    C Y N 117 
QUE C11    C Y N 118 
QUE C14    C Y N 119 
QUE C15    C Y N 120 
QUE C16    C Y N 121 
QUE C17    C Y N 122 
QUE C18    C Y N 123 
QUE C19    C Y N 124 
QUE O12    O Y N 125 
QUE O13    O N N 126 
QUE O23    O N N 127 
QUE O24    O N N 128 
QUE O27    O N N 129 
QUE O29    O N N 130 
QUE O30    O N N 131 
QUE H1     H N N 132 
QUE H5     H N N 133 
QUE H15    H N N 134 
QUE H16    H N N 135 
QUE H19    H N N 136 
QUE HO3    H N N 137 
QUE HO4    H N N 138 
QUE HO7    H N N 139 
QUE HO9    H N N 140 
QUE HO0    H N N 141 
# 
loop_
_chem_comp_bond.comp_id 
_chem_comp_bond.atom_id_1 
_chem_comp_bond.atom_id_2 
_chem_comp_bond.value_order 
_chem_comp_bond.pdbx_aromatic_flag 
_chem_comp_bond.pdbx_stereo_config 
_chem_comp_bond.pdbx_ordinal 
DA  OP3   P      sing N N 1   
DA  OP3   HOP3   sing N N 2   
DA  P     OP1    doub N N 3   
DA  P     OP2    sing N N 4   
DA  P     "O5'"  sing N N 5   
DA  OP2   HOP2   sing N N 6   
DA  "O5'" "C5'"  sing N N 7   
DA  "C5'" "C4'"  sing N N 8   
DA  "C5'" "H5'"  sing N N 9   
DA  "C5'" "H5''" sing N N 10  
DA  "C4'" "O4'"  sing N N 11  
DA  "C4'" "C3'"  sing N N 12  
DA  "C4'" "H4'"  sing N N 13  
DA  "O4'" "C1'"  sing N N 14  
DA  "C3'" "O3'"  sing N N 15  
DA  "C3'" "C2'"  sing N N 16  
DA  "C3'" "H3'"  sing N N 17  
DA  "O3'" "HO3'" sing N N 18  
DA  "C2'" "C1'"  sing N N 19  
DA  "C2'" "H2'"  sing N N 20  
DA  "C2'" "H2''" sing N N 21  
DA  "C1'" N9     sing N N 22  
DA  "C1'" "H1'"  sing N N 23  
DA  N9    C8     sing Y N 24  
DA  N9    C4     sing Y N 25  
DA  C8    N7     doub Y N 26  
DA  C8    H8     sing N N 27  
DA  N7    C5     sing Y N 28  
DA  C5    C6     sing Y N 29  
DA  C5    C4     doub Y N 30  
DA  C6    N6     sing N N 31  
DA  C6    N1     doub Y N 32  
DA  N6    H61    sing N N 33  
DA  N6    H62    sing N N 34  
DA  N1    C2     sing Y N 35  
DA  C2    N3     doub Y N 36  
DA  C2    H2     sing N N 37  
DA  N3    C4     sing Y N 38  
DG  OP3   P      sing N N 39  
DG  OP3   HOP3   sing N N 40  
DG  P     OP1    doub N N 41  
DG  P     OP2    sing N N 42  
DG  P     "O5'"  sing N N 43  
DG  OP2   HOP2   sing N N 44  
DG  "O5'" "C5'"  sing N N 45  
DG  "C5'" "C4'"  sing N N 46  
DG  "C5'" "H5'"  sing N N 47  
DG  "C5'" "H5''" sing N N 48  
DG  "C4'" "O4'"  sing N N 49  
DG  "C4'" "C3'"  sing N N 50  
DG  "C4'" "H4'"  sing N N 51  
DG  "O4'" "C1'"  sing N N 52  
DG  "C3'" "O3'"  sing N N 53  
DG  "C3'" "C2'"  sing N N 54  
DG  "C3'" "H3'"  sing N N 55  
DG  "O3'" "HO3'" sing N N 56  
DG  "C2'" "C1'"  sing N N 57  
DG  "C2'" "H2'"  sing N N 58  
DG  "C2'" "H2''" sing N N 59  
DG  "C1'" N9     sing N N 60  
DG  "C1'" "H1'"  sing N N 61  
DG  N9    C8     sing Y N 62  
DG  N9    C4     sing Y N 63  
DG  C8    N7     doub Y N 64  
DG  C8    H8     sing N N 65  
DG  N7    C5     sing Y N 66  
DG  C5    C6     sing N N 67  
DG  C5    C4     doub Y N 68  
DG  C6    O6     doub N N 69  
DG  C6    N1     sing N N 70  
DG  N1    C2     sing N N 71  
DG  N1    H1     sing N N 72  
DG  C2    N2     sing N N 73  
DG  C2    N3     doub N N 74  
DG  N2    H21    sing N N 75  
DG  N2    H22    sing N N 76  
DG  N3    C4     sing N N 77  
DT  OP3   P      sing N N 78  
DT  OP3   HOP3   sing N N 79  
DT  P     OP1    doub N N 80  
DT  P     OP2    sing N N 81  
DT  P     "O5'"  sing N N 82  
DT  OP2   HOP2   sing N N 83  
DT  "O5'" "C5'"  sing N N 84  
DT  "C5'" "C4'"  sing N N 85  
DT  "C5'" "H5'"  sing N N 86  
DT  "C5'" "H5''" sing N N 87  
DT  "C4'" "O4'"  sing N N 88  
DT  "C4'" "C3'"  sing N N 89  
DT  "C4'" "H4'"  sing N N 90  
DT  "O4'" "C1'"  sing N N 91  
DT  "C3'" "O3'"  sing N N 92  
DT  "C3'" "C2'"  sing N N 93  
DT  "C3'" "H3'"  sing N N 94  
DT  "O3'" "HO3'" sing N N 95  
DT  "C2'" "C1'"  sing N N 96  
DT  "C2'" "H2'"  sing N N 97  
DT  "C2'" "H2''" sing N N 98  
DT  "C1'" N1     sing N N 99  
DT  "C1'" "H1'"  sing N N 100 
DT  N1    C2     sing N N 101 
DT  N1    C6     sing N N 102 
DT  C2    O2     doub N N 103 
DT  C2    N3     sing N N 104 
DT  N3    C4     sing N N 105 
DT  N3    H3     sing N N 106 
DT  C4    O4     doub N N 107 
DT  C4    C5     sing N N 108 
DT  C5    C7     sing N N 109 
DT  C5    C6     doub N N 110 
DT  C7    H71    sing N N 111 
DT  C7    H72    sing N N 112 
DT  C7    H73    sing N N 113 
DT  C6    H6     sing N N 114 
QUE C1    C2     doub Y N 115 
QUE C1    C6     sing Y N 116 
QUE C1    H1     sing N N 117 
QUE C2    C3     sing Y N 118 
QUE C2    O30    sing N N 119 
QUE C3    C4     doub Y N 120 
QUE C3    C9     sing Y N 121 
QUE C4    C5     sing Y N 122 
QUE C4    O12    sing Y N 123 
QUE C5    C6     doub Y N 124 
QUE C5    H5     sing N N 125 
QUE C6    O29    sing N N 126 
QUE C9    C10    sing Y N 127 
QUE C9    O13    doub N N 128 
QUE C10   C11    doub Y N 129 
QUE C10   O27    sing N N 130 
QUE C11   C14    sing Y N 131 
QUE C11   O12    sing Y N 132 
QUE C14   C15    doub Y N 133 
QUE C14   C19    sing Y N 134 
QUE C15   C16    sing Y N 135 
QUE C15   H15    sing N N 136 
QUE C16   C17    doub Y N 137 
QUE C16   H16    sing N N 138 
QUE C17   C18    sing Y N 139 
QUE C17   O24    sing N N 140 
QUE C18   C19    doub Y N 141 
QUE C18   O23    sing N N 142 
QUE C19   H19    sing N N 143 
QUE O23   HO3    sing N N 144 
QUE O24   HO4    sing N N 145 
QUE O27   HO7    sing N N 146 
QUE O29   HO9    sing N N 147 
QUE O30   HO0    sing N N 148 
# 
_ndb_struct_conf_na.entry_id   2MS6 
_ndb_struct_conf_na.feature    'double helix' 
# 
_ndb_struct_na_base_pair.model_number      1 
_ndb_struct_na_base_pair.i_label_asym_id   B 
_ndb_struct_na_base_pair.i_label_comp_id   DT 
_ndb_struct_na_base_pair.i_label_seq_id    2 
_ndb_struct_na_base_pair.i_symmetry        1_555 
_ndb_struct_na_base_pair.j_label_asym_id   C 
_ndb_struct_na_base_pair.j_label_comp_id   DT 
_ndb_struct_na_base_pair.j_label_seq_id    2 
_ndb_struct_na_base_pair.j_symmetry        1_555 
_ndb_struct_na_base_pair.shear             0.070 
_ndb_struct_na_base_pair.stretch           -2.747 
_ndb_struct_na_base_pair.stagger           -0.533 
_ndb_struct_na_base_pair.buckle            26.888 
_ndb_struct_na_base_pair.propeller         6.322 
_ndb_struct_na_base_pair.opening           104.064 
_ndb_struct_na_base_pair.pair_number       1 
_ndb_struct_na_base_pair.pair_name         B_DT9:DT16_C 
_ndb_struct_na_base_pair.i_auth_asym_id    B 
_ndb_struct_na_base_pair.i_auth_seq_id     9 
_ndb_struct_na_base_pair.i_PDB_ins_code    ? 
_ndb_struct_na_base_pair.j_auth_asym_id    C 
_ndb_struct_na_base_pair.j_auth_seq_id     16 
_ndb_struct_na_base_pair.j_PDB_ins_code    ? 
_ndb_struct_na_base_pair.hbond_type_28     ? 
_ndb_struct_na_base_pair.hbond_type_12     ? 
# 
loop_
_pdbx_nmr_spectrometer.field_strength 
_pdbx_nmr_spectrometer.manufacturer 
_pdbx_nmr_spectrometer.model 
_pdbx_nmr_spectrometer.spectrometer_id 
_pdbx_nmr_spectrometer.type 
400 Bruker AVANCE 1 'Bruker Avance' 
500 Bruker AVANCE 2 'Bruker Avance' 
# 
_atom_sites.entry_id                    2MS6 
_atom_sites.fract_transf_matrix[1][1]   1.000000 
_atom_sites.fract_transf_matrix[1][2]   0.000000 
_atom_sites.fract_transf_matrix[1][3]   0.000000 
_atom_sites.fract_transf_matrix[2][1]   0.000000 
_atom_sites.fract_transf_matrix[2][2]   1.000000 
_atom_sites.fract_transf_matrix[2][3]   0.000000 
_atom_sites.fract_transf_matrix[3][1]   0.000000 
_atom_sites.fract_transf_matrix[3][2]   0.000000 
_atom_sites.fract_transf_matrix[3][3]   1.000000 
_atom_sites.fract_transf_vector[1]      0.00000 
_atom_sites.fract_transf_vector[2]      0.00000 
_atom_sites.fract_transf_vector[3]      0.00000 
# 
loop_
_atom_type.symbol 
C 
H 
N 
O 
P 
# 
loop_
_atom_site.group_PDB 
_atom_site.id 
_atom_site.type_symbol 
_atom_site.label_atom_id 
_atom_site.label_alt_id 
_atom_site.label_comp_id 
_atom_site.label_asym_id 
_atom_site.label_entity_id 
_atom_site.label_seq_id 
_atom_site.pdbx_PDB_ins_code 
_atom_site.Cartn_x 
_atom_site.Cartn_y 
_atom_site.Cartn_z 
_atom_site.occupancy 
_atom_site.B_iso_or_equiv 
_atom_site.pdbx_formal_charge 
_atom_site.auth_seq_id 
_atom_site.auth_comp_id 
_atom_site.auth_asym_id 
_atom_site.auth_atom_id 
_atom_site.pdbx_PDB_model_num 
ATOM   1   O "O5'"  . DT  A 1 1 ? 4.561   -2.442  16.052  1.00 0.00 ?  1   DT  A "O5'"  1 
ATOM   2   C "C5'"  . DT  A 1 1 ? 3.192   -1.986  15.950  1.00 0.00 ?  1   DT  A "C5'"  1 
ATOM   3   C "C4'"  . DT  A 1 1 ? 2.952   -0.572  16.566  1.00 0.00 ?  1   DT  A "C4'"  1 
ATOM   4   O "O4'"  . DT  A 1 1 ? 4.184   0.081   16.407  1.00 0.00 ?  1   DT  A "O4'"  1 
ATOM   5   C "C3'"  . DT  A 1 1 ? 2.053   0.262   15.705  1.00 0.00 ?  1   DT  A "C3'"  1 
ATOM   6   O "O3'"  . DT  A 1 1 ? 0.823   0.461   16.261  1.00 0.00 ?  1   DT  A "O3'"  1 
ATOM   7   C "C2'"  . DT  A 1 1 ? 2.689   1.627   15.618  1.00 0.00 ?  1   DT  A "C2'"  1 
ATOM   8   C "C1'"  . DT  A 1 1 ? 4.021   1.516   16.401  1.00 0.00 ?  1   DT  A "C1'"  1 
ATOM   9   N N1     . DT  A 1 1 ? 5.280   2.130   15.821  1.00 0.00 ?  1   DT  A N1     1 
ATOM   10  C C2     . DT  A 1 1 ? 5.127   3.334   15.252  1.00 0.00 ?  1   DT  A C2     1 
ATOM   11  O O2     . DT  A 1 1 ? 4.021   3.790   15.151  1.00 0.00 ?  1   DT  A O2     1 
ATOM   12  N N3     . DT  A 1 1 ? 6.228   3.902   14.685  1.00 0.00 ?  1   DT  A N3     1 
ATOM   13  C C4     . DT  A 1 1 ? 7.458   3.382   14.661  1.00 0.00 ?  1   DT  A C4     1 
ATOM   14  O O4     . DT  A 1 1 ? 8.406   3.942   14.083  1.00 0.00 ?  1   DT  A O4     1 
ATOM   15  C C5     . DT  A 1 1 ? 7.588   2.074   15.287  1.00 0.00 ?  1   DT  A C5     1 
ATOM   16  C C7     . DT  A 1 1 ? 8.918   1.360   15.194  1.00 0.00 ?  1   DT  A C7     1 
ATOM   17  C C6     . DT  A 1 1 ? 6.453   1.539   15.875  1.00 0.00 ?  1   DT  A C6     1 
ATOM   18  H "H5'"  . DT  A 1 1 ? 2.540   -2.698  16.454  1.00 0.00 ?  1   DT  A "H5'"  1 
ATOM   19  H "H5''" . DT  A 1 1 ? 2.946   -2.025  14.889  1.00 0.00 ?  1   DT  A "H5''" 1 
ATOM   20  H "H4'"  . DT  A 1 1 ? 2.764   -0.662  17.636  1.00 0.00 ?  1   DT  A "H4'"  1 
ATOM   21  H "H3'"  . DT  A 1 1 ? 1.970   -0.082  14.674  1.00 0.00 ?  1   DT  A "H3'"  1 
ATOM   22  H "H2'"  . DT  A 1 1 ? 2.894   1.796   14.561  1.00 0.00 ?  1   DT  A "H2'"  1 
ATOM   23  H "H2''" . DT  A 1 1 ? 2.032   2.423   15.968  1.00 0.00 ?  1   DT  A "H2''" 1 
ATOM   24  H "H1'"  . DT  A 1 1 ? 3.967   1.873   17.429  1.00 0.00 ?  1   DT  A "H1'"  1 
ATOM   25  H H3     . DT  A 1 1 ? 6.051   4.785   14.249  1.00 0.00 ?  1   DT  A H3     1 
ATOM   26  H H71    . DT  A 1 1 ? 9.427   1.603   14.262  1.00 0.00 ?  1   DT  A H71    1 
ATOM   27  H H72    . DT  A 1 1 ? 9.545   1.646   16.038  1.00 0.00 ?  1   DT  A H72    1 
ATOM   28  H H73    . DT  A 1 1 ? 8.718   0.297   15.327  1.00 0.00 ?  1   DT  A H73    1 
ATOM   29  H H6     . DT  A 1 1 ? 6.434   0.647   16.483  1.00 0.00 ?  1   DT  A H6     1 
ATOM   30  H "HO5'" . DT  A 1 1 ? 4.967   -2.055  16.817  1.00 0.00 ?  1   DT  A "HO5'" 1 
ATOM   31  P P      . DT  A 1 2 ? -0.421  -0.138  15.503  1.00 0.00 ?  2   DT  A P      1 
ATOM   32  O OP1    . DT  A 1 2 ? -1.575  -0.110  16.536  1.00 0.00 ?  2   DT  A OP1    1 
ATOM   33  O OP2    . DT  A 1 2 ? -0.030  -1.567  15.111  1.00 0.00 -1 2   DT  A OP2    1 
ATOM   34  O "O5'"  . DT  A 1 2 ? -0.750  0.766   14.275  1.00 0.00 ?  2   DT  A "O5'"  1 
ATOM   35  C "C5'"  . DT  A 1 2 ? -1.756  1.704   14.405  1.00 0.00 ?  2   DT  A "C5'"  1 
ATOM   36  C "C4'"  . DT  A 1 2 ? -2.161  2.187   13.003  1.00 0.00 ?  2   DT  A "C4'"  1 
ATOM   37  O "O4'"  . DT  A 1 2 ? -1.121  1.953   12.057  1.00 0.00 ?  2   DT  A "O4'"  1 
ATOM   38  C "C3'"  . DT  A 1 2 ? -3.412  1.471   12.449  1.00 0.00 ?  2   DT  A "C3'"  1 
ATOM   39  O "O3'"  . DT  A 1 2 ? -4.382  2.440   12.355  1.00 0.00 ?  2   DT  A "O3'"  1 
ATOM   40  C "C2'"  . DT  A 1 2 ? -3.052  1.041   11.000  1.00 0.00 ?  2   DT  A "C2'"  1 
ATOM   41  C "C1'"  . DT  A 1 2 ? -1.686  1.600   10.789  1.00 0.00 ?  2   DT  A "C1'"  1 
ATOM   42  N N1     . DT  A 1 2 ? -0.662  0.707   10.261  1.00 0.00 ?  2   DT  A N1     1 
ATOM   43  C C2     . DT  A 1 2 ? -0.275  0.874   8.940   1.00 0.00 ?  2   DT  A C2     1 
ATOM   44  O O2     . DT  A 1 2 ? -0.681  1.799   8.315   1.00 0.00 ?  2   DT  A O2     1 
ATOM   45  N N3     . DT  A 1 2 ? 0.576   0.019   8.403   1.00 0.00 ?  2   DT  A N3     1 
ATOM   46  C C4     . DT  A 1 2 ? 1.164   -0.996  9.098   1.00 0.00 ?  2   DT  A C4     1 
ATOM   47  O O4     . DT  A 1 2 ? 1.967   -1.734  8.508   1.00 0.00 ?  2   DT  A O4     1 
ATOM   48  C C5     . DT  A 1 2 ? 0.733   -1.171  10.517  1.00 0.00 ?  2   DT  A C5     1 
ATOM   49  C C7     . DT  A 1 2 ? 1.441   -2.198  11.377  1.00 0.00 ?  2   DT  A C7     1 
ATOM   50  C C6     . DT  A 1 2 ? -0.200  -0.270  11.027  1.00 0.00 ?  2   DT  A C6     1 
ATOM   51  H "H5'"  . DT  A 1 2 ? -1.422  2.498   15.072  1.00 0.00 ?  2   DT  A "H5'"  1 
ATOM   52  H "H5''" . DT  A 1 2 ? -2.572  1.239   14.960  1.00 0.00 ?  2   DT  A "H5''" 1 
ATOM   53  H "H4'"  . DT  A 1 2 ? -2.316  3.265   12.940  1.00 0.00 ?  2   DT  A "H4'"  1 
ATOM   54  H "H3'"  . DT  A 1 2 ? -3.756  0.615   13.029  1.00 0.00 ?  2   DT  A "H3'"  1 
ATOM   55  H "H2'"  . DT  A 1 2 ? -3.077  -0.037  10.842  1.00 0.00 ?  2   DT  A "H2'"  1 
ATOM   56  H "H2''" . DT  A 1 2 ? -3.835  1.386   10.326  1.00 0.00 ?  2   DT  A "H2''" 1 
ATOM   57  H "H1'"  . DT  A 1 2 ? -1.791  2.497   10.178  1.00 0.00 ?  2   DT  A "H1'"  1 
ATOM   58  H H3     . DT  A 1 2 ? 0.856   0.251   7.472   1.00 0.00 ?  2   DT  A H3     1 
ATOM   59  H H71    . DT  A 1 2 ? 0.810   -3.001  11.759  1.00 0.00 ?  2   DT  A H71    1 
ATOM   60  H H72    . DT  A 1 2 ? 2.325   -2.608  10.889  1.00 0.00 ?  2   DT  A H72    1 
ATOM   61  H H73    . DT  A 1 2 ? 1.682   -1.616  12.267  1.00 0.00 ?  2   DT  A H73    1 
ATOM   62  H H6     . DT  A 1 2 ? -0.517  -0.394  12.052  1.00 0.00 ?  2   DT  A H6     1 
ATOM   63  P P      . DA  A 1 3 ? -5.778  2.107   11.797  1.00 0.00 ?  3   DA  A P      1 
ATOM   64  O OP1    . DA  A 1 3 ? -6.766  2.896   12.650  1.00 0.00 ?  3   DA  A OP1    1 
ATOM   65  O OP2    . DA  A 1 3 ? -6.125  0.613   11.942  1.00 0.00 -1 3   DA  A OP2    1 
ATOM   66  O "O5'"  . DA  A 1 3 ? -5.921  2.381   10.261  1.00 0.00 ?  3   DA  A "O5'"  1 
ATOM   67  C "C5'"  . DA  A 1 3 ? -6.948  3.347   9.848   1.00 0.00 ?  3   DA  A "C5'"  1 
ATOM   68  C "C4'"  . DA  A 1 3 ? -6.694  3.709   8.365   1.00 0.00 ?  3   DA  A "C4'"  1 
ATOM   69  O "O4'"  . DA  A 1 3 ? -5.262  3.610   8.090   1.00 0.00 ?  3   DA  A "O4'"  1 
ATOM   70  C "C3'"  . DA  A 1 3 ? -7.359  2.808   7.300   1.00 0.00 ?  3   DA  A "C3'"  1 
ATOM   71  O "O3'"  . DA  A 1 3 ? -7.649  3.590   6.127   1.00 0.00 ?  3   DA  A "O3'"  1 
ATOM   72  C "C2'"  . DA  A 1 3 ? -6.306  1.899   6.835   1.00 0.00 ?  3   DA  A "C2'"  1 
ATOM   73  C "C1'"  . DA  A 1 3 ? -5.121  2.843   6.880   1.00 0.00 ?  3   DA  A "C1'"  1 
ATOM   74  N N9     . DA  A 1 3 ? -3.851  2.195   6.739   1.00 0.00 ?  3   DA  A N9     1 
ATOM   75  C C8     . DA  A 1 3 ? -3.551  0.914   6.889   1.00 0.00 ?  3   DA  A C8     1 
ATOM   76  N N7     . DA  A 1 3 ? -2.342  0.573   6.279   1.00 0.00 ?  3   DA  A N7     1 
ATOM   77  C C5     . DA  A 1 3 ? -1.909  1.818   5.704   1.00 0.00 ?  3   DA  A C5     1 
ATOM   78  C C6     . DA  A 1 3 ? -0.820  2.205   4.946   1.00 0.00 ?  3   DA  A C6     1 
ATOM   79  N N6     . DA  A 1 3 ? 0.158   1.250   4.660   1.00 0.00 ?  3   DA  A N6     1 
ATOM   80  N N1     . DA  A 1 3 ? -0.681  3.460   4.493   1.00 0.00 ?  3   DA  A N1     1 
ATOM   81  C C2     . DA  A 1 3 ? -1.651  4.362   4.810   1.00 0.00 ?  3   DA  A C2     1 
ATOM   82  N N3     . DA  A 1 3 ? -2.713  4.053   5.565   1.00 0.00 ?  3   DA  A N3     1 
ATOM   83  C C4     . DA  A 1 3 ? -2.853  2.777   6.029   1.00 0.00 ?  3   DA  A C4     1 
ATOM   84  H "H5'"  . DA  A 1 3 ? -6.941  4.233   10.482  1.00 0.00 ?  3   DA  A "H5'"  1 
ATOM   85  H "H5''" . DA  A 1 3 ? -7.877  2.794   9.978   1.00 0.00 ?  3   DA  A "H5''" 1 
ATOM   86  H "H4'"  . DA  A 1 3 ? -6.997  4.713   8.069   1.00 0.00 ?  3   DA  A "H4'"  1 
ATOM   87  H "H3'"  . DA  A 1 3 ? -8.252  2.265   7.608   1.00 0.00 ?  3   DA  A "H3'"  1 
ATOM   88  H "H2'"  . DA  A 1 3 ? -6.093  1.242   7.677   1.00 0.00 ?  3   DA  A "H2'"  1 
ATOM   89  H "H2''" . DA  A 1 3 ? -6.458  1.357   5.902   1.00 0.00 ?  3   DA  A "H2''" 1 
ATOM   90  H "H1'"  . DA  A 1 3 ? -5.173  3.579   6.077   1.00 0.00 ?  3   DA  A "H1'"  1 
ATOM   91  H H8     . DA  A 1 3 ? -4.214  0.184   7.331   1.00 0.00 ?  3   DA  A H8     1 
ATOM   92  H H61    . DA  A 1 3 ? 0.959   1.507   4.121   1.00 0.00 ?  3   DA  A H61    1 
ATOM   93  H H62    . DA  A 1 3 ? -0.130  0.331   4.927   1.00 0.00 ?  3   DA  A H62    1 
ATOM   94  H H2     . DA  A 1 3 ? -1.504  5.352   4.405   1.00 0.00 ?  3   DA  A H2     1 
ATOM   95  P P      . DG  A 1 4 ? -9.071  4.111   5.898   1.00 0.00 ?  4   DG  A P      1 
ATOM   96  O OP1    . DG  A 1 4 ? -9.772  4.559   7.259   1.00 0.00 ?  4   DG  A OP1    1 
ATOM   97  O OP2    . DG  A 1 4 ? -9.804  2.907   5.419   1.00 0.00 -1 4   DG  A OP2    1 
ATOM   98  O "O5'"  . DG  A 1 4 ? -9.140  5.123   4.749   1.00 0.00 ?  4   DG  A "O5'"  1 
ATOM   99  C "C5'"  . DG  A 1 4 ? -8.655  6.496   4.909   1.00 0.00 ?  4   DG  A "C5'"  1 
ATOM   100 C "C4'"  . DG  A 1 4 ? -7.719  6.860   3.790   1.00 0.00 ?  4   DG  A "C4'"  1 
ATOM   101 O "O4'"  . DG  A 1 4 ? -6.743  5.871   3.736   1.00 0.00 ?  4   DG  A "O4'"  1 
ATOM   102 C "C3'"  . DG  A 1 4 ? -8.333  6.695   2.382   1.00 0.00 ?  4   DG  A "C3'"  1 
ATOM   103 O "O3'"  . DG  A 1 4 ? -7.872  7.678   1.458   1.00 0.00 ?  4   DG  A "O3'"  1 
ATOM   104 C "C2'"  . DG  A 1 4 ? -7.873  5.344   1.809   1.00 0.00 ?  4   DG  A "C2'"  1 
ATOM   105 C "C1'"  . DG  A 1 4 ? -6.444  5.471   2.404   1.00 0.00 ?  4   DG  A "C1'"  1 
ATOM   106 N N9     . DG  A 1 4 ? -5.679  4.227   2.698   1.00 0.00 ?  4   DG  A N9     1 
ATOM   107 C C8     . DG  A 1 4 ? -6.061  3.176   3.390   1.00 0.00 ?  4   DG  A C8     1 
ATOM   108 N N7     . DG  A 1 4 ? -5.011  2.216   3.380   1.00 0.00 ?  4   DG  A N7     1 
ATOM   109 C C5     . DG  A 1 4 ? -3.988  2.816   2.659   1.00 0.00 ?  4   DG  A C5     1 
ATOM   110 C C6     . DG  A 1 4 ? -2.638  2.332   2.295   1.00 0.00 ?  4   DG  A C6     1 
ATOM   111 O O6     . DG  A 1 4 ? -2.146  1.259   2.646   1.00 0.00 ?  4   DG  A O6     1 
ATOM   112 N N1     . DG  A 1 4 ? -1.914  3.253   1.503   1.00 0.00 ?  4   DG  A N1     1 
ATOM   113 C C2     . DG  A 1 4 ? -2.396  4.437   1.170   1.00 0.00 ?  4   DG  A C2     1 
ATOM   114 N N2     . DG  A 1 4 ? -1.845  5.131   0.190   1.00 0.00 ?  4   DG  A N2     1 
ATOM   115 N N3     . DG  A 1 4 ? -3.586  4.937   1.468   1.00 0.00 ?  4   DG  A N3     1 
ATOM   116 C C4     . DG  A 1 4 ? -4.376  4.062   2.200   1.00 0.00 ?  4   DG  A C4     1 
ATOM   117 H "H5'"  . DG  A 1 4 ? -8.218  6.781   5.865   1.00 0.00 ?  4   DG  A "H5'"  1 
ATOM   118 H "H5''" . DG  A 1 4 ? -9.455  7.234   4.988   1.00 0.00 ?  4   DG  A "H5''" 1 
ATOM   119 H "H4'"  . DG  A 1 4 ? -7.260  7.844   3.893   1.00 0.00 ?  4   DG  A "H4'"  1 
ATOM   120 H "H3'"  . DG  A 1 4 ? -9.412  6.757   2.521   1.00 0.00 ?  4   DG  A "H3'"  1 
ATOM   121 H "H2'"  . DG  A 1 4 ? -8.348  4.498   2.306   1.00 0.00 ?  4   DG  A "H2'"  1 
ATOM   122 H "H2''" . DG  A 1 4 ? -7.976  5.396   0.725   1.00 0.00 ?  4   DG  A "H2''" 1 
ATOM   123 H "H1'"  . DG  A 1 4 ? -5.766  6.181   1.930   1.00 0.00 ?  4   DG  A "H1'"  1 
ATOM   124 H H8     . DG  A 1 4 ? -7.016  2.996   3.861   1.00 0.00 ?  4   DG  A H8     1 
ATOM   125 H H1     . DG  A 1 4 ? -1.002  2.998   1.251   1.00 0.00 ?  4   DG  A H1     1 
ATOM   126 H H21    . DG  A 1 4 ? -0.973  4.909   -0.247  1.00 0.00 ?  4   DG  A H21    1 
ATOM   127 H H22    . DG  A 1 4 ? -2.326  5.998   0.062   1.00 0.00 ?  4   DG  A H22    1 
ATOM   128 P P      . DG  A 1 5 ? -8.805  8.538   0.698   1.00 0.00 ?  5   DG  A P      1 
ATOM   129 O OP1    . DG  A 1 5 ? -8.990  9.885   1.512   1.00 0.00 ?  5   DG  A OP1    1 
ATOM   130 O OP2    . DG  A 1 5 ? -10.118 7.822   0.381   1.00 0.00 -1 5   DG  A OP2    1 
ATOM   131 O "O5'"  . DG  A 1 5 ? -8.203  9.075   -0.600  1.00 0.00 ?  5   DG  A "O5'"  1 
ATOM   132 C "C5'"  . DG  A 1 5 ? -6.869  9.616   -0.533  1.00 0.00 ?  5   DG  A "C5'"  1 
ATOM   133 C "C4'"  . DG  A 1 5 ? -5.964  9.013   -1.602  1.00 0.00 ?  5   DG  A "C4'"  1 
ATOM   134 O "O4'"  . DG  A 1 5 ? -5.475  7.778   -1.171  1.00 0.00 ?  5   DG  A "O4'"  1 
ATOM   135 C "C3'"  . DG  A 1 5 ? -6.753  8.660   -2.958  1.00 0.00 ?  5   DG  A "C3'"  1 
ATOM   136 O "O3'"  . DG  A 1 5 ? -6.077  9.009   -4.121  1.00 0.00 ?  5   DG  A "O3'"  1 
ATOM   137 C "C2'"  . DG  A 1 5 ? -6.818  7.128   -2.936  1.00 0.00 ?  5   DG  A "C2'"  1 
ATOM   138 C "C1'"  . DG  A 1 5 ? -5.492  6.882   -2.228  1.00 0.00 ?  5   DG  A "C1'"  1 
ATOM   139 N N9     . DG  A 1 5 ? -5.218  5.505   -1.896  1.00 0.00 ?  5   DG  A N9     1 
ATOM   140 C C8     . DG  A 1 5 ? -5.934  4.609   -1.243  1.00 0.00 ?  5   DG  A C8     1 
ATOM   141 N N7     . DG  A 1 5 ? -5.408  3.395   -1.092  1.00 0.00 ?  5   DG  A N7     1 
ATOM   142 C C5     . DG  A 1 5 ? -4.215  3.533   -1.757  1.00 0.00 ?  5   DG  A C5     1 
ATOM   143 C C6     . DG  A 1 5 ? -3.126  2.587   -1.952  1.00 0.00 ?  5   DG  A C6     1 
ATOM   144 O O6     . DG  A 1 5 ? -3.047  1.417   -1.508  1.00 0.00 ?  5   DG  A O6     1 
ATOM   145 N N1     . DG  A 1 5 ? -2.080  3.109   -2.646  1.00 0.00 ?  5   DG  A N1     1 
ATOM   146 C C2     . DG  A 1 5 ? -2.033  4.362   -3.195  1.00 0.00 ?  5   DG  A C2     1 
ATOM   147 N N2     . DG  A 1 5 ? -1.052  4.763   -3.995  1.00 0.00 ?  5   DG  A N2     1 
ATOM   148 N N3     . DG  A 1 5 ? -2.992  5.220   -3.018  1.00 0.00 ?  5   DG  A N3     1 
ATOM   149 C C4     . DG  A 1 5 ? -4.074  4.807   -2.283  1.00 0.00 ?  5   DG  A C4     1 
ATOM   150 H "H5'"  . DG  A 1 5 ? -6.440  9.478   0.459   1.00 0.00 ?  5   DG  A "H5'"  1 
ATOM   151 H "H5''" . DG  A 1 5 ? -7.042  10.683  -0.680  1.00 0.00 ?  5   DG  A "H5''" 1 
ATOM   152 H "H4'"  . DG  A 1 5 ? -5.142  9.664   -1.900  1.00 0.00 ?  5   DG  A "H4'"  1 
ATOM   153 H "H3'"  . DG  A 1 5 ? -7.730  9.133   -3.056  1.00 0.00 ?  5   DG  A "H3'"  1 
ATOM   154 H "H2'"  . DG  A 1 5 ? -7.729  6.754   -2.469  1.00 0.00 ?  5   DG  A "H2'"  1 
ATOM   155 H "H2''" . DG  A 1 5 ? -6.839  6.716   -3.945  1.00 0.00 ?  5   DG  A "H2''" 1 
ATOM   156 H "H1'"  . DG  A 1 5 ? -4.721  7.171   -2.941  1.00 0.00 ?  5   DG  A "H1'"  1 
ATOM   157 H H8     . DG  A 1 5 ? -6.952  4.720   -0.896  1.00 0.00 ?  5   DG  A H8     1 
ATOM   158 H H1     . DG  A 1 5 ? -1.318  2.504   -2.767  1.00 0.00 ?  5   DG  A H1     1 
ATOM   159 H H21    . DG  A 1 5 ? -0.251  4.209   -4.220  1.00 0.00 ?  5   DG  A H21    1 
ATOM   160 H H22    . DG  A 1 5 ? -1.119  5.704   -4.327  1.00 0.00 ?  5   DG  A H22    1 
ATOM   161 P P      . DG  A 1 6 ? -6.604  10.020  -5.070  1.00 0.00 ?  6   DG  A P      1 
ATOM   162 O OP1    . DG  A 1 6 ? -7.031  11.310  -4.311  1.00 0.00 ?  6   DG  A OP1    1 
ATOM   163 O OP2    . DG  A 1 6 ? -7.867  9.465   -5.770  1.00 0.00 -1 6   DG  A OP2    1 
ATOM   164 O "O5'"  . DG  A 1 6 ? -5.618  10.360  -6.183  1.00 0.00 ?  6   DG  A "O5'"  1 
ATOM   165 C "C5'"  . DG  A 1 6 ? -4.414  10.998  -5.792  1.00 0.00 ?  6   DG  A "C5'"  1 
ATOM   166 C "C4'"  . DG  A 1 6 ? -3.269  10.030  -6.154  1.00 0.00 ?  6   DG  A "C4'"  1 
ATOM   167 O "O4'"  . DG  A 1 6 ? -3.145  8.897   -5.265  1.00 0.00 ?  6   DG  A "O4'"  1 
ATOM   168 C "C3'"  . DG  A 1 6 ? -3.424  9.446   -7.487  1.00 0.00 ?  6   DG  A "C3'"  1 
ATOM   169 O "O3'"  . DG  A 1 6 ? -3.299  10.398  -8.570  1.00 0.00 ?  6   DG  A "O3'"  1 
ATOM   170 C "C2'"  . DG  A 1 6 ? -2.301  8.375   -7.476  1.00 0.00 ?  6   DG  A "C2'"  1 
ATOM   171 C "C1'"  . DG  A 1 6 ? -2.458  7.849   -6.016  1.00 0.00 ?  6   DG  A "C1'"  1 
ATOM   172 N N9     . DG  A 1 6 ? -3.333  6.678   -6.062  1.00 0.00 ?  6   DG  A N9     1 
ATOM   173 C C8     . DG  A 1 6 ? -4.569  6.440   -5.591  1.00 0.00 ?  6   DG  A C8     1 
ATOM   174 N N7     . DG  A 1 6 ? -4.923  5.110   -5.648  1.00 0.00 ?  6   DG  A N7     1 
ATOM   175 C C5     . DG  A 1 6 ? -3.823  4.461   -6.242  1.00 0.00 ?  6   DG  A C5     1 
ATOM   176 C C6     . DG  A 1 6 ? -3.467  3.094   -6.629  1.00 0.00 ?  6   DG  A C6     1 
ATOM   177 O O6     . DG  A 1 6 ? -4.134  2.078   -6.468  1.00 0.00 ?  6   DG  A O6     1 
ATOM   178 N N1     . DG  A 1 6 ? -2.188  2.970   -7.219  1.00 0.00 ?  6   DG  A N1     1 
ATOM   179 C C2     . DG  A 1 6 ? -1.427  3.970   -7.419  1.00 0.00 ?  6   DG  A C2     1 
ATOM   180 N N2     . DG  A 1 6 ? -0.292  3.854   -8.155  1.00 0.00 ?  6   DG  A N2     1 
ATOM   181 N N3     . DG  A 1 6 ? -1.691  5.236   -7.113  1.00 0.00 ?  6   DG  A N3     1 
ATOM   182 C C4     . DG  A 1 6 ? -2.897  5.463   -6.526  1.00 0.00 ?  6   DG  A C4     1 
ATOM   183 H "H5'"  . DG  A 1 6 ? -4.356  11.031  -4.705  1.00 0.00 ?  6   DG  A "H5'"  1 
ATOM   184 H "H5''" . DG  A 1 6 ? -4.263  11.913  -6.364  1.00 0.00 ?  6   DG  A "H5''" 1 
ATOM   185 H "H4'"  . DG  A 1 6 ? -2.345  10.610  -6.124  1.00 0.00 ?  6   DG  A "H4'"  1 
ATOM   186 H "H3'"  . DG  A 1 6 ? -4.417  9.012   -7.601  1.00 0.00 ?  6   DG  A "H3'"  1 
ATOM   187 H "H2'"  . DG  A 1 6 ? -2.397  7.663   -8.296  1.00 0.00 ?  6   DG  A "H2'"  1 
ATOM   188 H "H2''" . DG  A 1 6 ? -1.314  8.828   -7.557  1.00 0.00 ?  6   DG  A "H2''" 1 
ATOM   189 H "H1'"  . DG  A 1 6 ? -1.457  7.653   -5.634  1.00 0.00 ?  6   DG  A "H1'"  1 
ATOM   190 H H8     . DG  A 1 6 ? -5.224  7.255   -5.324  1.00 0.00 ?  6   DG  A H8     1 
ATOM   191 H H1     . DG  A 1 6 ? -1.927  2.039   -7.379  1.00 0.00 ?  6   DG  A H1     1 
ATOM   192 H H21    . DG  A 1 6 ? -0.169  2.950   -8.566  1.00 0.00 ?  6   DG  A H21    1 
ATOM   193 H H22    . DG  A 1 6 ? 0.299   4.659   -8.136  1.00 0.00 ?  6   DG  A H22    1 
ATOM   194 P P      . DT  A 1 7 ? -4.361  10.217  -9.775  1.00 0.00 ?  7   DT  A P      1 
ATOM   195 O OP1    . DT  A 1 7 ? -3.954  11.099  -10.962 1.00 0.00 ?  7   DT  A OP1    1 
ATOM   196 O OP2    . DT  A 1 7 ? -5.777  10.720  -9.289  1.00 0.00 -1 7   DT  A OP2    1 
ATOM   197 O "O5'"  . DT  A 1 7 ? -4.631  8.680   -10.197 1.00 0.00 ?  7   DT  A "O5'"  1 
ATOM   198 C "C5'"  . DT  A 1 7 ? -5.474  8.487   -11.351 1.00 0.00 ?  7   DT  A "C5'"  1 
ATOM   199 C "C4'"  . DT  A 1 7 ? -4.603  7.738   -12.375 1.00 0.00 ?  7   DT  A "C4'"  1 
ATOM   200 O "O4'"  . DT  A 1 7 ? -4.362  6.408   -11.868 1.00 0.00 ?  7   DT  A "O4'"  1 
ATOM   201 C "C3'"  . DT  A 1 7 ? -5.460  7.531   -13.674 1.00 0.00 ?  7   DT  A "C3'"  1 
ATOM   202 O "O3'"  . DT  A 1 7 ? -4.711  7.445   -14.875 1.00 0.00 ?  7   DT  A "O3'"  1 
ATOM   203 C "C2'"  . DT  A 1 7 ? -6.173  6.196   -13.410 1.00 0.00 ?  7   DT  A "C2'"  1 
ATOM   204 C "C1'"  . DT  A 1 7 ? -5.169  5.517   -12.501 1.00 0.00 ?  7   DT  A "C1'"  1 
ATOM   205 N N1     . DT  A 1 7 ? -5.823  4.602   -11.572 1.00 0.00 ?  7   DT  A N1     1 
ATOM   206 C C2     . DT  A 1 7 ? -6.296  3.449   -12.056 1.00 0.00 ?  7   DT  A C2     1 
ATOM   207 O O2     . DT  A 1 7 ? -6.250  3.227   -13.270 1.00 0.00 ?  7   DT  A O2     1 
ATOM   208 N N3     . DT  A 1 7 ? -6.842  2.553   -11.222 1.00 0.00 ?  7   DT  A N3     1 
ATOM   209 C C4     . DT  A 1 7 ? -6.966  2.753   -9.834  1.00 0.00 ?  7   DT  A C4     1 
ATOM   210 O O4     . DT  A 1 7 ? -7.393  1.885   -9.100  1.00 0.00 ?  7   DT  A O4     1 
ATOM   211 C C5     . DT  A 1 7 ? -6.457  4.053   -9.374  1.00 0.00 ?  7   DT  A C5     1 
ATOM   212 C C7     . DT  A 1 7 ? -6.551  4.340   -7.908  1.00 0.00 ?  7   DT  A C7     1 
ATOM   213 C C6     . DT  A 1 7 ? -5.895  4.933   -10.267 1.00 0.00 ?  7   DT  A C6     1 
ATOM   214 H "H5'"  . DT  A 1 7 ? -5.860  9.458   -11.664 1.00 0.00 ?  7   DT  A "H5'"  1 
ATOM   215 H "H5''" . DT  A 1 7 ? -6.331  7.856   -11.120 1.00 0.00 ?  7   DT  A "H5''" 1 
ATOM   216 H "H4'"  . DT  A 1 7 ? -3.635  8.206   -12.551 1.00 0.00 ?  7   DT  A "H4'"  1 
ATOM   217 H "H3'"  . DT  A 1 7 ? -6.247  8.274   -13.810 1.00 0.00 ?  7   DT  A "H3'"  1 
ATOM   218 H "HO3'" . DT  A 1 7 ? -4.362  8.302   -15.082 1.00 0.00 ?  7   DT  A "HO3'" 1 
ATOM   219 H "H2'"  . DT  A 1 7 ? -7.042  6.338   -12.768 1.00 0.00 ?  7   DT  A "H2'"  1 
ATOM   220 H "H2''" . DT  A 1 7 ? -6.414  5.681   -14.339 1.00 0.00 ?  7   DT  A "H2''" 1 
ATOM   221 H "H1'"  . DT  A 1 7 ? -4.464  4.892   -13.053 1.00 0.00 ?  7   DT  A "H1'"  1 
ATOM   222 H H3     . DT  A 1 7 ? -7.266  1.746   -11.635 1.00 0.00 ?  7   DT  A H3     1 
ATOM   223 H H71    . DT  A 1 7 ? -5.978  5.223   -7.622  1.00 0.00 ?  7   DT  A H71    1 
ATOM   224 H H72    . DT  A 1 7 ? -7.548  4.616   -7.563  1.00 0.00 ?  7   DT  A H72    1 
ATOM   225 H H73    . DT  A 1 7 ? -6.285  3.514   -7.247  1.00 0.00 ?  7   DT  A H73    1 
ATOM   226 H H6     . DT  A 1 7 ? -5.581  5.910   -9.933  1.00 0.00 ?  7   DT  A H6     1 
ATOM   227 O "O5'"  . DT  B 1 1 ? 12.904  -4.255  8.157   1.00 0.00 ?  8   DT  B "O5'"  1 
ATOM   228 C "C5'"  . DT  B 1 1 ? 11.556  -4.583  7.999   1.00 0.00 ?  8   DT  B "C5'"  1 
ATOM   229 C "C4'"  . DT  B 1 1 ? 11.274  -6.081  8.098   1.00 0.00 ?  8   DT  B "C4'"  1 
ATOM   230 O "O4'"  . DT  B 1 1 ? 11.719  -6.557  9.409   1.00 0.00 ?  8   DT  B "O4'"  1 
ATOM   231 C "C3'"  . DT  B 1 1 ? 9.796   -6.394  7.893   1.00 0.00 ?  8   DT  B "C3'"  1 
ATOM   232 O "O3'"  . DT  B 1 1 ? 9.700   -7.760  7.482   1.00 0.00 ?  8   DT  B "O3'"  1 
ATOM   233 C "C2'"  . DT  B 1 1 ? 9.374   -6.317  9.441   1.00 0.00 ?  8   DT  B "C2'"  1 
ATOM   234 C "C1'"  . DT  B 1 1 ? 10.551  -6.976  10.175  1.00 0.00 ?  8   DT  B "C1'"  1 
ATOM   235 N N1     . DT  B 1 1 ? 10.564  -6.564  11.576  1.00 0.00 ?  8   DT  B N1     1 
ATOM   236 C C2     . DT  B 1 1 ? 10.056  -7.392  12.515  1.00 0.00 ?  8   DT  B C2     1 
ATOM   237 O O2     . DT  B 1 1 ? 9.567   -8.483  12.217  1.00 0.00 ?  8   DT  B O2     1 
ATOM   238 N N3     . DT  B 1 1 ? 10.043  -6.952  13.816  1.00 0.00 ?  8   DT  B N3     1 
ATOM   239 C C4     . DT  B 1 1 ? 10.525  -5.724  14.235  1.00 0.00 ?  8   DT  B C4     1 
ATOM   240 O O4     . DT  B 1 1 ? 10.392  -5.402  15.378  1.00 0.00 ?  8   DT  B O4     1 
ATOM   241 C C5     . DT  B 1 1 ? 11.165  -4.840  13.207  1.00 0.00 ?  8   DT  B C5     1 
ATOM   242 C C7     . DT  B 1 1 ? 11.964  -3.563  13.394  1.00 0.00 ?  8   DT  B C7     1 
ATOM   243 C C6     . DT  B 1 1 ? 11.084  -5.367  11.930  1.00 0.00 ?  8   DT  B C6     1 
ATOM   244 H "H5'"  . DT  B 1 1 ? 11.193  -4.197  7.047   1.00 0.00 ?  8   DT  B "H5'"  1 
ATOM   245 H "H5''" . DT  B 1 1 ? 10.993  -4.066  8.776   1.00 0.00 ?  8   DT  B "H5''" 1 
ATOM   246 H "H4'"  . DT  B 1 1 ? 11.794  -6.707  7.371   1.00 0.00 ?  8   DT  B "H4'"  1 
ATOM   247 H "H3'"  . DT  B 1 1 ? 9.295   -5.672  7.248   1.00 0.00 ?  8   DT  B "H3'"  1 
ATOM   248 H "H2'"  . DT  B 1 1 ? 9.224   -5.282  9.748   1.00 0.00 ?  8   DT  B "H2'"  1 
ATOM   249 H "H2''" . DT  B 1 1 ? 8.400   -6.785  9.587   1.00 0.00 ?  8   DT  B "H2''" 1 
ATOM   250 H "H1'"  . DT  B 1 1 ? 10.343  -8.040  10.073  1.00 0.00 ?  8   DT  B "H1'"  1 
ATOM   251 H H3     . DT  B 1 1 ? 9.701   -7.653  14.442  1.00 0.00 ?  8   DT  B H3     1 
ATOM   252 H H71    . DT  B 1 1 ? 11.267  -2.729  13.483  1.00 0.00 ?  8   DT  B H71    1 
ATOM   253 H H72    . DT  B 1 1 ? 12.608  -3.660  14.267  1.00 0.00 ?  8   DT  B H72    1 
ATOM   254 H H73    . DT  B 1 1 ? 12.507  -3.374  12.468  1.00 0.00 ?  8   DT  B H73    1 
ATOM   255 H H6     . DT  B 1 1 ? 11.503  -4.678  11.211  1.00 0.00 ?  8   DT  B H6     1 
ATOM   256 H "HO5'" . DT  B 1 1 ? 13.383  -4.527  7.386   1.00 0.00 ?  8   DT  B "HO5'" 1 
ATOM   257 P P      . DT  B 1 2 ? 8.772   -8.182  6.296   1.00 0.00 ?  9   DT  B P      1 
ATOM   258 O OP1    . DT  B 1 2 ? 9.293   -9.560  5.728   1.00 0.00 ?  9   DT  B OP1    1 
ATOM   259 O OP2    . DT  B 1 2 ? 8.944   -7.069  5.188   1.00 0.00 -1 9   DT  B OP2    1 
ATOM   260 O "O5'"  . DT  B 1 2 ? 7.206   -8.330  6.493   1.00 0.00 ?  9   DT  B "O5'"  1 
ATOM   261 C "C5'"  . DT  B 1 2 ? 6.716   -9.372  7.367   1.00 0.00 ?  9   DT  B "C5'"  1 
ATOM   262 C "C4'"  . DT  B 1 2 ? 5.316   -8.905  7.829   1.00 0.00 ?  9   DT  B "C4'"  1 
ATOM   263 O "O4'"  . DT  B 1 2 ? 5.400   -7.614  8.311   1.00 0.00 ?  9   DT  B "O4'"  1 
ATOM   264 C "C3'"  . DT  B 1 2 ? 4.169   -8.970  6.857   1.00 0.00 ?  9   DT  B "C3'"  1 
ATOM   265 O "O3'"  . DT  B 1 2 ? 3.625   -10.234 6.950   1.00 0.00 ?  9   DT  B "O3'"  1 
ATOM   266 C "C2'"  . DT  B 1 2 ? 3.258   -7.862  7.381   1.00 0.00 ?  9   DT  B "C2'"  1 
ATOM   267 C "C1'"  . DT  B 1 2 ? 4.117   -7.003  8.292   1.00 0.00 ?  9   DT  B "C1'"  1 
ATOM   268 N N1     . DT  B 1 2 ? 4.308   -5.686  7.623   1.00 0.00 ?  9   DT  B N1     1 
ATOM   269 C C2     . DT  B 1 2 ? 3.632   -4.515  7.960   1.00 0.00 ?  9   DT  B C2     1 
ATOM   270 O O2     . DT  B 1 2 ? 2.755   -4.628  8.839   1.00 0.00 ?  9   DT  B O2     1 
ATOM   271 N N3     . DT  B 1 2 ? 3.869   -3.356  7.304   1.00 0.00 ?  9   DT  B N3     1 
ATOM   272 C C4     . DT  B 1 2 ? 4.773   -3.287  6.278   1.00 0.00 ?  9   DT  B C4     1 
ATOM   273 O O4     . DT  B 1 2 ? 4.932   -2.223  5.689   1.00 0.00 ?  9   DT  B O4     1 
ATOM   274 C C5     . DT  B 1 2 ? 5.533   -4.512  5.938   1.00 0.00 ?  9   DT  B C5     1 
ATOM   275 C C7     . DT  B 1 2 ? 6.374   -4.639  4.700   1.00 0.00 ?  9   DT  B C7     1 
ATOM   276 C C6     . DT  B 1 2 ? 5.192   -5.627  6.635   1.00 0.00 ?  9   DT  B C6     1 
ATOM   277 H "H5'"  . DT  B 1 2 ? 7.264   -9.519  8.298   1.00 0.00 ?  9   DT  B "H5'"  1 
ATOM   278 H "H5''" . DT  B 1 2 ? 6.759   -10.323 6.836   1.00 0.00 ?  9   DT  B "H5''" 1 
ATOM   279 H "H4'"  . DT  B 1 2 ? 5.102   -9.564  8.672   1.00 0.00 ?  9   DT  B "H4'"  1 
ATOM   280 H "H3'"  . DT  B 1 2 ? 4.468   -8.714  5.840   1.00 0.00 ?  9   DT  B "H3'"  1 
ATOM   281 H "H2'"  . DT  B 1 2 ? 2.787   -7.253  6.610   1.00 0.00 ?  9   DT  B "H2'"  1 
ATOM   282 H "H2''" . DT  B 1 2 ? 2.416   -8.163  8.004   1.00 0.00 ?  9   DT  B "H2''" 1 
ATOM   283 H "H1'"  . DT  B 1 2 ? 3.751   -6.978  9.318   1.00 0.00 ?  9   DT  B "H1'"  1 
ATOM   284 H H3     . DT  B 1 2 ? 3.336   -2.522  7.449   1.00 0.00 ?  9   DT  B H3     1 
ATOM   285 H H71    . DT  B 1 2 ? 5.914   -5.304  3.971   1.00 0.00 ?  9   DT  B H71    1 
ATOM   286 H H72    . DT  B 1 2 ? 6.586   -3.661  4.270   1.00 0.00 ?  9   DT  B H72    1 
ATOM   287 H H73    . DT  B 1 2 ? 7.360   -5.048  4.921   1.00 0.00 ?  9   DT  B H73    1 
ATOM   288 H H6     . DT  B 1 2 ? 5.703   -6.519  6.303   1.00 0.00 ?  9   DT  B H6     1 
ATOM   289 P P      . DA  B 1 3 ? 2.686   -10.659 5.795   1.00 0.00 ?  10  DA  B P      1 
ATOM   290 O OP1    . DA  B 1 3 ? 1.755   -11.814 6.258   1.00 0.00 ?  10  DA  B OP1    1 
ATOM   291 O OP2    . DA  B 1 3 ? 3.486   -11.156 4.557   1.00 0.00 -1 10  DA  B OP2    1 
ATOM   292 O "O5'"  . DA  B 1 3 ? 1.775   -9.491  5.385   1.00 0.00 ?  10  DA  B "O5'"  1 
ATOM   293 C "C5'"  . DA  B 1 3 ? 0.459   -9.732  4.811   1.00 0.00 ?  10  DA  B "C5'"  1 
ATOM   294 C "C4'"  . DA  B 1 3 ? -0.474  -8.739  5.377   1.00 0.00 ?  10  DA  B "C4'"  1 
ATOM   295 O "O4'"  . DA  B 1 3 ? 0.340   -7.578  5.428   1.00 0.00 ?  10  DA  B "O4'"  1 
ATOM   296 C "C3'"  . DA  B 1 3 ? -1.615  -8.546  4.407   1.00 0.00 ?  10  DA  B "C3'"  1 
ATOM   297 O "O3'"  . DA  B 1 3 ? -2.853  -8.420  5.128   1.00 0.00 ?  10  DA  B "O3'"  1 
ATOM   298 C "C2'"  . DA  B 1 3 ? -1.345  -7.121  3.953   1.00 0.00 ?  10  DA  B "C2'"  1 
ATOM   299 C "C1'"  . DA  B 1 3 ? -0.440  -6.543  4.984   1.00 0.00 ?  10  DA  B "C1'"  1 
ATOM   300 N N9     . DA  B 1 3 ? 0.396   -5.384  4.561   1.00 0.00 ?  10  DA  B N9     1 
ATOM   301 C C8     . DA  B 1 3 ? 1.538   -5.457  3.904   1.00 0.00 ?  10  DA  B C8     1 
ATOM   302 N N7     . DA  B 1 3 ? 2.218   -4.299  3.766   1.00 0.00 ?  10  DA  B N7     1 
ATOM   303 C C5     . DA  B 1 3 ? 1.424   -3.434  4.495   1.00 0.00 ?  10  DA  B C5     1 
ATOM   304 C C6     . DA  B 1 3 ? 1.596   -2.152  4.872   1.00 0.00 ?  10  DA  B C6     1 
ATOM   305 N N6     . DA  B 1 3 ? 2.631   -1.445  4.417   1.00 0.00 ?  10  DA  B N6     1 
ATOM   306 N N1     . DA  B 1 3 ? 0.690   -1.539  5.708   1.00 0.00 ?  10  DA  B N1     1 
ATOM   307 C C2     . DA  B 1 3 ? -0.420  -2.261  6.135   1.00 0.00 ?  10  DA  B C2     1 
ATOM   308 N N3     . DA  B 1 3 ? -0.606  -3.493  5.760   1.00 0.00 ?  10  DA  B N3     1 
ATOM   309 C C4     . DA  B 1 3 ? 0.300   -4.084  4.982   1.00 0.00 ?  10  DA  B C4     1 
ATOM   310 H "H5'"  . DA  B 1 3 ? 0.043   -10.699 5.094   1.00 0.00 ?  10  DA  B "H5'"  1 
ATOM   311 H "H5''" . DA  B 1 3 ? 0.580   -9.693  3.728   1.00 0.00 ?  10  DA  B "H5''" 1 
ATOM   312 H "H4'"  . DA  B 1 3 ? -0.819  -8.981  6.383   1.00 0.00 ?  10  DA  B "H4'"  1 
ATOM   313 H "H3'"  . DA  B 1 3 ? -1.686  -9.300  3.622   1.00 0.00 ?  10  DA  B "H3'"  1 
ATOM   314 H "H2'"  . DA  B 1 3 ? -0.843  -7.199  2.989   1.00 0.00 ?  10  DA  B "H2'"  1 
ATOM   315 H "H2''" . DA  B 1 3 ? -2.272  -6.576  3.778   1.00 0.00 ?  10  DA  B "H2''" 1 
ATOM   316 H "H1'"  . DA  B 1 3 ? -1.063  -6.176  5.800   1.00 0.00 ?  10  DA  B "H1'"  1 
ATOM   317 H H8     . DA  B 1 3 ? 1.998   -6.382  3.589   1.00 0.00 ?  10  DA  B H8     1 
ATOM   318 H H61    . DA  B 1 3 ? 2.889   -0.593  4.872   1.00 0.00 ?  10  DA  B H61    1 
ATOM   319 H H62    . DA  B 1 3 ? 3.106   -1.925  3.680   1.00 0.00 ?  10  DA  B H62    1 
ATOM   320 H H2     . DA  B 1 3 ? -1.129  -1.857  6.842   1.00 0.00 ?  10  DA  B H2     1 
ATOM   321 P P      . DG  B 1 4 ? -4.059  -9.366  5.023   1.00 0.00 ?  11  DG  B P      1 
ATOM   322 O OP1    . DG  B 1 4 ? -4.651  -9.484  6.457   1.00 0.00 ?  11  DG  B OP1    1 
ATOM   323 O OP2    . DG  B 1 4 ? -3.657  -10.740 4.523   1.00 0.00 -1 11  DG  B OP2    1 
ATOM   324 O "O5'"  . DG  B 1 4 ? -5.203  -8.754  4.103   1.00 0.00 ?  11  DG  B "O5'"  1 
ATOM   325 C "C5'"  . DG  B 1 4 ? -6.277  -7.932  4.654   1.00 0.00 ?  11  DG  B "C5'"  1 
ATOM   326 C "C4'"  . DG  B 1 4 ? -6.501  -6.832  3.681   1.00 0.00 ?  11  DG  B "C4'"  1 
ATOM   327 O "O4'"  . DG  B 1 4 ? -5.404  -5.939  3.550   1.00 0.00 ?  11  DG  B "O4'"  1 
ATOM   328 C "C3'"  . DG  B 1 4 ? -6.655  -7.478  2.228   1.00 0.00 ?  11  DG  B "C3'"  1 
ATOM   329 O "O3'"  . DG  B 1 4 ? -7.847  -6.893  1.717   1.00 0.00 ?  11  DG  B "O3'"  1 
ATOM   330 C "C2'"  . DG  B 1 4 ? -5.437  -7.051  1.513   1.00 0.00 ?  11  DG  B "C2'"  1 
ATOM   331 C "C1'"  . DG  B 1 4 ? -5.201  -5.750  2.168   1.00 0.00 ?  11  DG  B "C1'"  1 
ATOM   332 N N9     . DG  B 1 4 ? -3.898  -5.242  1.975   1.00 0.00 ?  11  DG  B N9     1 
ATOM   333 C C8     . DG  B 1 4 ? -2.864  -5.788  1.301   1.00 0.00 ?  11  DG  B C8     1 
ATOM   334 N N7     . DG  B 1 4 ? -1.770  -4.980  1.203   1.00 0.00 ?  11  DG  B N7     1 
ATOM   335 C C5     . DG  B 1 4 ? -2.123  -3.798  1.895   1.00 0.00 ?  11  DG  B C5     1 
ATOM   336 C C6     . DG  B 1 4 ? -1.432  -2.561  2.118   1.00 0.00 ?  11  DG  B C6     1 
ATOM   337 O O6     . DG  B 1 4 ? -0.219  -2.327  1.898   1.00 0.00 ?  11  DG  B O6     1 
ATOM   338 N N1     . DG  B 1 4 ? -2.216  -1.576  2.833   1.00 0.00 ?  11  DG  B N1     1 
ATOM   339 C C2     . DG  B 1 4 ? -3.440  -1.791  3.176   1.00 0.00 ?  11  DG  B C2     1 
ATOM   340 N N2     . DG  B 1 4 ? -4.062  -0.894  3.906   1.00 0.00 ?  11  DG  B N2     1 
ATOM   341 N N3     . DG  B 1 4 ? -4.085  -2.979  2.928   1.00 0.00 ?  11  DG  B N3     1 
ATOM   342 C C4     . DG  B 1 4 ? -3.440  -3.952  2.339   1.00 0.00 ?  11  DG  B C4     1 
ATOM   343 H "H5'"  . DG  B 1 4 ? -6.162  -7.655  5.702   1.00 0.00 ?  11  DG  B "H5'"  1 
ATOM   344 H "H5''" . DG  B 1 4 ? -7.160  -8.571  4.667   1.00 0.00 ?  11  DG  B "H5''" 1 
ATOM   345 H "H4'"  . DG  B 1 4 ? -7.367  -6.234  3.965   1.00 0.00 ?  11  DG  B "H4'"  1 
ATOM   346 H "H3'"  . DG  B 1 4 ? -6.780  -8.560  2.214   1.00 0.00 ?  11  DG  B "H3'"  1 
ATOM   347 H "H2'"  . DG  B 1 4 ? -4.616  -7.752  1.665   1.00 0.00 ?  11  DG  B "H2'"  1 
ATOM   348 H "H2''" . DG  B 1 4 ? -5.483  -7.126  0.426   1.00 0.00 ?  11  DG  B "H2''" 1 
ATOM   349 H "H1'"  . DG  B 1 4 ? -5.888  -4.971  1.838   1.00 0.00 ?  11  DG  B "H1'"  1 
ATOM   350 H H8     . DG  B 1 4 ? -2.665  -6.778  0.918   1.00 0.00 ?  11  DG  B H8     1 
ATOM   351 H H1     . DG  B 1 4 ? -1.826  -0.691  2.992   1.00 0.00 ?  11  DG  B H1     1 
ATOM   352 H H21    . DG  B 1 4 ? -3.840  0.073   3.781   1.00 0.00 ?  11  DG  B H21    1 
ATOM   353 H H22    . DG  B 1 4 ? -4.791  -1.077  4.566   1.00 0.00 ?  11  DG  B H22    1 
ATOM   354 P P      . DG  B 1 5 ? -9.009  -7.847  1.172   1.00 0.00 ?  12  DG  B P      1 
ATOM   355 O OP1    . DG  B 1 5 ? -9.528  -8.809  2.258   1.00 0.00 ?  12  DG  B OP1    1 
ATOM   356 O OP2    . DG  B 1 5 ? -8.455  -8.618  -0.066  1.00 0.00 -1 12  DG  B OP2    1 
ATOM   357 O "O5'"  . DG  B 1 5 ? -10.214 -7.125  0.626   1.00 0.00 ?  12  DG  B "O5'"  1 
ATOM   358 C "C5'"  . DG  B 1 5 ? -10.738 -5.972  1.256   1.00 0.00 ?  12  DG  B "C5'"  1 
ATOM   359 C "C4'"  . DG  B 1 5 ? -10.392 -4.756  0.355   1.00 0.00 ?  12  DG  B "C4'"  1 
ATOM   360 O "O4'"  . DG  B 1 5 ? -8.995  -4.485  0.364   1.00 0.00 ?  12  DG  B "O4'"  1 
ATOM   361 C "C3'"  . DG  B 1 5 ? -10.750 -5.072  -1.160  1.00 0.00 ?  12  DG  B "C3'"  1 
ATOM   362 O "O3'"  . DG  B 1 5 ? -11.518 -3.961  -1.640  1.00 0.00 ?  12  DG  B "O3'"  1 
ATOM   363 C "C2'"  . DG  B 1 5 ? -9.377  -5.026  -1.820  1.00 0.00 ?  12  DG  B "C2'"  1 
ATOM   364 C "C1'"  . DG  B 1 5 ? -8.752  -3.945  -0.897  1.00 0.00 ?  12  DG  B "C1'"  1 
ATOM   365 N N9     . DG  B 1 5 ? -7.252  -3.900  -1.073  1.00 0.00 ?  12  DG  B N9     1 
ATOM   366 C C8     . DG  B 1 5 ? -6.445  -4.945  -0.985  1.00 0.00 ?  12  DG  B C8     1 
ATOM   367 N N7     . DG  B 1 5 ? -5.117  -4.605  -0.949  1.00 0.00 ?  12  DG  B N7     1 
ATOM   368 C C5     . DG  B 1 5 ? -5.141  -3.208  -1.020  1.00 0.00 ?  12  DG  B C5     1 
ATOM   369 C C6     . DG  B 1 5 ? -4.020  -2.260  -0.867  1.00 0.00 ?  12  DG  B C6     1 
ATOM   370 O O6     . DG  B 1 5 ? -2.833  -2.489  -0.930  1.00 0.00 ?  12  DG  B O6     1 
ATOM   371 N N1     . DG  B 1 5 ? -4.505  -0.899  -0.905  1.00 0.00 ?  12  DG  B N1     1 
ATOM   372 C C2     . DG  B 1 5 ? -5.831  -0.584  -1.018  1.00 0.00 ?  12  DG  B C2     1 
ATOM   373 N N2     . DG  B 1 5 ? -6.325  0.725   -1.203  1.00 0.00 ?  12  DG  B N2     1 
ATOM   374 N N3     . DG  B 1 5 ? -6.797  -1.459  -1.087  1.00 0.00 ?  12  DG  B N3     1 
ATOM   375 C C4     . DG  B 1 5 ? -6.451  -2.768  -1.101  1.00 0.00 ?  12  DG  B C4     1 
ATOM   376 H "H5'"  . DG  B 1 5 ? -10.172 -5.771  2.166   1.00 0.00 ?  12  DG  B "H5'"  1 
ATOM   377 H "H5''" . DG  B 1 5 ? -11.812 -6.018  1.436   1.00 0.00 ?  12  DG  B "H5''" 1 
ATOM   378 H "H4'"  . DG  B 1 5 ? -10.906 -3.865  0.715   1.00 0.00 ?  12  DG  B "H4'"  1 
ATOM   379 H "H3'"  . DG  B 1 5 ? -11.341 -5.940  -1.451  1.00 0.00 ?  12  DG  B "H3'"  1 
ATOM   380 H "H2'"  . DG  B 1 5 ? -8.926  -6.018  -1.826  1.00 0.00 ?  12  DG  B "H2'"  1 
ATOM   381 H "H2''" . DG  B 1 5 ? -9.213  -4.584  -2.803  1.00 0.00 ?  12  DG  B "H2''" 1 
ATOM   382 H "H1'"  . DG  B 1 5 ? -9.187  -2.955  -1.035  1.00 0.00 ?  12  DG  B "H1'"  1 
ATOM   383 H H8     . DG  B 1 5 ? -6.905  -5.917  -0.896  1.00 0.00 ?  12  DG  B H8     1 
ATOM   384 H H1     . DG  B 1 5 ? -3.821  -0.200  -0.839  1.00 0.00 ?  12  DG  B H1     1 
ATOM   385 H H21    . DG  B 1 5 ? -5.814  1.500   -0.830  1.00 0.00 ?  12  DG  B H21    1 
ATOM   386 H H22    . DG  B 1 5 ? -7.190  0.850   -1.688  1.00 0.00 ?  12  DG  B H22    1 
ATOM   387 P P      . DG  B 1 6 ? -13.016 -3.854  -1.636  1.00 0.00 ?  13  DG  B P      1 
ATOM   388 O OP1    . DG  B 1 6 ? -13.661 -4.315  -0.287  1.00 0.00 ?  13  DG  B OP1    1 
ATOM   389 O OP2    . DG  B 1 6 ? -13.545 -4.815  -2.703  1.00 0.00 -1 13  DG  B OP2    1 
ATOM   390 O "O5'"  . DG  B 1 6 ? -13.583 -2.458  -1.920  1.00 0.00 ?  13  DG  B "O5'"  1 
ATOM   391 C "C5'"  . DG  B 1 6 ? -13.145 -1.389  -1.076  1.00 0.00 ?  13  DG  B "C5'"  1 
ATOM   392 C "C4'"  . DG  B 1 6 ? -12.748 -0.250  -1.971  1.00 0.00 ?  13  DG  B "C4'"  1 
ATOM   393 O "O4'"  . DG  B 1 6 ? -11.347 -0.389  -2.140  1.00 0.00 ?  13  DG  B "O4'"  1 
ATOM   394 C "C3'"  . DG  B 1 6 ? -13.326 -0.184  -3.388  1.00 0.00 ?  13  DG  B "C3'"  1 
ATOM   395 O "O3'"  . DG  B 1 6 ? -13.571 1.140   -3.727  1.00 0.00 ?  13  DG  B "O3'"  1 
ATOM   396 C "C2'"  . DG  B 1 6 ? -12.116 -0.682  -4.208  1.00 0.00 ?  13  DG  B "C2'"  1 
ATOM   397 C "C1'"  . DG  B 1 6 ? -10.901 -0.130  -3.502  1.00 0.00 ?  13  DG  B "C1'"  1 
ATOM   398 N N9     . DG  B 1 6 ? -9.713  -0.907  -3.855  1.00 0.00 ?  13  DG  B N9     1 
ATOM   399 C C8     . DG  B 1 6 ? -9.519  -2.224  -4.129  1.00 0.00 ?  13  DG  B C8     1 
ATOM   400 N N7     . DG  B 1 6 ? -8.309  -2.433  -4.676  1.00 0.00 ?  13  DG  B N7     1 
ATOM   401 C C5     . DG  B 1 6 ? -7.667  -1.225  -4.724  1.00 0.00 ?  13  DG  B C5     1 
ATOM   402 C C6     . DG  B 1 6 ? -6.404  -0.776  -5.202  1.00 0.00 ?  13  DG  B C6     1 
ATOM   403 O O6     . DG  B 1 6 ? -5.516  -1.437  -5.720  1.00 0.00 ?  13  DG  B O6     1 
ATOM   404 N N1     . DG  B 1 6 ? -6.189  0.571   -5.090  1.00 0.00 ?  13  DG  B N1     1 
ATOM   405 C C2     . DG  B 1 6 ? -7.070  1.431   -4.618  1.00 0.00 ?  13  DG  B C2     1 
ATOM   406 N N2     . DG  B 1 6 ? -6.923  2.728   -4.729  1.00 0.00 ?  13  DG  B N2     1 
ATOM   407 N N3     . DG  B 1 6 ? -8.258  1.074   -4.183  1.00 0.00 ?  13  DG  B N3     1 
ATOM   408 C C4     . DG  B 1 6 ? -8.554  -0.234  -4.194  1.00 0.00 ?  13  DG  B C4     1 
ATOM   409 H "H5'"  . DG  B 1 6 ? -12.384 -1.726  -0.373  1.00 0.00 ?  13  DG  B "H5'"  1 
ATOM   410 H "H5''" . DG  B 1 6 ? -14.013 -1.069  -0.500  1.00 0.00 ?  13  DG  B "H5''" 1 
ATOM   411 H "H4'"  . DG  B 1 6 ? -12.944 0.700   -1.476  1.00 0.00 ?  13  DG  B "H4'"  1 
ATOM   412 H "H3'"  . DG  B 1 6 ? -14.241 -0.750  -3.559  1.00 0.00 ?  13  DG  B "H3'"  1 
ATOM   413 H "H2'"  . DG  B 1 6 ? -12.183 -1.768  -4.126  1.00 0.00 ?  13  DG  B "H2'"  1 
ATOM   414 H "H2''" . DG  B 1 6 ? -12.114 -0.435  -5.270  1.00 0.00 ?  13  DG  B "H2''" 1 
ATOM   415 H "H1'"  . DG  B 1 6 ? -10.741 0.936   -3.664  1.00 0.00 ?  13  DG  B "H1'"  1 
ATOM   416 H H8     . DG  B 1 6 ? -10.356 -2.885  -3.954  1.00 0.00 ?  13  DG  B H8     1 
ATOM   417 H H1     . DG  B 1 6 ? -5.335  0.963   -5.368  1.00 0.00 ?  13  DG  B H1     1 
ATOM   418 H H21    . DG  B 1 6 ? -6.235  3.182   -5.295  1.00 0.00 ?  13  DG  B H21    1 
ATOM   419 H H22    . DG  B 1 6 ? -7.521  3.381   -4.264  1.00 0.00 ?  13  DG  B H22    1 
ATOM   420 P P      . DT  B 1 7 ? -14.216 1.334   -5.098  1.00 0.00 ?  14  DT  B P      1 
ATOM   421 O OP1    . DT  B 1 7 ? -15.292 2.412   -4.999  1.00 0.00 ?  14  DT  B OP1    1 
ATOM   422 O OP2    . DT  B 1 7 ? -14.896 0.036   -5.613  1.00 0.00 -1 14  DT  B OP2    1 
ATOM   423 O "O5'"  . DT  B 1 7 ? -13.163 1.708   -6.223  1.00 0.00 ?  14  DT  B "O5'"  1 
ATOM   424 C "C5'"  . DT  B 1 7 ? -12.113 2.618   -5.871  1.00 0.00 ?  14  DT  B "C5'"  1 
ATOM   425 C "C4'"  . DT  B 1 7 ? -10.781 2.168   -6.546  1.00 0.00 ?  14  DT  B "C4'"  1 
ATOM   426 O "O4'"  . DT  B 1 7 ? -10.822 0.735   -6.742  1.00 0.00 ?  14  DT  B "O4'"  1 
ATOM   427 C "C3'"  . DT  B 1 7 ? -10.790 2.719   -8.026  1.00 0.00 ?  14  DT  B "C3'"  1 
ATOM   428 O "O3'"  . DT  B 1 7 ? -9.972  3.918   -8.244  1.00 0.00 ?  14  DT  B "O3'"  1 
ATOM   429 C "C2'"  . DT  B 1 7 ? -10.397 1.499   -8.875  1.00 0.00 ?  14  DT  B "C2'"  1 
ATOM   430 C "C1'"  . DT  B 1 7 ? -10.017 0.453   -7.830  1.00 0.00 ?  14  DT  B "C1'"  1 
ATOM   431 N N1     . DT  B 1 7 ? -10.013 -0.893  -8.293  1.00 0.00 ?  14  DT  B N1     1 
ATOM   432 C C2     . DT  B 1 7 ? -8.878  -1.461  -8.779  1.00 0.00 ?  14  DT  B C2     1 
ATOM   433 O O2     . DT  B 1 7 ? -7.828  -0.848  -8.965  1.00 0.00 ?  14  DT  B O2     1 
ATOM   434 N N3     . DT  B 1 7 ? -8.865  -2.780  -9.067  1.00 0.00 ?  14  DT  B N3     1 
ATOM   435 C C4     . DT  B 1 7 ? -9.934  -3.563  -8.996  1.00 0.00 ?  14  DT  B C4     1 
ATOM   436 O O4     . DT  B 1 7 ? -9.931  -4.814  -9.081  1.00 0.00 ?  14  DT  B O4     1 
ATOM   437 C C5     . DT  B 1 7 ? -11.180 -2.946  -8.507  1.00 0.00 ?  14  DT  B C5     1 
ATOM   438 C C7     . DT  B 1 7 ? -12.501 -3.718  -8.530  1.00 0.00 ?  14  DT  B C7     1 
ATOM   439 C C6     . DT  B 1 7 ? -11.114 -1.602  -8.178  1.00 0.00 ?  14  DT  B C6     1 
ATOM   440 H "H5'"  . DT  B 1 7 ? -11.940 2.666   -4.796  1.00 0.00 ?  14  DT  B "H5'"  1 
ATOM   441 H "H5''" . DT  B 1 7 ? -12.342 3.625   -6.220  1.00 0.00 ?  14  DT  B "H5''" 1 
ATOM   442 H "H4'"  . DT  B 1 7 ? -9.820  2.427   -6.104  1.00 0.00 ?  14  DT  B "H4'"  1 
ATOM   443 H "H3'"  . DT  B 1 7 ? -11.784 2.994   -8.380  1.00 0.00 ?  14  DT  B "H3'"  1 
ATOM   444 H "HO3'" . DT  B 1 7 ? -10.201 4.549   -7.574  1.00 0.00 ?  14  DT  B "HO3'" 1 
ATOM   445 H "H2'"  . DT  B 1 7 ? -11.242 1.106   -9.440  1.00 0.00 ?  14  DT  B "H2'"  1 
ATOM   446 H "H2''" . DT  B 1 7 ? -9.706  1.824   -9.654  1.00 0.00 ?  14  DT  B "H2''" 1 
ATOM   447 H "H1'"  . DT  B 1 7 ? -9.021  0.675   -7.448  1.00 0.00 ?  14  DT  B "H1'"  1 
ATOM   448 H H3     . DT  B 1 7 ? -8.011  -3.078  -9.493  1.00 0.00 ?  14  DT  B H3     1 
ATOM   449 H H71    . DT  B 1 7 ? -12.966 -3.248  -9.397  1.00 0.00 ?  14  DT  B H71    1 
ATOM   450 H H72    . DT  B 1 7 ? -12.360 -4.793  -8.642  1.00 0.00 ?  14  DT  B H72    1 
ATOM   451 H H73    . DT  B 1 7 ? -13.116 -3.374  -7.699  1.00 0.00 ?  14  DT  B H73    1 
ATOM   452 H H6     . DT  B 1 7 ? -12.007 -1.099  -7.837  1.00 0.00 ?  14  DT  B H6     1 
ATOM   453 O "O5'"  . DT  C 1 1 ? 10.581  4.006   10.196  1.00 0.00 ?  15  DT  C "O5'"  1 
ATOM   454 C "C5'"  . DT  C 1 1 ? 10.570  3.032   11.232  1.00 0.00 ?  15  DT  C "C5'"  1 
ATOM   455 C "C4'"  . DT  C 1 1 ? 10.878  1.604   10.822  1.00 0.00 ?  15  DT  C "C4'"  1 
ATOM   456 O "O4'"  . DT  C 1 1 ? 10.273  0.634   11.667  1.00 0.00 ?  15  DT  C "O4'"  1 
ATOM   457 C "C3'"  . DT  C 1 1 ? 10.407  1.258   9.364   1.00 0.00 ?  15  DT  C "C3'"  1 
ATOM   458 O "O3'"  . DT  C 1 1 ? 11.521  0.756   8.692   1.00 0.00 ?  15  DT  C "O3'"  1 
ATOM   459 C "C2'"  . DT  C 1 1 ? 9.353   0.208   9.641   1.00 0.00 ?  15  DT  C "C2'"  1 
ATOM   460 C "C1'"  . DT  C 1 1 ? 9.890   -0.479  10.891  1.00 0.00 ?  15  DT  C "C1'"  1 
ATOM   461 N N1     . DT  C 1 1 ? 8.839   -1.314  11.488  1.00 0.00 ?  15  DT  C N1     1 
ATOM   462 C C2     . DT  C 1 1 ? 8.684   -2.621  11.034  1.00 0.00 ?  15  DT  C C2     1 
ATOM   463 O O2     . DT  C 1 1 ? 9.495   -2.996  10.207  1.00 0.00 ?  15  DT  C O2     1 
ATOM   464 N N3     . DT  C 1 1 ? 7.662   -3.351  11.480  1.00 0.00 ?  15  DT  C N3     1 
ATOM   465 C C4     . DT  C 1 1 ? 6.737   -2.857  12.403  1.00 0.00 ?  15  DT  C C4     1 
ATOM   466 O O4     . DT  C 1 1 ? 5.857   -3.561  12.862  1.00 0.00 ?  15  DT  C O4     1 
ATOM   467 C C5     . DT  C 1 1 ? 6.930   -1.474  12.883  1.00 0.00 ?  15  DT  C C5     1 
ATOM   468 C C7     . DT  C 1 1 ? 5.808   -0.742  13.501  1.00 0.00 ?  15  DT  C C7     1 
ATOM   469 C C6     . DT  C 1 1 ? 7.988   -0.742  12.365  1.00 0.00 ?  15  DT  C C6     1 
ATOM   470 H "H5'"  . DT  C 1 1 ? 9.609   3.172   11.725  1.00 0.00 ?  15  DT  C "H5'"  1 
ATOM   471 H "H5''" . DT  C 1 1 ? 11.327  3.330   11.958  1.00 0.00 ?  15  DT  C "H5''" 1 
ATOM   472 H "H4'"  . DT  C 1 1 ? 11.953  1.433   10.774  1.00 0.00 ?  15  DT  C "H4'"  1 
ATOM   473 H "H3'"  . DT  C 1 1 ? 9.949   2.093   8.832   1.00 0.00 ?  15  DT  C "H3'"  1 
ATOM   474 H "H2'"  . DT  C 1 1 ? 8.439   0.804   9.643   1.00 0.00 ?  15  DT  C "H2'"  1 
ATOM   475 H "H2''" . DT  C 1 1 ? 9.267   -0.483  8.802   1.00 0.00 ?  15  DT  C "H2''" 1 
ATOM   476 H "H1'"  . DT  C 1 1 ? 10.848  -0.984  10.773  1.00 0.00 ?  15  DT  C "H1'"  1 
ATOM   477 H H3     . DT  C 1 1 ? 7.248   -4.226  11.228  1.00 0.00 ?  15  DT  C H3     1 
ATOM   478 H H71    . DT  C 1 1 ? 4.890   -1.036  12.993  1.00 0.00 ?  15  DT  C H71    1 
ATOM   479 H H72    . DT  C 1 1 ? 5.681   -1.075  14.531  1.00 0.00 ?  15  DT  C H72    1 
ATOM   480 H H73    . DT  C 1 1 ? 5.927   0.333   13.373  1.00 0.00 ?  15  DT  C H73    1 
ATOM   481 H H6     . DT  C 1 1 ? 8.061   0.272   12.730  1.00 0.00 ?  15  DT  C H6     1 
ATOM   482 H "HO5'" . DT  C 1 1 ? 11.285  3.929   9.566   1.00 0.00 ?  15  DT  C "HO5'" 1 
ATOM   483 P P      . DT  C 1 2 ? 12.298  1.578   7.666   1.00 0.00 ?  16  DT  C P      1 
ATOM   484 O OP1    . DT  C 1 2 ? 13.625  0.820   7.547   1.00 0.00 ?  16  DT  C OP1    1 
ATOM   485 O OP2    . DT  C 1 2 ? 12.476  3.050   8.228   1.00 0.00 -1 16  DT  C OP2    1 
ATOM   486 O "O5'"  . DT  C 1 2 ? 11.671  1.616   6.282   1.00 0.00 ?  16  DT  C "O5'"  1 
ATOM   487 C "C5'"  . DT  C 1 2 ? 12.465  1.782   5.099   1.00 0.00 ?  16  DT  C "C5'"  1 
ATOM   488 C "C4'"  . DT  C 1 2 ? 12.005  0.682   4.106   1.00 0.00 ?  16  DT  C "C4'"  1 
ATOM   489 O "O4'"  . DT  C 1 2 ? 10.590  0.573   4.329   1.00 0.00 ?  16  DT  C "O4'"  1 
ATOM   490 C "C3'"  . DT  C 1 2 ? 12.092  1.009   2.616   1.00 0.00 ?  16  DT  C "C3'"  1 
ATOM   491 O "O3'"  . DT  C 1 2 ? 12.509  -0.158  2.013   1.00 0.00 ?  16  DT  C "O3'"  1 
ATOM   492 C "C2'"  . DT  C 1 2 ? 10.617  1.284   2.075   1.00 0.00 ?  16  DT  C "C2'"  1 
ATOM   493 C "C1'"  . DT  C 1 2 ? 9.918   0.384   3.104   1.00 0.00 ?  16  DT  C "C1'"  1 
ATOM   494 N N1     . DT  C 1 2 ? 8.431   0.543   3.399   1.00 0.00 ?  16  DT  C N1     1 
ATOM   495 C C2     . DT  C 1 2 ? 7.769   -0.512  4.115   1.00 0.00 ?  16  DT  C C2     1 
ATOM   496 O O2     . DT  C 1 2 ? 8.421   -1.521  4.363   1.00 0.00 ?  16  DT  C O2     1 
ATOM   497 N N3     . DT  C 1 2 ? 6.508   -0.317  4.490   1.00 0.00 ?  16  DT  C N3     1 
ATOM   498 C C4     . DT  C 1 2 ? 5.772   0.774   4.263   1.00 0.00 ?  16  DT  C C4     1 
ATOM   499 O O4     . DT  C 1 2 ? 4.675   0.854   4.660   1.00 0.00 ?  16  DT  C O4     1 
ATOM   500 C C5     . DT  C 1 2 ? 6.390   1.849   3.529   1.00 0.00 ?  16  DT  C C5     1 
ATOM   501 C C7     . DT  C 1 2 ? 5.647   3.095   3.319   1.00 0.00 ?  16  DT  C C7     1 
ATOM   502 C C6     . DT  C 1 2 ? 7.743   1.680   3.131   1.00 0.00 ?  16  DT  C C6     1 
ATOM   503 H "H5'"  . DT  C 1 2 ? 13.552  1.765   5.184   1.00 0.00 ?  16  DT  C "H5'"  1 
ATOM   504 H "H5''" . DT  C 1 2 ? 12.419  2.791   4.690   1.00 0.00 ?  16  DT  C "H5''" 1 
ATOM   505 H "H4'"  . DT  C 1 2 ? 12.571  -0.227  4.308   1.00 0.00 ?  16  DT  C "H4'"  1 
ATOM   506 H "H3'"  . DT  C 1 2 ? 12.840  1.784   2.451   1.00 0.00 ?  16  DT  C "H3'"  1 
ATOM   507 H "H2'"  . DT  C 1 2 ? 10.274  2.304   2.250   1.00 0.00 ?  16  DT  C "H2'"  1 
ATOM   508 H "H2''" . DT  C 1 2 ? 10.373  0.883   1.091   1.00 0.00 ?  16  DT  C "H2''" 1 
ATOM   509 H "H1'"  . DT  C 1 2 ? 10.100  -0.672  2.906   1.00 0.00 ?  16  DT  C "H1'"  1 
ATOM   510 H H3     . DT  C 1 2 ? 5.988   -1.033  4.955   1.00 0.00 ?  16  DT  C H3     1 
ATOM   511 H H71    . DT  C 1 2 ? 5.571   3.837   4.114   1.00 0.00 ?  16  DT  C H71    1 
ATOM   512 H H72    . DT  C 1 2 ? 6.026   3.543   2.401   1.00 0.00 ?  16  DT  C H72    1 
ATOM   513 H H73    . DT  C 1 2 ? 4.632   2.742   3.139   1.00 0.00 ?  16  DT  C H73    1 
ATOM   514 H H6     . DT  C 1 2 ? 8.337   2.442   2.647   1.00 0.00 ?  16  DT  C H6     1 
ATOM   515 P P      . DA  C 1 3 ? 13.148  -0.139  0.542   1.00 0.00 ?  17  DA  C P      1 
ATOM   516 O OP1    . DA  C 1 3 ? 13.764  -1.555  0.397   1.00 0.00 ?  17  DA  C OP1    1 
ATOM   517 O OP2    . DA  C 1 3 ? 14.286  0.892   0.474   1.00 0.00 -1 17  DA  C OP2    1 
ATOM   518 O "O5'"  . DA  C 1 3 ? 12.034  0.109   -0.534  1.00 0.00 ?  17  DA  C "O5'"  1 
ATOM   519 C "C5'"  . DA  C 1 3 ? 11.744  -0.791  -1.629  1.00 0.00 ?  17  DA  C "C5'"  1 
ATOM   520 C "C4'"  . DA  C 1 3 ? 11.019  -1.986  -1.070  1.00 0.00 ?  17  DA  C "C4'"  1 
ATOM   521 O "O4'"  . DA  C 1 3 ? 10.222  -1.657  0.029   1.00 0.00 ?  17  DA  C "O4'"  1 
ATOM   522 C "C3'"  . DA  C 1 3 ? 10.173  -2.691  -2.076  1.00 0.00 ?  17  DA  C "C3'"  1 
ATOM   523 O "O3'"  . DA  C 1 3 ? 10.793  -3.770  -2.759  1.00 0.00 ?  17  DA  C "O3'"  1 
ATOM   524 C "C2'"  . DA  C 1 3 ? 9.011   -3.174  -1.206  1.00 0.00 ?  17  DA  C "C2'"  1 
ATOM   525 C "C1'"  . DA  C 1 3 ? 8.993   -2.395  0.096   1.00 0.00 ?  17  DA  C "C1'"  1 
ATOM   526 N N9     . DA  C 1 3 ? 7.802   -1.520  0.265   1.00 0.00 ?  17  DA  C N9     1 
ATOM   527 C C8     . DA  C 1 3 ? 7.672   -0.188  0.010   1.00 0.00 ?  17  DA  C C8     1 
ATOM   528 N N7     . DA  C 1 3 ? 6.454   0.305   0.354   1.00 0.00 ?  17  DA  C N7     1 
ATOM   529 C C5     . DA  C 1 3 ? 5.732   -0.737  0.848   1.00 0.00 ?  17  DA  C C5     1 
ATOM   530 C C6     . DA  C 1 3 ? 4.482   -0.816  1.407   1.00 0.00 ?  17  DA  C C6     1 
ATOM   531 N N6     . DA  C 1 3 ? 3.711   0.247   1.827   1.00 0.00 ?  17  DA  C N6     1 
ATOM   532 N N1     . DA  C 1 3 ? 4.043   -2.018  1.843   1.00 0.00 ?  17  DA  C N1     1 
ATOM   533 C C2     . DA  C 1 3 ? 4.820   -3.076  1.709   1.00 0.00 ?  17  DA  C C2     1 
ATOM   534 N N3     . DA  C 1 3 ? 6.072   -3.084  1.178   1.00 0.00 ?  17  DA  C N3     1 
ATOM   535 C C4     . DA  C 1 3 ? 6.520   -1.876  0.767   1.00 0.00 ?  17  DA  C C4     1 
ATOM   536 H "H5'"  . DA  C 1 3 ? 12.658  -1.086  -2.145  1.00 0.00 ?  17  DA  C "H5'"  1 
ATOM   537 H "H5''" . DA  C 1 3 ? 11.114  -0.188  -2.283  1.00 0.00 ?  17  DA  C "H5''" 1 
ATOM   538 H "H4'"  . DA  C 1 3 ? 11.795  -2.650  -0.689  1.00 0.00 ?  17  DA  C "H4'"  1 
ATOM   539 H "H3'"  . DA  C 1 3 ? 9.772   -1.991  -2.809  1.00 0.00 ?  17  DA  C "H3'"  1 
ATOM   540 H "H2'"  . DA  C 1 3 ? 8.028   -3.236  -1.672  1.00 0.00 ?  17  DA  C "H2'"  1 
ATOM   541 H "H2''" . DA  C 1 3 ? 9.206   -4.213  -0.942  1.00 0.00 ?  17  DA  C "H2''" 1 
ATOM   542 H "H1'"  . DA  C 1 3 ? 9.165   -3.023  0.970   1.00 0.00 ?  17  DA  C "H1'"  1 
ATOM   543 H H8     . DA  C 1 3 ? 8.501   0.375   -0.390  1.00 0.00 ?  17  DA  C H8     1 
ATOM   544 H H61    . DA  C 1 3 ? 2.914   0.014   2.383   1.00 0.00 ?  17  DA  C H61    1 
ATOM   545 H H62    . DA  C 1 3 ? 3.892   1.202   1.595   1.00 0.00 ?  17  DA  C H62    1 
ATOM   546 H H2     . DA  C 1 3 ? 4.445   -4.038  2.026   1.00 0.00 ?  17  DA  C H2     1 
ATOM   547 P P      . DG  C 1 4 ? 10.583  -3.955  -4.329  1.00 0.00 ?  18  DG  C P      1 
ATOM   548 O OP1    . DG  C 1 4 ? 11.526  -5.130  -4.580  1.00 0.00 ?  18  DG  C OP1    1 
ATOM   549 O OP2    . DG  C 1 4 ? 10.888  -2.658  -5.125  1.00 0.00 -1 18  DG  C OP2    1 
ATOM   550 O "O5'"  . DG  C 1 4 ? 9.211   -4.477  -4.715  1.00 0.00 ?  18  DG  C "O5'"  1 
ATOM   551 C "C5'"  . DG  C 1 4 ? 8.791   -5.733  -4.206  1.00 0.00 ?  18  DG  C "C5'"  1 
ATOM   552 C "C4'"  . DG  C 1 4 ? 7.302   -5.860  -3.836  1.00 0.00 ?  18  DG  C "C4'"  1 
ATOM   553 O "O4'"  . DG  C 1 4 ? 6.738   -4.762  -3.120  1.00 0.00 ?  18  DG  C "O4'"  1 
ATOM   554 C "C3'"  . DG  C 1 4 ? 6.455   -5.847  -5.134  1.00 0.00 ?  18  DG  C "C3'"  1 
ATOM   555 O "O3'"  . DG  C 1 4 ? 5.475   -6.909  -5.051  1.00 0.00 ?  18  DG  C "O3'"  1 
ATOM   556 C "C2'"  . DG  C 1 4 ? 5.593   -4.552  -4.966  1.00 0.00 ?  18  DG  C "C2'"  1 
ATOM   557 C "C1'"  . DG  C 1 4 ? 5.397   -4.593  -3.481  1.00 0.00 ?  18  DG  C "C1'"  1 
ATOM   558 N N9     . DG  C 1 4 ? 4.849   -3.401  -2.844  1.00 0.00 ?  18  DG  C N9     1 
ATOM   559 C C8     . DG  C 1 4 ? 5.122   -2.110  -3.108  1.00 0.00 ?  18  DG  C C8     1 
ATOM   560 N N7     . DG  C 1 4 ? 4.306   -1.220  -2.468  1.00 0.00 ?  18  DG  C N7     1 
ATOM   561 C C5     . DG  C 1 4 ? 3.448   -2.002  -1.756  1.00 0.00 ?  18  DG  C C5     1 
ATOM   562 C C6     . DG  C 1 4 ? 2.377   -1.595  -0.901  1.00 0.00 ?  18  DG  C C6     1 
ATOM   563 O O6     . DG  C 1 4 ? 2.022   -0.426  -0.627  1.00 0.00 ?  18  DG  C O6     1 
ATOM   564 N N1     . DG  C 1 4 ? 1.764   -2.698  -0.336  1.00 0.00 ?  18  DG  C N1     1 
ATOM   565 C C2     . DG  C 1 4 ? 2.066   -3.999  -0.541  1.00 0.00 ?  18  DG  C C2     1 
ATOM   566 N N2     . DG  C 1 4 ? 1.173   -4.888  0.097   1.00 0.00 ?  18  DG  C N2     1 
ATOM   567 N N3     . DG  C 1 4 ? 3.085   -4.382  -1.349  1.00 0.00 ?  18  DG  C N3     1 
ATOM   568 C C4     . DG  C 1 4 ? 3.779   -3.381  -1.937  1.00 0.00 ?  18  DG  C C4     1 
ATOM   569 H "H5'"  . DG  C 1 4 ? 9.322   -5.959  -3.281  1.00 0.00 ?  18  DG  C "H5'"  1 
ATOM   570 H "H5''" . DG  C 1 4 ? 8.975   -6.609  -4.826  1.00 0.00 ?  18  DG  C "H5''" 1 
ATOM   571 H "H4'"  . DG  C 1 4 ? 7.099   -6.806  -3.332  1.00 0.00 ?  18  DG  C "H4'"  1 
ATOM   572 H "H3'"  . DG  C 1 4 ? 7.031   -5.884  -6.060  1.00 0.00 ?  18  DG  C "H3'"  1 
ATOM   573 H "H2'"  . DG  C 1 4 ? 6.053   -3.621  -5.299  1.00 0.00 ?  18  DG  C "H2'"  1 
ATOM   574 H "H2''" . DG  C 1 4 ? 4.696   -4.759  -5.549  1.00 0.00 ?  18  DG  C "H2''" 1 
ATOM   575 H "H1'"  . DG  C 1 4 ? 4.812   -5.447  -3.137  1.00 0.00 ?  18  DG  C "H1'"  1 
ATOM   576 H H8     . DG  C 1 4 ? 6.028   -1.923  -3.664  1.00 0.00 ?  18  DG  C H8     1 
ATOM   577 H H1     . DG  C 1 4 ? 1.085   -2.418  0.313   1.00 0.00 ?  18  DG  C H1     1 
ATOM   578 H H21    . DG  C 1 4 ? 0.304   -4.550  0.459   1.00 0.00 ?  18  DG  C H21    1 
ATOM   579 H H22    . DG  C 1 4 ? 1.431   -5.829  0.316   1.00 0.00 ?  18  DG  C H22    1 
ATOM   580 P P      . DG  C 1 5 ? 5.190   -7.609  -6.383  1.00 0.00 ?  19  DG  C P      1 
ATOM   581 O OP1    . DG  C 1 5 ? 6.497   -8.339  -6.847  1.00 0.00 ?  19  DG  C OP1    1 
ATOM   582 O OP2    . DG  C 1 5 ? 4.668   -6.572  -7.454  1.00 0.00 -1 19  DG  C OP2    1 
ATOM   583 O "O5'"  . DG  C 1 5 ? 4.162   -8.745  -6.286  1.00 0.00 ?  19  DG  C "O5'"  1 
ATOM   584 C "C5'"  . DG  C 1 5 ? 4.402   -9.730  -5.315  1.00 0.00 ?  19  DG  C "C5'"  1 
ATOM   585 C "C4'"  . DG  C 1 5 ? 3.106   -9.701  -4.550  1.00 0.00 ?  19  DG  C "C4'"  1 
ATOM   586 O "O4'"  . DG  C 1 5 ? 2.864   -8.356  -4.167  1.00 0.00 ?  19  DG  C "O4'"  1 
ATOM   587 C "C3'"  . DG  C 1 5 ? 1.869   -10.053 -5.368  1.00 0.00 ?  19  DG  C "C3'"  1 
ATOM   588 O "O3'"  . DG  C 1 5 ? 1.186   -11.100 -4.670  1.00 0.00 ?  19  DG  C "O3'"  1 
ATOM   589 C "C2'"  . DG  C 1 5 ? 0.993   -8.857  -5.454  1.00 0.00 ?  19  DG  C "C2'"  1 
ATOM   590 C "C1'"  . DG  C 1 5 ? 1.506   -8.004  -4.280  1.00 0.00 ?  19  DG  C "C1'"  1 
ATOM   591 N N9     . DG  C 1 5 ? 1.338   -6.527  -4.413  1.00 0.00 ?  19  DG  C N9     1 
ATOM   592 C C8     . DG  C 1 5 ? 2.124   -5.627  -5.016  1.00 0.00 ?  19  DG  C C8     1 
ATOM   593 N N7     . DG  C 1 5 ? 1.760   -4.334  -4.737  1.00 0.00 ?  19  DG  C N7     1 
ATOM   594 C C5     . DG  C 1 5 ? 0.691   -4.491  -3.847  1.00 0.00 ?  19  DG  C C5     1 
ATOM   595 C C6     . DG  C 1 5 ? -0.179  -3.539  -3.212  1.00 0.00 ?  19  DG  C C6     1 
ATOM   596 O O6     . DG  C 1 5 ? 0.048   -2.329  -3.184  1.00 0.00 ?  19  DG  C O6     1 
ATOM   597 N N1     . DG  C 1 5 ? -1.256  -4.074  -2.558  1.00 0.00 ?  19  DG  C N1     1 
ATOM   598 C C2     . DG  C 1 5 ? -1.473  -5.406  -2.466  1.00 0.00 ?  19  DG  C C2     1 
ATOM   599 N N2     . DG  C 1 5 ? -2.685  -5.823  -2.070  1.00 0.00 ?  19  DG  C N2     1 
ATOM   600 N N3     . DG  C 1 5 ? -0.689  -6.279  -2.998  1.00 0.00 ?  19  DG  C N3     1 
ATOM   601 C C4     . DG  C 1 5 ? 0.367   -5.819  -3.654  1.00 0.00 ?  19  DG  C C4     1 
ATOM   602 H "H5'"  . DG  C 1 5 ? 5.317   -9.533  -4.755  1.00 0.00 ?  19  DG  C "H5'"  1 
ATOM   603 H "H5''" . DG  C 1 5 ? 4.476   -10.699 -5.809  1.00 0.00 ?  19  DG  C "H5''" 1 
ATOM   604 H "H4'"  . DG  C 1 5 ? 3.157   -10.365 -3.688  1.00 0.00 ?  19  DG  C "H4'"  1 
ATOM   605 H "H3'"  . DG  C 1 5 ? 2.072   -10.431 -6.369  1.00 0.00 ?  19  DG  C "H3'"  1 
ATOM   606 H "H2'"  . DG  C 1 5 ? 1.151   -8.318  -6.389  1.00 0.00 ?  19  DG  C "H2'"  1 
ATOM   607 H "H2''" . DG  C 1 5 ? -0.084  -8.969  -5.332  1.00 0.00 ?  19  DG  C "H2''" 1 
ATOM   608 H "H1'"  . DG  C 1 5 ? 1.034   -8.287  -3.338  1.00 0.00 ?  19  DG  C "H1'"  1 
ATOM   609 H H8     . DG  C 1 5 ? 3.007   -5.980  -5.526  1.00 0.00 ?  19  DG  C H8     1 
ATOM   610 H H1     . DG  C 1 5 ? -1.916  -3.442  -2.205  1.00 0.00 ?  19  DG  C H1     1 
ATOM   611 H H21    . DG  C 1 5 ? -3.319  -5.354  -1.454  1.00 0.00 ?  19  DG  C H21    1 
ATOM   612 H H22    . DG  C 1 5 ? -3.152  -6.622  -2.448  1.00 0.00 ?  19  DG  C H22    1 
ATOM   613 P P      . DG  C 1 6 ? 0.155   -11.895 -5.505  1.00 0.00 ?  20  DG  C P      1 
ATOM   614 O OP1    . DG  C 1 6 ? 0.115   -13.369 -5.027  1.00 0.00 ?  20  DG  C OP1    1 
ATOM   615 O OP2    . DG  C 1 6 ? 0.507   -11.887 -7.015  1.00 0.00 -1 20  DG  C OP2    1 
ATOM   616 O "O5'"  . DG  C 1 6 ? -1.281  -11.326 -5.575  1.00 0.00 ?  20  DG  C "O5'"  1 
ATOM   617 C "C5'"  . DG  C 1 6 ? -2.115  -11.777 -4.545  1.00 0.00 ?  20  DG  C "C5'"  1 
ATOM   618 C "C4'"  . DG  C 1 6 ? -3.509  -11.072 -4.782  1.00 0.00 ?  20  DG  C "C4'"  1 
ATOM   619 O "O4'"  . DG  C 1 6 ? -3.300  -9.689  -4.912  1.00 0.00 ?  20  DG  C "O4'"  1 
ATOM   620 C "C3'"  . DG  C 1 6 ? -4.257  -11.553 -6.055  1.00 0.00 ?  20  DG  C "C3'"  1 
ATOM   621 O "O3'"  . DG  C 1 6 ? -5.682  -11.606 -5.919  1.00 0.00 ?  20  DG  C "O3'"  1 
ATOM   622 C "C2'"  . DG  C 1 6 ? -3.928  -10.409 -6.999  1.00 0.00 ?  20  DG  C "C2'"  1 
ATOM   623 C "C1'"  . DG  C 1 6 ? -4.024  -9.230  -6.037  1.00 0.00 ?  20  DG  C "C1'"  1 
ATOM   624 N N9     . DG  C 1 6 ? -3.517  -7.929  -6.444  1.00 0.00 ?  20  DG  C N9     1 
ATOM   625 C C8     . DG  C 1 6 ? -2.266  -7.571  -6.836  1.00 0.00 ?  20  DG  C C8     1 
ATOM   626 N N7     . DG  C 1 6 ? -2.105  -6.208  -6.792  1.00 0.00 ?  20  DG  C N7     1 
ATOM   627 C C5     . DG  C 1 6 ? -3.316  -5.626  -6.415  1.00 0.00 ?  20  DG  C C5     1 
ATOM   628 C C6     . DG  C 1 6 ? -3.817  -4.320  -6.299  1.00 0.00 ?  20  DG  C C6     1 
ATOM   629 O O6     . DG  C 1 6 ? -3.174  -3.301  -6.358  1.00 0.00 ?  20  DG  C O6     1 
ATOM   630 N N1     . DG  C 1 6 ? -5.158  -4.216  -6.058  1.00 0.00 ?  20  DG  C N1     1 
ATOM   631 C C2     . DG  C 1 6 ? -5.942  -5.214  -5.883  1.00 0.00 ?  20  DG  C C2     1 
ATOM   632 N N2     . DG  C 1 6 ? -7.237  -4.972  -5.709  1.00 0.00 ?  20  DG  C N2     1 
ATOM   633 N N3     . DG  C 1 6 ? -5.548  -6.478  -5.905  1.00 0.00 ?  20  DG  C N3     1 
ATOM   634 C C4     . DG  C 1 6 ? -4.232  -6.714  -6.187  1.00 0.00 ?  20  DG  C C4     1 
ATOM   635 H "H5'"  . DG  C 1 6 ? -1.653  -11.572 -3.579  1.00 0.00 ?  20  DG  C "H5'"  1 
ATOM   636 H "H5''" . DG  C 1 6 ? -2.263  -12.807 -4.873  1.00 0.00 ?  20  DG  C "H5''" 1 
ATOM   637 H "H4'"  . DG  C 1 6 ? -4.246  -11.344 -4.027  1.00 0.00 ?  20  DG  C "H4'"  1 
ATOM   638 H "H3'"  . DG  C 1 6 ? -3.815  -12.447 -6.493  1.00 0.00 ?  20  DG  C "H3'"  1 
ATOM   639 H "H2'"  . DG  C 1 6 ? -2.900  -10.442 -7.361  1.00 0.00 ?  20  DG  C "H2'"  1 
ATOM   640 H "H2''" . DG  C 1 6 ? -4.724  -10.193 -7.711  1.00 0.00 ?  20  DG  C "H2''" 1 
ATOM   641 H "H1'"  . DG  C 1 6 ? -5.052  -9.081  -5.710  1.00 0.00 ?  20  DG  C "H1'"  1 
ATOM   642 H H8     . DG  C 1 6 ? -1.616  -8.323  -7.260  1.00 0.00 ?  20  DG  C H8     1 
ATOM   643 H H1     . DG  C 1 6 ? -5.605  -3.359  -6.222  1.00 0.00 ?  20  DG  C H1     1 
ATOM   644 H H21    . DG  C 1 6 ? -7.710  -4.149  -6.019  1.00 0.00 ?  20  DG  C H21    1 
ATOM   645 H H22    . DG  C 1 6 ? -7.821  -5.586  -5.177  1.00 0.00 ?  20  DG  C H22    1 
ATOM   646 P P      . DT  C 1 7 ? -6.528  -12.325 -7.063  1.00 0.00 ?  21  DT  C P      1 
ATOM   647 O OP1    . DT  C 1 7 ? -7.021  -13.643 -6.423  1.00 0.00 ?  21  DT  C OP1    1 
ATOM   648 O OP2    . DT  C 1 7 ? -5.694  -12.700 -8.313  1.00 0.00 -1 21  DT  C OP2    1 
ATOM   649 O "O5'"  . DT  C 1 7 ? -7.816  -11.578 -7.559  1.00 0.00 ?  21  DT  C "O5'"  1 
ATOM   650 C "C5'"  . DT  C 1 7 ? -8.342  -10.442 -6.872  1.00 0.00 ?  21  DT  C "C5'"  1 
ATOM   651 C "C4'"  . DT  C 1 7 ? -7.867  -9.016  -7.546  1.00 0.00 ?  21  DT  C "C4'"  1 
ATOM   652 O "O4'"  . DT  C 1 7 ? -6.643  -9.124  -8.207  1.00 0.00 ?  21  DT  C "O4'"  1 
ATOM   653 C "C3'"  . DT  C 1 7 ? -8.776  -8.380  -8.586  1.00 0.00 ?  21  DT  C "C3'"  1 
ATOM   654 O "O3'"  . DT  C 1 7 ? -9.883  -7.704  -7.987  1.00 0.00 ?  21  DT  C "O3'"  1 
ATOM   655 C "C2'"  . DT  C 1 7 ? -7.781  -7.508  -9.410  1.00 0.00 ?  21  DT  C "C2'"  1 
ATOM   656 C "C1'"  . DT  C 1 7 ? -6.350  -8.100  -9.094  1.00 0.00 ?  21  DT  C "C1'"  1 
ATOM   657 N N1     . DT  C 1 7 ? -5.643  -8.877  -10.179 1.00 0.00 ?  21  DT  C N1     1 
ATOM   658 C C2     . DT  C 1 7 ? -4.321  -9.265  -10.137 1.00 0.00 ?  21  DT  C C2     1 
ATOM   659 O O2     . DT  C 1 7 ? -3.642  -8.770  -9.270  1.00 0.00 ?  21  DT  C O2     1 
ATOM   660 N N3     . DT  C 1 7 ? -3.812  -10.182 -11.041 1.00 0.00 ?  21  DT  C N3     1 
ATOM   661 C C4     . DT  C 1 7 ? -4.550  -10.711 -12.047 1.00 0.00 ?  21  DT  C C4     1 
ATOM   662 O O4     . DT  C 1 7 ? -4.079  -11.506 -12.861 1.00 0.00 ?  21  DT  C O4     1 
ATOM   663 C C5     . DT  C 1 7 ? -5.971  -10.240 -12.139 1.00 0.00 ?  21  DT  C C5     1 
ATOM   664 C C7     . DT  C 1 7 ? -6.875  -10.739 -13.236 1.00 0.00 ?  21  DT  C C7     1 
ATOM   665 C C6     . DT  C 1 7 ? -6.442  -9.324  -11.196 1.00 0.00 ?  21  DT  C C6     1 
ATOM   666 H "H5'"  . DT  C 1 7 ? -7.991  -10.515 -5.842  1.00 0.00 ?  21  DT  C "H5'"  1 
ATOM   667 H "H5''" . DT  C 1 7 ? -9.422  -10.586 -6.858  1.00 0.00 ?  21  DT  C "H5''" 1 
ATOM   668 H "H4'"  . DT  C 1 7 ? -7.751  -8.405  -6.651  1.00 0.00 ?  21  DT  C "H4'"  1 
ATOM   669 H "H3'"  . DT  C 1 7 ? -9.055  -9.188  -9.263  1.00 0.00 ?  21  DT  C "H3'"  1 
ATOM   670 H "HO3'" . DT  C 1 7 ? -10.433 -8.275  -7.467  1.00 0.00 ?  21  DT  C "HO3'" 1 
ATOM   671 H "H2'"  . DT  C 1 7 ? -8.115  -7.329  -10.432 1.00 0.00 ?  21  DT  C "H2'"  1 
ATOM   672 H "H2''" . DT  C 1 7 ? -7.698  -6.477  -9.063  1.00 0.00 ?  21  DT  C "H2''" 1 
ATOM   673 H "H1'"  . DT  C 1 7 ? -5.779  -7.270  -8.677  1.00 0.00 ?  21  DT  C "H1'"  1 
ATOM   674 H H3     . DT  C 1 7 ? -2.850  -10.453 -11.007 1.00 0.00 ?  21  DT  C H3     1 
ATOM   675 H H71    . DT  C 1 7 ? -6.827  -9.983  -14.019 1.00 0.00 ?  21  DT  C H71    1 
ATOM   676 H H72    . DT  C 1 7 ? -6.537  -11.663 -13.703 1.00 0.00 ?  21  DT  C H72    1 
ATOM   677 H H73    . DT  C 1 7 ? -7.897  -10.859 -12.877 1.00 0.00 ?  21  DT  C H73    1 
ATOM   678 H H6     . DT  C 1 7 ? -7.425  -9.012  -11.514 1.00 0.00 ?  21  DT  C H6     1 
ATOM   679 O "O5'"  . DT  D 1 1 ? 2.899   8.462   13.747  1.00 0.00 ?  22  DT  D "O5'"  1 
ATOM   680 C "C5'"  . DT  D 1 1 ? 2.426   8.879   12.430  1.00 0.00 ?  22  DT  D "C5'"  1 
ATOM   681 C "C4'"  . DT  D 1 1 ? 3.663   8.930   11.402  1.00 0.00 ?  22  DT  D "C4'"  1 
ATOM   682 O "O4'"  . DT  D 1 1 ? 4.573   7.907   11.660  1.00 0.00 ?  22  DT  D "O4'"  1 
ATOM   683 C "C3'"  . DT  D 1 1 ? 3.322   8.714   9.900   1.00 0.00 ?  22  DT  D "C3'"  1 
ATOM   684 O "O3'"  . DT  D 1 1 ? 3.640   9.930   9.351   1.00 0.00 ?  22  DT  D "O3'"  1 
ATOM   685 C "C2'"  . DT  D 1 1 ? 4.157   7.652   9.323   1.00 0.00 ?  22  DT  D "C2'"  1 
ATOM   686 C "C1'"  . DT  D 1 1 ? 5.188   7.495   10.416  1.00 0.00 ?  22  DT  D "C1'"  1 
ATOM   687 N N1     . DT  D 1 1 ? 5.692   6.131   10.595  1.00 0.00 ?  22  DT  D N1     1 
ATOM   688 C C2     . DT  D 1 1 ? 7.030   5.825   10.461  1.00 0.00 ?  22  DT  D C2     1 
ATOM   689 O O2     . DT  D 1 1 ? 7.808   6.686   10.023  1.00 0.00 ?  22  DT  D O2     1 
ATOM   690 N N3     . DT  D 1 1 ? 7.433   4.610   10.900  1.00 0.00 ?  22  DT  D N3     1 
ATOM   691 C C4     . DT  D 1 1 ? 6.649   3.691   11.413  1.00 0.00 ?  22  DT  D C4     1 
ATOM   692 O O4     . DT  D 1 1 ? 7.029   2.603   11.806  1.00 0.00 ?  22  DT  D O4     1 
ATOM   693 C C5     . DT  D 1 1 ? 5.250   4.047   11.534  1.00 0.00 ?  22  DT  D C5     1 
ATOM   694 C C7     . DT  D 1 1 ? 4.277   2.945   11.903  1.00 0.00 ?  22  DT  D C7     1 
ATOM   695 C C6     . DT  D 1 1 ? 4.861   5.315   11.067  1.00 0.00 ?  22  DT  D C6     1 
ATOM   696 H "H5'"  . DT  D 1 1 ? 1.967   9.844   12.641  1.00 0.00 ?  22  DT  D "H5'"  1 
ATOM   697 H "H5''" . DT  D 1 1 ? 1.619   8.232   12.084  1.00 0.00 ?  22  DT  D "H5''" 1 
ATOM   698 H "H4'"  . DT  D 1 1 ? 4.266   9.832   11.505  1.00 0.00 ?  22  DT  D "H4'"  1 
ATOM   699 H "H3'"  . DT  D 1 1 ? 2.286   8.381   9.827   1.00 0.00 ?  22  DT  D "H3'"  1 
ATOM   700 H "H2'"  . DT  D 1 1 ? 3.530   6.774   9.170   1.00 0.00 ?  22  DT  D "H2'"  1 
ATOM   701 H "H2''" . DT  D 1 1 ? 4.613   8.041   8.414   1.00 0.00 ?  22  DT  D "H2''" 1 
ATOM   702 H "H1'"  . DT  D 1 1 ? 5.977   8.200   10.154  1.00 0.00 ?  22  DT  D "H1'"  1 
ATOM   703 H H3     . DT  D 1 1 ? 8.425   4.487   10.919  1.00 0.00 ?  22  DT  D H3     1 
ATOM   704 H H71    . DT  D 1 1 ? 4.747   2.015   12.221  1.00 0.00 ?  22  DT  D H71    1 
ATOM   705 H H72    . DT  D 1 1 ? 3.637   3.323   12.700  1.00 0.00 ?  22  DT  D H72    1 
ATOM   706 H H73    . DT  D 1 1 ? 3.576   2.669   11.114  1.00 0.00 ?  22  DT  D H73    1 
ATOM   707 H H6     . DT  D 1 1 ? 3.837   5.558   10.826  1.00 0.00 ?  22  DT  D H6     1 
ATOM   708 H "HO5'" . DT  D 1 1 ? 3.194   7.565   13.669  1.00 0.00 ?  22  DT  D "HO5'" 1 
ATOM   709 P P      . DT  D 1 2 ? 2.627   11.119  9.370   1.00 0.00 ?  23  DT  D P      1 
ATOM   710 O OP1    . DT  D 1 2 ? 3.496   12.253  9.792   1.00 0.00 ?  23  DT  D OP1    1 
ATOM   711 O OP2    . DT  D 1 2 ? 1.541   10.882  10.397  1.00 0.00 -1 23  DT  D OP2    1 
ATOM   712 O "O5'"  . DT  D 1 2 ? 1.953   11.413  7.949   1.00 0.00 ?  23  DT  D "O5'"  1 
ATOM   713 C "C5'"  . DT  D 1 2 ? 2.760   11.932  6.904   1.00 0.00 ?  23  DT  D "C5'"  1 
ATOM   714 C "C4'"  . DT  D 1 2 ? 3.048   10.830  5.910   1.00 0.00 ?  23  DT  D "C4'"  1 
ATOM   715 O "O4'"  . DT  D 1 2 ? 3.205   9.576   6.599   1.00 0.00 ?  23  DT  D "O4'"  1 
ATOM   716 C "C3'"  . DT  D 1 2 ? 2.075   10.411  4.853   1.00 0.00 ?  23  DT  D "C3'"  1 
ATOM   717 O "O3'"  . DT  D 1 2 ? 2.072   11.316  3.738   1.00 0.00 ?  23  DT  D "O3'"  1 
ATOM   718 C "C2'"  . DT  D 1 2 ? 2.434   9.028   4.423   1.00 0.00 ?  23  DT  D "C2'"  1 
ATOM   719 C "C1'"  . DT  D 1 2 ? 2.950   8.428   5.741   1.00 0.00 ?  23  DT  D "C1'"  1 
ATOM   720 N N1     . DT  D 1 2 ? 1.860   7.616   6.416   1.00 0.00 ?  23  DT  D N1     1 
ATOM   721 C C2     . DT  D 1 2 ? 1.642   6.307   6.041   1.00 0.00 ?  23  DT  D C2     1 
ATOM   722 O O2     . DT  D 1 2 ? 2.451   5.794   5.188   1.00 0.00 ?  23  DT  D O2     1 
ATOM   723 N N3     . DT  D 1 2 ? 0.681   5.641   6.642   1.00 0.00 ?  23  DT  D N3     1 
ATOM   724 C C4     . DT  D 1 2 ? -0.153  6.086   7.613   1.00 0.00 ?  23  DT  D C4     1 
ATOM   725 O O4     . DT  D 1 2 ? -0.928  5.354   8.240   1.00 0.00 ?  23  DT  D O4     1 
ATOM   726 C C5     . DT  D 1 2 ? 0.084   7.452   7.989   1.00 0.00 ?  23  DT  D C5     1 
ATOM   727 C C7     . DT  D 1 2 ? -0.615  7.962   9.154   1.00 0.00 ?  23  DT  D C7     1 
ATOM   728 C C6     . DT  D 1 2 ? 1.085   8.208   7.361   1.00 0.00 ?  23  DT  D C6     1 
ATOM   729 H "H5'"  . DT  D 1 2 ? 3.678   12.394  7.264   1.00 0.00 ?  23  DT  D "H5'"  1 
ATOM   730 H "H5''" . DT  D 1 2 ? 2.343   12.776  6.355   1.00 0.00 ?  23  DT  D "H5''" 1 
ATOM   731 H "H4'"  . DT  D 1 2 ? 3.937   11.135  5.357   1.00 0.00 ?  23  DT  D "H4'"  1 
ATOM   732 H "H3'"  . DT  D 1 2 ? 1.064   10.439  5.259   1.00 0.00 ?  23  DT  D "H3'"  1 
ATOM   733 H "H2'"  . DT  D 1 2 ? 1.515   8.537   4.103   1.00 0.00 ?  23  DT  D "H2'"  1 
ATOM   734 H "H2''" . DT  D 1 2 ? 3.179   9.052   3.628   1.00 0.00 ?  23  DT  D "H2''" 1 
ATOM   735 H "H1'"  . DT  D 1 2 ? 3.870   7.888   5.517   1.00 0.00 ?  23  DT  D "H1'"  1 
ATOM   736 H H3     . DT  D 1 2 ? 0.500   4.673   6.472   1.00 0.00 ?  23  DT  D H3     1 
ATOM   737 H H71    . DT  D 1 2 ? -1.670  7.912   8.888   1.00 0.00 ?  23  DT  D H71    1 
ATOM   738 H H72    . DT  D 1 2 ? -0.502  7.336   10.040  1.00 0.00 ?  23  DT  D H72    1 
ATOM   739 H H73    . DT  D 1 2 ? -0.516  9.020   9.398   1.00 0.00 ?  23  DT  D H73    1 
ATOM   740 H H6     . DT  D 1 2 ? 1.180   9.259   7.588   1.00 0.00 ?  23  DT  D H6     1 
ATOM   741 P P      . DA  D 1 3 ? 0.804   12.140  3.436   1.00 0.00 ?  24  DA  D P      1 
ATOM   742 O OP1    . DA  D 1 3 ? 1.174   13.465  2.709   1.00 0.00 ?  24  DA  D OP1    1 
ATOM   743 O OP2    . DA  D 1 3 ? 0.111   12.402  4.783   1.00 0.00 -1 24  DA  D OP2    1 
ATOM   744 O "O5'"  . DA  D 1 3 ? -0.264  11.427  2.482   1.00 0.00 ?  24  DA  D "O5'"  1 
ATOM   745 C "C5'"  . DA  D 1 3 ? -0.037  11.603  1.078   1.00 0.00 ?  24  DA  D "C5'"  1 
ATOM   746 C "C4'"  . DA  D 1 3 ? 1.417   11.448  0.585   1.00 0.00 ?  24  DA  D "C4'"  1 
ATOM   747 O "O4'"  . DA  D 1 3 ? 1.870   10.292  1.331   1.00 0.00 ?  24  DA  D "O4'"  1 
ATOM   748 C "C3'"  . DA  D 1 3 ? 1.497   10.966  -0.895  1.00 0.00 ?  24  DA  D "C3'"  1 
ATOM   749 O "O3'"  . DA  D 1 3 ? 2.779   11.490  -1.328  1.00 0.00 ?  24  DA  D "O3'"  1 
ATOM   750 C "C2'"  . DA  D 1 3 ? 1.602   9.505   -0.750  1.00 0.00 ?  24  DA  D "C2'"  1 
ATOM   751 C "C1'"  . DA  D 1 3 ? 2.255   9.162   0.586   1.00 0.00 ?  24  DA  D "C1'"  1 
ATOM   752 N N9     . DA  D 1 3 ? 1.732   7.892   1.122   1.00 0.00 ?  24  DA  D N9     1 
ATOM   753 C C8     . DA  D 1 3 ? 0.519   7.609   1.654   1.00 0.00 ?  24  DA  D C8     1 
ATOM   754 N N7     . DA  D 1 3 ? 0.410   6.343   2.123   1.00 0.00 ?  24  DA  D N7     1 
ATOM   755 C C5     . DA  D 1 3 ? 1.639   5.743   1.890   1.00 0.00 ?  24  DA  D C5     1 
ATOM   756 C C6     . DA  D 1 3 ? 2.184   4.520   2.023   1.00 0.00 ?  24  DA  D C6     1 
ATOM   757 N N6     . DA  D 1 3 ? 1.518   3.498   2.479   1.00 0.00 ?  24  DA  D N6     1 
ATOM   758 N N1     . DA  D 1 3 ? 3.393   4.147   1.603   1.00 0.00 ?  24  DA  D N1     1 
ATOM   759 C C2     . DA  D 1 3 ? 4.136   5.104   0.995   1.00 0.00 ?  24  DA  D C2     1 
ATOM   760 N N3     . DA  D 1 3 ? 3.686   6.358   0.783   1.00 0.00 ?  24  DA  D N3     1 
ATOM   761 C C4     . DA  D 1 3 ? 2.461   6.714   1.227   1.00 0.00 ?  24  DA  D C4     1 
ATOM   762 H "H5'"  . DA  D 1 3 ? -0.310  12.647  0.927   1.00 0.00 ?  24  DA  D "H5'"  1 
ATOM   763 H "H5''" . DA  D 1 3 ? -0.648  10.839  0.598   1.00 0.00 ?  24  DA  D "H5''" 1 
ATOM   764 H "H4'"  . DA  D 1 3 ? 2.014   12.327  0.828   1.00 0.00 ?  24  DA  D "H4'"  1 
ATOM   765 H "H3'"  . DA  D 1 3 ? 0.726   11.281  -1.598  1.00 0.00 ?  24  DA  D "H3'"  1 
ATOM   766 H "H2'"  . DA  D 1 3 ? 0.650   8.986   -0.869  1.00 0.00 ?  24  DA  D "H2'"  1 
ATOM   767 H "H2''" . DA  D 1 3 ? 2.266   9.058   -1.491  1.00 0.00 ?  24  DA  D "H2''" 1 
ATOM   768 H "H1'"  . DA  D 1 3 ? 3.341   9.112   0.512   1.00 0.00 ?  24  DA  D "H1'"  1 
ATOM   769 H H8     . DA  D 1 3 ? -0.257  8.354   1.555   1.00 0.00 ?  24  DA  D H8     1 
ATOM   770 H H61    . DA  D 1 3 ? 1.838   2.595   2.194   1.00 0.00 ?  24  DA  D H61    1 
ATOM   771 H H62    . DA  D 1 3 ? 0.683   3.692   2.995   1.00 0.00 ?  24  DA  D H62    1 
ATOM   772 H H2     . DA  D 1 3 ? 5.150   4.844   0.732   1.00 0.00 ?  24  DA  D H2     1 
ATOM   773 P P      . DG  D 1 4 ? 2.927   11.952  -2.836  1.00 0.00 ?  25  DG  D P      1 
ATOM   774 O OP1    . DG  D 1 4 ? 4.190   12.855  -2.815  1.00 0.00 ?  25  DG  D OP1    1 
ATOM   775 O OP2    . DG  D 1 4 ? 1.667   12.789  -3.470  1.00 0.00 -1 25  DG  D OP2    1 
ATOM   776 O "O5'"  . DG  D 1 4 ? 3.320   10.686  -3.706  1.00 0.00 ?  25  DG  D "O5'"  1 
ATOM   777 C "C5'"  . DG  D 1 4 ? 4.668   10.189  -3.456  1.00 0.00 ?  25  DG  D "C5'"  1 
ATOM   778 C "C4'"  . DG  D 1 4 ? 4.657   8.687   -3.723  1.00 0.00 ?  25  DG  D "C4'"  1 
ATOM   779 O "O4'"  . DG  D 1 4 ? 3.880   7.983   -2.753  1.00 0.00 ?  25  DG  D "O4'"  1 
ATOM   780 C "C3'"  . DG  D 1 4 ? 4.121   8.232   -5.052  1.00 0.00 ?  25  DG  D "C3'"  1 
ATOM   781 O "O3'"  . DG  D 1 4 ? 5.294   7.924   -5.835  1.00 0.00 ?  25  DG  D "O3'"  1 
ATOM   782 C "C2'"  . DG  D 1 4 ? 3.469   6.875   -4.697  1.00 0.00 ?  25  DG  D "C2'"  1 
ATOM   783 C "C1'"  . DG  D 1 4 ? 3.652   6.666   -3.240  1.00 0.00 ?  25  DG  D "C1'"  1 
ATOM   784 N N9     . DG  D 1 4 ? 2.514   5.936   -2.627  1.00 0.00 ?  25  DG  D N9     1 
ATOM   785 C C8     . DG  D 1 4 ? 1.312   6.412   -2.285  1.00 0.00 ?  25  DG  D C8     1 
ATOM   786 N N7     . DG  D 1 4 ? 0.532   5.553   -1.589  1.00 0.00 ?  25  DG  D N7     1 
ATOM   787 C C5     . DG  D 1 4 ? 1.359   4.418   -1.487  1.00 0.00 ?  25  DG  D C5     1 
ATOM   788 C C6     . DG  D 1 4 ? 1.158   3.100   -0.958  1.00 0.00 ?  25  DG  D C6     1 
ATOM   789 O O6     . DG  D 1 4 ? 0.185   2.607   -0.434  1.00 0.00 ?  25  DG  D O6     1 
ATOM   790 N N1     . DG  D 1 4 ? 2.255   2.239   -1.179  1.00 0.00 ?  25  DG  D N1     1 
ATOM   791 C C2     . DG  D 1 4 ? 3.409   2.573   -1.788  1.00 0.00 ?  25  DG  D C2     1 
ATOM   792 N N2     . DG  D 1 4 ? 4.366   1.670   -1.827  1.00 0.00 ?  25  DG  D N2     1 
ATOM   793 N N3     . DG  D 1 4 ? 3.627   3.770   -2.308  1.00 0.00 ?  25  DG  D N3     1 
ATOM   794 C C4     . DG  D 1 4 ? 2.569   4.666   -2.152  1.00 0.00 ?  25  DG  D C4     1 
ATOM   795 H "H5'"  . DG  D 1 4 ? 4.958   10.459  -2.441  1.00 0.00 ?  25  DG  D "H5'"  1 
ATOM   796 H "H5''" . DG  D 1 4 ? 5.357   10.718  -4.114  1.00 0.00 ?  25  DG  D "H5''" 1 
ATOM   797 H "H4'"  . DG  D 1 4 ? 5.689   8.379   -3.556  1.00 0.00 ?  25  DG  D "H4'"  1 
ATOM   798 H "H3'"  . DG  D 1 4 ? 3.566   8.982   -5.616  1.00 0.00 ?  25  DG  D "H3'"  1 
ATOM   799 H "H2'"  . DG  D 1 4 ? 2.406   6.905   -4.935  1.00 0.00 ?  25  DG  D "H2'"  1 
ATOM   800 H "H2''" . DG  D 1 4 ? 3.880   6.001   -5.202  1.00 0.00 ?  25  DG  D "H2''" 1 
ATOM   801 H "H1'"  . DG  D 1 4 ? 4.501   5.987   -3.160  1.00 0.00 ?  25  DG  D "H1'"  1 
ATOM   802 H H8     . DG  D 1 4 ? 0.899   7.377   -2.543  1.00 0.00 ?  25  DG  D H8     1 
ATOM   803 H H1     . DG  D 1 4 ? 2.171   1.281   -0.992  1.00 0.00 ?  25  DG  D H1     1 
ATOM   804 H H21    . DG  D 1 4 ? 4.173   0.693   -1.916  1.00 0.00 ?  25  DG  D H21    1 
ATOM   805 H H22    . DG  D 1 4 ? 5.308   2.009   -1.846  1.00 0.00 ?  25  DG  D H22    1 
ATOM   806 P P      . DG  D 1 5 ? 5.047   7.307   -7.247  1.00 0.00 ?  26  DG  D P      1 
ATOM   807 O OP1    . DG  D 1 5 ? 5.911   8.034   -8.307  1.00 0.00 ?  26  DG  D OP1    1 
ATOM   808 O OP2    . DG  D 1 5 ? 3.541   7.472   -7.507  1.00 0.00 -1 26  DG  D OP2    1 
ATOM   809 O "O5'"  . DG  D 1 5 ? 5.359   5.802   -7.240  1.00 0.00 ?  26  DG  D "O5'"  1 
ATOM   810 C "C5'"  . DG  D 1 5 ? 6.348   5.236   -8.003  1.00 0.00 ?  26  DG  D "C5'"  1 
ATOM   811 C "C4'"  . DG  D 1 5 ? 6.049   3.772   -8.284  1.00 0.00 ?  26  DG  D "C4'"  1 
ATOM   812 O "O4'"  . DG  D 1 5 ? 5.228   3.304   -7.200  1.00 0.00 ?  26  DG  D "O4'"  1 
ATOM   813 C "C3'"  . DG  D 1 5 ? 5.073   3.523   -9.471  1.00 0.00 ?  26  DG  D "C3'"  1 
ATOM   814 O "O3'"  . DG  D 1 5 ? 5.246   2.277   -10.171 1.00 0.00 ?  26  DG  D "O3'"  1 
ATOM   815 C "C2'"  . DG  D 1 5 ? 3.765   3.541   -8.845  1.00 0.00 ?  26  DG  D "C2'"  1 
ATOM   816 C "C1'"  . DG  D 1 5 ? 4.033   2.704   -7.567  1.00 0.00 ?  26  DG  D "C1'"  1 
ATOM   817 N N9     . DG  D 1 5 ? 3.014   2.790   -6.543  1.00 0.00 ?  26  DG  D N9     1 
ATOM   818 C C8     . DG  D 1 5 ? 2.201   3.804   -6.234  1.00 0.00 ?  26  DG  D C8     1 
ATOM   819 N N7     . DG  D 1 5 ? 1.303   3.440   -5.297  1.00 0.00 ?  26  DG  D N7     1 
ATOM   820 C C5     . DG  D 1 5 ? 1.487   2.175   -5.011  1.00 0.00 ?  26  DG  D C5     1 
ATOM   821 C C6     . DG  D 1 5 ? 0.775   1.256   -4.196  1.00 0.00 ?  26  DG  D C6     1 
ATOM   822 O O6     . DG  D 1 5 ? 0.058   1.506   -3.250  1.00 0.00 ?  26  DG  D O6     1 
ATOM   823 N N1     . DG  D 1 5 ? 1.295   -0.033  -4.304  1.00 0.00 ?  26  DG  D N1     1 
ATOM   824 C C2     . DG  D 1 5 ? 2.332   -0.385  -5.059  1.00 0.00 ?  26  DG  D C2     1 
ATOM   825 N N2     . DG  D 1 5 ? 2.639   -1.727  -5.130  1.00 0.00 ?  26  DG  D N2     1 
ATOM   826 N N3     . DG  D 1 5 ? 2.970   0.481   -5.804  1.00 0.00 ?  26  DG  D N3     1 
ATOM   827 C C4     . DG  D 1 5 ? 2.554   1.715   -5.770  1.00 0.00 ?  26  DG  D C4     1 
ATOM   828 H "H5'"  . DG  D 1 5 ? 7.220   5.236   -7.349  1.00 0.00 ?  26  DG  D "H5'"  1 
ATOM   829 H "H5''" . DG  D 1 5 ? 6.597   5.848   -8.870  1.00 0.00 ?  26  DG  D "H5''" 1 
ATOM   830 H "H4'"  . DG  D 1 5 ? 6.921   3.134   -8.423  1.00 0.00 ?  26  DG  D "H4'"  1 
ATOM   831 H "H3'"  . DG  D 1 5 ? 5.291   4.270   -10.234 1.00 0.00 ?  26  DG  D "H3'"  1 
ATOM   832 H "H2'"  . DG  D 1 5 ? 3.551   4.540   -8.465  1.00 0.00 ?  26  DG  D "H2'"  1 
ATOM   833 H "H2''" . DG  D 1 5 ? 3.011   3.234   -9.571  1.00 0.00 ?  26  DG  D "H2''" 1 
ATOM   834 H "H1'"  . DG  D 1 5 ? 4.369   1.697   -7.819  1.00 0.00 ?  26  DG  D "H1'"  1 
ATOM   835 H H8     . DG  D 1 5 ? 2.162   4.770   -6.717  1.00 0.00 ?  26  DG  D H8     1 
ATOM   836 H H1     . DG  D 1 5 ? 0.763   -0.675  -3.788  1.00 0.00 ?  26  DG  D H1     1 
ATOM   837 H H21    . DG  D 1 5 ? 2.099   -2.432  -4.670  1.00 0.00 ?  26  DG  D H21    1 
ATOM   838 H H22    . DG  D 1 5 ? 3.405   -2.086  -5.662  1.00 0.00 ?  26  DG  D H22    1 
ATOM   839 P P      . DG  D 1 6 ? 4.990   2.056   -11.675 1.00 0.00 ?  27  DG  D P      1 
ATOM   840 O OP1    . DG  D 1 6 ? 6.126   1.165   -12.202 1.00 0.00 ?  27  DG  D OP1    1 
ATOM   841 O OP2    . DG  D 1 6 ? 5.000   3.448   -12.362 1.00 0.00 -1 27  DG  D OP2    1 
ATOM   842 O "O5'"  . DG  D 1 6 ? 3.614   1.447   -11.987 1.00 0.00 ?  27  DG  D "O5'"  1 
ATOM   843 C "C5'"  . DG  D 1 6 ? 3.569   0.240   -12.748 1.00 0.00 ?  27  DG  D "C5'"  1 
ATOM   844 C "C4'"  . DG  D 1 6 ? 3.714   -0.962  -11.791 1.00 0.00 ?  27  DG  D "C4'"  1 
ATOM   845 O "O4'"  . DG  D 1 6 ? 3.702   -0.460  -10.525 1.00 0.00 ?  27  DG  D "O4'"  1 
ATOM   846 C "C3'"  . DG  D 1 6 ? 2.502   -1.942  -11.868 1.00 0.00 ?  27  DG  D "C3'"  1 
ATOM   847 O "O3'"  . DG  D 1 6 ? 2.849   -3.045  -12.758 1.00 0.00 ?  27  DG  D "O3'"  1 
ATOM   848 C "C2'"  . DG  D 1 6 ? 2.408   -2.444  -10.506 1.00 0.00 ?  27  DG  D "C2'"  1 
ATOM   849 C "C1'"  . DG  D 1 6 ? 2.941   -1.314  -9.665  1.00 0.00 ?  27  DG  D "C1'"  1 
ATOM   850 N N9     . DG  D 1 6 ? 1.886   -0.504  -9.057  1.00 0.00 ?  27  DG  D N9     1 
ATOM   851 C C8     . DG  D 1 6 ? 1.577   0.776   -9.119  1.00 0.00 ?  27  DG  D C8     1 
ATOM   852 N N7     . DG  D 1 6 ? 0.518   1.124   -8.304  1.00 0.00 ?  27  DG  D N7     1 
ATOM   853 C C5     . DG  D 1 6 ? 0.075   -0.069  -7.717  1.00 0.00 ?  27  DG  D C5     1 
ATOM   854 C C6     . DG  D 1 6 ? -0.995  -0.403  -6.802  1.00 0.00 ?  27  DG  D C6     1 
ATOM   855 O O6     . DG  D 1 6 ? -1.907  0.326   -6.451  1.00 0.00 ?  27  DG  D O6     1 
ATOM   856 N N1     . DG  D 1 6 ? -1.045  -1.743  -6.504  1.00 0.00 ?  27  DG  D N1     1 
ATOM   857 C C2     . DG  D 1 6 ? -0.169  -2.655  -7.029  1.00 0.00 ?  27  DG  D C2     1 
ATOM   858 N N2     . DG  D 1 6 ? -0.341  -3.967  -6.836  1.00 0.00 ?  27  DG  D N2     1 
ATOM   859 N N3     . DG  D 1 6 ? 0.864   -2.337  -7.862  1.00 0.00 ?  27  DG  D N3     1 
ATOM   860 C C4     . DG  D 1 6 ? 0.974   -1.065  -8.169  1.00 0.00 ?  27  DG  D C4     1 
ATOM   861 H "H5'"  . DG  D 1 6 ? 4.291   0.175   -13.561 1.00 0.00 ?  27  DG  D "H5'"  1 
ATOM   862 H "H5''" . DG  D 1 6 ? 2.579   0.197   -13.206 1.00 0.00 ?  27  DG  D "H5''" 1 
ATOM   863 H "H4'"  . DG  D 1 6 ? 4.668   -1.449  -11.998 1.00 0.00 ?  27  DG  D "H4'"  1 
ATOM   864 H "H3'"  . DG  D 1 6 ? 1.630   -1.419  -12.260 1.00 0.00 ?  27  DG  D "H3'"  1 
ATOM   865 H "H2'"  . DG  D 1 6 ? 1.338   -2.579  -10.349 1.00 0.00 ?  27  DG  D "H2'"  1 
ATOM   866 H "H2''" . DG  D 1 6 ? 2.812   -3.428  -10.271 1.00 0.00 ?  27  DG  D "H2''" 1 
ATOM   867 H "H1'"  . DG  D 1 6 ? 3.606   -1.736  -8.912  1.00 0.00 ?  27  DG  D "H1'"  1 
ATOM   868 H H8     . DG  D 1 6 ? 2.173   1.515   -9.633  1.00 0.00 ?  27  DG  D H8     1 
ATOM   869 H H1     . DG  D 1 6 ? -1.870  -2.048  -6.070  1.00 0.00 ?  27  DG  D H1     1 
ATOM   870 H H21    . DG  D 1 6 ? -1.243  -4.351  -6.640  1.00 0.00 ?  27  DG  D H21    1 
ATOM   871 H H22    . DG  D 1 6 ? 0.480   -4.536  -6.890  1.00 0.00 ?  27  DG  D H22    1 
ATOM   872 P P      . DT  D 1 7 ? 2.363   -3.003  -14.172 1.00 0.00 ?  28  DT  D P      1 
ATOM   873 O OP1    . DT  D 1 7 ? 3.338   -3.858  -14.929 1.00 0.00 ?  28  DT  D OP1    1 
ATOM   874 O OP2    . DT  D 1 7 ? 2.327   -1.560  -14.710 1.00 0.00 -1 28  DT  D OP2    1 
ATOM   875 O "O5'"  . DT  D 1 7 ? 0.989   -3.604  -14.554 1.00 0.00 ?  28  DT  D "O5'"  1 
ATOM   876 C "C5'"  . DT  D 1 7 ? 0.384   -4.398  -13.567 1.00 0.00 ?  28  DT  D "C5'"  1 
ATOM   877 C "C4'"  . DT  D 1 7 ? -1.024  -4.009  -13.343 1.00 0.00 ?  28  DT  D "C4'"  1 
ATOM   878 O "O4'"  . DT  D 1 7 ? -1.292  -2.620  -13.302 1.00 0.00 ?  28  DT  D "O4'"  1 
ATOM   879 C "C3'"  . DT  D 1 7 ? -1.896  -4.464  -14.478 1.00 0.00 ?  28  DT  D "C3'"  1 
ATOM   880 O "O3'"  . DT  D 1 7 ? -2.358  -5.828  -14.271 1.00 0.00 ?  28  DT  D "O3'"  1 
ATOM   881 C "C2'"  . DT  D 1 7 ? -2.961  -3.347  -14.688 1.00 0.00 ?  28  DT  D "C2'"  1 
ATOM   882 C "C1'"  . DT  D 1 7 ? -2.636  -2.345  -13.570 1.00 0.00 ?  28  DT  D "C1'"  1 
ATOM   883 N N1     . DT  D 1 7 ? -2.932  -0.924  -13.843 1.00 0.00 ?  28  DT  D N1     1 
ATOM   884 C C2     . DT  D 1 7 ? -4.258  -0.511  -13.985 1.00 0.00 ?  28  DT  D C2     1 
ATOM   885 O O2     . DT  D 1 7 ? -5.155  -1.284  -13.667 1.00 0.00 ?  28  DT  D O2     1 
ATOM   886 N N3     . DT  D 1 7 ? -4.500  0.698   -14.401 1.00 0.00 ?  28  DT  D N3     1 
ATOM   887 C C4     . DT  D 1 7 ? -3.505  1.621   -14.726 1.00 0.00 ?  28  DT  D C4     1 
ATOM   888 O O4     . DT  D 1 7 ? -3.855  2.711   -15.134 1.00 0.00 ?  28  DT  D O4     1 
ATOM   889 C C5     . DT  D 1 7 ? -2.145  1.125   -14.596 1.00 0.00 ?  28  DT  D C5     1 
ATOM   890 C C7     . DT  D 1 7 ? -1.031  2.083   -14.841 1.00 0.00 ?  28  DT  D C7     1 
ATOM   891 C C6     . DT  D 1 7 ? -1.887  -0.134  -14.175 1.00 0.00 ?  28  DT  D C6     1 
ATOM   892 H "H5'"  . DT  D 1 7 ? 0.931   -4.356  -12.626 1.00 0.00 ?  28  DT  D "H5'"  1 
ATOM   893 H "H5''" . DT  D 1 7 ? 0.504   -5.459  -13.786 1.00 0.00 ?  28  DT  D "H5''" 1 
ATOM   894 H "H4'"  . DT  D 1 7 ? -1.296  -4.448  -12.383 1.00 0.00 ?  28  DT  D "H4'"  1 
ATOM   895 H "H3'"  . DT  D 1 7 ? -1.269  -4.478  -15.370 1.00 0.00 ?  28  DT  D "H3'"  1 
ATOM   896 H "HO3'" . DT  D 1 7 ? -2.988  -5.867  -13.564 1.00 0.00 ?  28  DT  D "HO3'" 1 
ATOM   897 H "H2'"  . DT  D 1 7 ? -2.796  -2.955  -15.691 1.00 0.00 ?  28  DT  D "H2'"  1 
ATOM   898 H "H2''" . DT  D 1 7 ? -3.943  -3.810  -14.598 1.00 0.00 ?  28  DT  D "H2''" 1 
ATOM   899 H "H1'"  . DT  D 1 7 ? -3.184  -2.595  -12.662 1.00 0.00 ?  28  DT  D "H1'"  1 
ATOM   900 H H3     . DT  D 1 7 ? -5.451  0.992   -14.492 1.00 0.00 ?  28  DT  D H3     1 
ATOM   901 H H71    . DT  D 1 7 ? -0.767  2.049   -15.899 1.00 0.00 ?  28  DT  D H71    1 
ATOM   902 H H72    . DT  D 1 7 ? -1.286  3.100   -14.540 1.00 0.00 ?  28  DT  D H72    1 
ATOM   903 H H73    . DT  D 1 7 ? -0.183  1.745   -14.246 1.00 0.00 ?  28  DT  D H73    1 
ATOM   904 H H6     . DT  D 1 7 ? -0.858  -0.461  -14.173 1.00 0.00 ?  28  DT  D H6     1 
HETATM 905 C C1     . QUE E 2 . ? 7.191   6.872   5.142   1.00 0.00 ?  101 QUE C C1     1 
HETATM 906 C C2     . QUE E 2 . ? 7.888   5.725   5.012   1.00 0.00 ?  101 QUE C C2     1 
HETATM 907 C C3     . QUE E 2 . ? 7.719   4.660   5.941   1.00 0.00 ?  101 QUE C C3     1 
HETATM 908 C C4     . QUE E 2 . ? 6.703   4.626   6.898   1.00 0.00 ?  101 QUE C C4     1 
HETATM 909 C C5     . QUE E 2 . ? 6.159   5.858   7.125   1.00 0.00 ?  101 QUE C C5     1 
HETATM 910 C C6     . QUE E 2 . ? 6.391   6.993   6.252   1.00 0.00 ?  101 QUE C C6     1 
HETATM 911 C C9     . QUE E 2 . ? 8.629   3.505   5.878   1.00 0.00 ?  101 QUE C C9     1 
HETATM 912 C C10    . QUE E 2 . ? 8.211   2.293   6.575   1.00 0.00 ?  101 QUE C C10    1 
HETATM 913 C C11    . QUE E 2 . ? 7.044   2.315   7.360   1.00 0.00 ?  101 QUE C C11    1 
HETATM 914 C C14    . QUE E 2 . ? 6.496   1.067   7.971   1.00 0.00 ?  101 QUE C C14    1 
HETATM 915 C C15    . QUE E 2 . ? 5.664   1.234   9.101   1.00 0.00 ?  101 QUE C C15    1 
HETATM 916 C C16    . QUE E 2 . ? 5.107   0.136   9.683   1.00 0.00 ?  101 QUE C C16    1 
HETATM 917 C C17    . QUE E 2 . ? 5.455   -1.128  9.347   1.00 0.00 ?  101 QUE C C17    1 
HETATM 918 C C18    . QUE E 2 . ? 6.325   -1.318  8.326   1.00 0.00 ?  101 QUE C C18    1 
HETATM 919 C C19    . QUE E 2 . ? 6.863   -0.262  7.608   1.00 0.00 ?  101 QUE C C19    1 
HETATM 920 O O12    . QUE E 2 . ? 6.359   3.466   7.628   1.00 0.00 ?  101 QUE C O12    1 
HETATM 921 O O13    . QUE E 2 . ? 9.681   3.462   5.269   1.00 0.00 ?  101 QUE C O13    1 
HETATM 922 O O23    . QUE E 2 . ? 6.736   -2.643  8.274   1.00 0.00 ?  101 QUE C O23    1 
HETATM 923 O O24    . QUE E 2 . ? 5.064   -2.242  10.079  1.00 0.00 ?  101 QUE C O24    1 
HETATM 924 O O27    . QUE E 2 . ? 9.061   1.219   6.391   1.00 0.00 ?  101 QUE C O27    1 
HETATM 925 O O29    . QUE E 2 . ? 5.911   8.206   6.536   1.00 0.00 ?  101 QUE C O29    1 
HETATM 926 O O30    . QUE E 2 . ? 8.612   5.480   3.861   1.00 0.00 ?  101 QUE C O30    1 
HETATM 927 H H1     . QUE E 2 . ? 7.183   7.635   4.379   1.00 0.00 ?  101 QUE C H1     1 
HETATM 928 H H5     . QUE E 2 . ? 5.435   5.972   7.917   1.00 0.00 ?  101 QUE C H5     1 
HETATM 929 H H15    . QUE E 2 . ? 5.509   2.230   9.489   1.00 0.00 ?  101 QUE C H15    1 
HETATM 930 H H16    . QUE E 2 . ? 4.448   0.242   10.532  1.00 0.00 ?  101 QUE C H16    1 
HETATM 931 H H19    . QUE E 2 . ? 7.545   -0.439  6.789   1.00 0.00 ?  101 QUE C H19    1 
HETATM 932 H HO3    . QUE E 2 . ? 7.575   -2.728  7.843   1.00 0.00 ?  101 QUE C HO3    1 
HETATM 933 H HO4    . QUE E 2 . ? 5.569   -2.920  9.650   1.00 0.00 ?  101 QUE C HO4    1 
HETATM 934 H HO7    . QUE E 2 . ? 9.843   1.537   5.961   1.00 0.00 ?  101 QUE C HO7    1 
HETATM 935 H HO9    . QUE E 2 . ? 6.593   8.846   6.688   1.00 0.00 ?  101 QUE C HO9    1 
HETATM 936 H HO0    . QUE E 2 . ? 8.989   6.258   3.472   1.00 0.00 ?  101 QUE C HO0    1 
HETATM 937 C C1     . QUE F 2 . ? -1.762  0.790   -10.595 1.00 0.00 ?  101 QUE D C1     1 
HETATM 938 C C2     . QUE F 2 . ? -2.857  0.582   -9.733  1.00 0.00 ?  101 QUE D C2     1 
HETATM 939 C C3     . QUE F 2 . ? -3.167  -0.776  -9.389  1.00 0.00 ?  101 QUE D C3     1 
HETATM 940 C C4     . QUE F 2 . ? -2.324  -1.781  -9.843  1.00 0.00 ?  101 QUE D C4     1 
HETATM 941 C C5     . QUE F 2 . ? -1.213  -1.508  -10.599 1.00 0.00 ?  101 QUE D C5     1 
HETATM 942 C C6     . QUE F 2 . ? -0.910  -0.243  -10.980 1.00 0.00 ?  101 QUE D C6     1 
HETATM 943 C C9     . QUE F 2 . ? -4.437  -1.125  -8.828  1.00 0.00 ?  101 QUE D C9     1 
HETATM 944 C C10    . QUE F 2 . ? -4.866  -2.512  -8.835  1.00 0.00 ?  101 QUE D C10    1 
HETATM 945 C C11    . QUE F 2 . ? -4.021  -3.428  -9.369  1.00 0.00 ?  101 QUE D C11    1 
HETATM 946 C C14    . QUE F 2 . ? -4.467  -4.750  -9.718  1.00 0.00 ?  101 QUE D C14    1 
HETATM 947 C C15    . QUE F 2 . ? -5.733  -4.873  -10.148 1.00 0.00 ?  101 QUE D C15    1 
HETATM 948 C C16    . QUE F 2 . ? -5.980  -5.565  -11.329 1.00 0.00 ?  101 QUE D C16    1 
HETATM 949 C C17    . QUE F 2 . ? -4.929  -6.182  -12.006 1.00 0.00 ?  101 QUE D C17    1 
HETATM 950 C C18    . QUE F 2 . ? -3.695  -6.252  -11.386 1.00 0.00 ?  101 QUE D C18    1 
HETATM 951 C C19    . QUE F 2 . ? -3.451  -5.562  -10.195 1.00 0.00 ?  101 QUE D C19    1 
HETATM 952 O O12    . QUE F 2 . ? -2.744  -3.117  -9.744  1.00 0.00 ?  101 QUE D O12    1 
HETATM 953 O O13    . QUE F 2 . ? -5.206  -0.289  -8.414  1.00 0.00 ?  101 QUE D O13    1 
HETATM 954 O O23    . QUE F 2 . ? -2.718  -7.010  -12.031 1.00 0.00 ?  101 QUE D O23    1 
HETATM 955 O O24    . QUE F 2 . ? -5.124  -6.799  -13.229 1.00 0.00 ?  101 QUE D O24    1 
HETATM 956 O O27    . QUE F 2 . ? -6.088  -2.843  -8.243  1.00 0.00 ?  101 QUE D O27    1 
HETATM 957 O O29    . QUE F 2 . ? 0.163   0.141   -11.810 1.00 0.00 ?  101 QUE D O29    1 
HETATM 958 O O30    . QUE F 2 . ? -3.649  1.532   -9.215  1.00 0.00 ?  101 QUE D O30    1 
HETATM 959 H H1     . QUE F 2 . ? -1.417  1.776   -10.867 1.00 0.00 ?  101 QUE D H1     1 
HETATM 960 H H5     . QUE F 2 . ? -0.651  -2.317  -11.042 1.00 0.00 ?  101 QUE D H5     1 
HETATM 961 H H15    . QUE F 2 . ? -6.542  -4.503  -9.536  1.00 0.00 ?  101 QUE D H15    1 
HETATM 962 H H16    . QUE F 2 . ? -6.987  -5.590  -11.719 1.00 0.00 ?  101 QUE D H16    1 
HETATM 963 H H19    . QUE F 2 . ? -2.500  -5.692  -9.699  1.00 0.00 ?  101 QUE D H19    1 
HETATM 964 H HO3    . QUE F 2 . ? -1.940  -7.187  -11.519 1.00 0.00 ?  101 QUE D HO3    1 
HETATM 965 H HO4    . QUE F 2 . ? -6.059  -6.781  -13.383 1.00 0.00 ?  101 QUE D HO4    1 
HETATM 966 H HO7    . QUE F 2 . ? -6.443  -1.981  -8.072  1.00 0.00 ?  101 QUE D HO7    1 
HETATM 967 H HO9    . QUE F 2 . ? 0.667   0.820   -11.382 1.00 0.00 ?  101 QUE D HO9    1 
HETATM 968 H HO0    . QUE F 2 . ? -4.475  1.185   -8.905  1.00 0.00 ?  101 QUE D HO0    1 
# 
